data_7PH3
#
_entry.id   7PH3
#
_cell.length_a   1.00
_cell.length_b   1.00
_cell.length_c   1.00
_cell.angle_alpha   90.00
_cell.angle_beta   90.00
_cell.angle_gamma   90.00
#
_symmetry.space_group_name_H-M   'P 1'
#
loop_
_entity.id
_entity.type
_entity.pdbx_description
1 polymer 'ATP-dependent lipid A-core flippase'
2 polymer 'Nanobody Nb_MsbA#1'
3 non-polymer 'PHOSPHOAMINOPHOSPHONIC ACID-ADENYLATE ESTER'
4 non-polymer 'MAGNESIUM ION'
5 non-polymer DODECYL-BETA-D-MALTOSIDE
6 non-polymer 1,2-Distearoyl-sn-glycerophosphoethanolamine
7 non-polymer (1~{R},4~{R},11~{S},14~{S},19~{Z})-19-[2-[2,5-bis(oxidanylidene)pyrrolidin-1-yl]ethylimino]-7,8,17,18-tetraoxa-1,4,11,14-tetrazatricyclo[12.6.2.2^{4,11}]tetracosane-6,9,16-trione
8 non-polymer 'GADOLINIUM ATOM'
9 water water
#
loop_
_entity_poly.entity_id
_entity_poly.type
_entity_poly.pdbx_seq_one_letter_code
_entity_poly.pdbx_strand_id
1 'polypeptide(L)'
;GPDEAEKLFNQMHNDKDLSTWQTFRRLWPTIAPFKAGLIVAGVALILNAASDTFMLSLLKPLLDDGFGKTDRSVLVWMPL
VVIGLMILRGITSYVSSYCISWVSGKVVMTMRRRLFGHMMGMPVSFFDKQSTGTLLSRITYDSEQVASSSSGALITVVRE
GASIIGLFIMMFYYSWQLSIILIVLAPIVSIAIRVVSKRFRNISKNMQNTMGQVTTSAEQMLKGHKEVLIFGGQEVETKR
FDKVSNRMRLQGMKMVSASSISDPIIQLIASLALAFVLYAASFPSVMDSLTAGTITVVFSSMIALMRPLKSLTNVNAQFQ
RGMAACQTLFTILDSEQEKDEGKRVIERATGDVEFRNVTFTYPGRDVPALRNINLKIPAGKTVALVGRSGSGKSTIASLI
TRFYDIDEGEILMDGHDLREYTLASLRNQVALVSQNVHLFNDTVANNIAYARTEQYSREQIEEAARMAYAMDFINKMDNG
LDTVIGENGVLLSGGQRQRIAIARALLRDSPILILDEATSALDTESERAIQAALDELQKNRTSLVIAHRLSTIEKADEIV
VVEDGVIVERGTHNDLLEHRGVYAQLHKMQFGQ
;
A,B
2 'polypeptide(L)'
;GPSQMQLVESGGGLVQAGGSLRLSCAVSGSIFSIITLAWYRQAPGKPRENVATITRGSRTSYCDSVKGRFTISKDNAKST
VYLQMNKLKPEDTADYYCNAEGPAGYWGQGTPVTVSA
;
C,D
#
loop_
_chem_comp.id
_chem_comp.type
_chem_comp.name
_chem_comp.formula
3PE non-polymer 1,2-Distearoyl-sn-glycerophosphoethanolamine 'C41 H82 N O8 P'
88T non-polymer (1~{R},4~{R},11~{S},14~{S},19~{Z})-19-[2-[2,5-bis(oxidanylidene)pyrrolidin-1-yl]ethylimino]-7,8,17,18-tetraoxa-1,4,11,14-tetrazatricyclo[12.6.2.2^{4,11}]tetracosane-6,9,16-trione 'C22 H32 N6 O9'
ANP non-polymer 'PHOSPHOAMINOPHOSPHONIC ACID-ADENYLATE ESTER' 'C10 H17 N6 O12 P3'
GD non-polymer 'GADOLINIUM ATOM' Gd
LMT D-saccharide DODECYL-BETA-D-MALTOSIDE 'C24 H46 O11'
MG non-polymer 'MAGNESIUM ION' 'Mg 2'
#
# COMPACT_ATOMS: atom_id res chain seq x y z
N ASN A 14 15.04 4.11 -18.19
CA ASN A 14 14.52 5.28 -18.94
C ASN A 14 14.07 4.91 -20.36
N ASP A 15 13.11 5.66 -20.90
CA ASP A 15 12.52 5.32 -22.21
C ASP A 15 12.73 6.45 -23.20
N LYS A 16 13.46 6.20 -24.30
CA LYS A 16 13.55 7.17 -25.41
C LYS A 16 12.38 6.87 -26.30
N ASP A 17 11.65 7.88 -26.71
CA ASP A 17 10.58 7.72 -27.69
C ASP A 17 11.12 7.07 -28.94
N LEU A 18 10.58 5.91 -29.31
CA LEU A 18 11.14 5.25 -30.48
C LEU A 18 10.36 5.58 -31.74
N SER A 19 9.19 4.97 -31.88
CA SER A 19 8.28 5.13 -33.01
C SER A 19 7.17 4.12 -32.79
N THR A 20 6.14 4.13 -33.63
CA THR A 20 5.12 3.08 -33.56
C THR A 20 5.64 1.76 -34.12
N TRP A 21 6.34 1.82 -35.26
CA TRP A 21 6.83 0.59 -35.87
C TRP A 21 7.87 -0.08 -34.99
N GLN A 22 8.73 0.72 -34.35
CA GLN A 22 9.76 0.13 -33.49
C GLN A 22 9.16 -0.57 -32.29
N THR A 23 8.14 0.02 -31.66
CA THR A 23 7.56 -0.65 -30.50
C THR A 23 6.80 -1.90 -30.91
N PHE A 24 6.30 -1.93 -32.14
CA PHE A 24 5.60 -3.16 -32.64
C PHE A 24 6.62 -4.29 -32.84
N ARG A 25 7.82 -3.97 -33.33
CA ARG A 25 8.88 -5.00 -33.48
C ARG A 25 9.25 -5.56 -32.10
N ARG A 26 9.37 -4.69 -31.10
CA ARG A 26 9.69 -5.13 -29.72
C ARG A 26 8.53 -5.98 -29.18
N LEU A 27 7.30 -5.60 -29.50
CA LEU A 27 6.09 -6.36 -29.04
C LEU A 27 6.02 -7.73 -29.71
N TRP A 28 6.59 -7.90 -30.90
CA TRP A 28 6.40 -9.18 -31.66
C TRP A 28 6.84 -10.43 -30.90
N PRO A 29 8.01 -10.52 -30.22
CA PRO A 29 8.35 -11.71 -29.43
C PRO A 29 7.17 -12.16 -28.56
N THR A 30 6.33 -11.23 -28.12
CA THR A 30 5.18 -11.53 -27.27
C THR A 30 3.97 -11.94 -28.12
N ILE A 31 3.73 -11.25 -29.23
CA ILE A 31 2.59 -11.56 -30.10
C ILE A 31 2.82 -12.79 -30.95
N ALA A 32 4.05 -13.29 -31.03
CA ALA A 32 4.35 -14.41 -31.91
C ALA A 32 3.58 -15.69 -31.59
N PRO A 33 3.37 -16.08 -30.33
CA PRO A 33 2.58 -17.28 -30.07
C PRO A 33 1.17 -17.22 -30.62
N PHE A 34 0.66 -16.04 -30.93
CA PHE A 34 -0.74 -15.85 -31.29
C PHE A 34 -0.89 -15.41 -32.74
N LYS A 35 -0.14 -16.05 -33.63
CA LYS A 35 -0.12 -15.65 -35.04
C LYS A 35 -1.41 -16.02 -35.78
N ALA A 36 -2.07 -17.10 -35.39
CA ALA A 36 -3.19 -17.61 -36.17
C ALA A 36 -4.37 -16.66 -36.13
N GLY A 37 -4.70 -16.14 -34.95
CA GLY A 37 -5.76 -15.16 -34.85
C GLY A 37 -5.46 -13.91 -35.65
N LEU A 38 -4.20 -13.49 -35.66
CA LEU A 38 -3.84 -12.32 -36.45
C LEU A 38 -4.03 -12.58 -37.93
N ILE A 39 -3.66 -13.77 -38.40
CA ILE A 39 -3.79 -14.08 -39.82
C ILE A 39 -5.26 -14.10 -40.24
N VAL A 40 -6.11 -14.76 -39.43
CA VAL A 40 -7.52 -14.82 -39.78
C VAL A 40 -8.13 -13.42 -39.71
N ALA A 41 -7.69 -12.59 -38.76
CA ALA A 41 -8.22 -11.24 -38.67
C ALA A 41 -7.77 -10.38 -39.85
N GLY A 42 -6.57 -10.60 -40.36
CA GLY A 42 -6.16 -9.91 -41.57
C GLY A 42 -7.02 -10.28 -42.77
N VAL A 43 -7.32 -11.58 -42.91
CA VAL A 43 -8.21 -12.00 -43.99
C VAL A 43 -9.58 -11.34 -43.83
N ALA A 44 -10.09 -11.33 -42.60
CA ALA A 44 -11.40 -10.74 -42.35
C ALA A 44 -11.39 -9.24 -42.65
N LEU A 45 -10.30 -8.56 -42.30
CA LEU A 45 -10.19 -7.14 -42.57
C LEU A 45 -10.18 -6.86 -44.06
N ILE A 46 -9.47 -7.67 -44.83
CA ILE A 46 -9.47 -7.50 -46.28
C ILE A 46 -10.88 -7.67 -46.83
N LEU A 47 -11.59 -8.71 -46.38
CA LEU A 47 -12.95 -8.93 -46.87
C LEU A 47 -13.88 -7.80 -46.45
N ASN A 48 -13.73 -7.29 -45.23
CA ASN A 48 -14.57 -6.20 -44.76
C ASN A 48 -14.35 -4.94 -45.58
N ALA A 49 -13.09 -4.60 -45.86
CA ALA A 49 -12.80 -3.44 -46.68
C ALA A 49 -13.34 -3.62 -48.09
N ALA A 50 -13.23 -4.83 -48.64
CA ALA A 50 -13.79 -5.09 -49.96
C ALA A 50 -15.29 -4.87 -49.97
N SER A 51 -15.99 -5.36 -48.95
CA SER A 51 -17.44 -5.15 -48.88
C SER A 51 -17.77 -3.66 -48.80
N ASP A 52 -17.03 -2.91 -47.97
CA ASP A 52 -17.28 -1.48 -47.86
C ASP A 52 -17.13 -0.79 -49.21
N THR A 53 -16.00 -1.04 -49.88
CA THR A 53 -15.72 -0.37 -51.14
C THR A 53 -16.72 -0.74 -52.22
N PHE A 54 -17.09 -2.02 -52.30
CA PHE A 54 -18.05 -2.42 -53.32
C PHE A 54 -19.41 -1.78 -53.08
N MET A 55 -19.83 -1.72 -51.82
CA MET A 55 -21.07 -1.02 -51.51
C MET A 55 -21.03 0.44 -51.91
N LEU A 56 -19.92 1.13 -51.64
CA LEU A 56 -19.87 2.53 -52.03
C LEU A 56 -19.63 2.71 -53.52
N SER A 57 -19.26 1.63 -54.22
CA SER A 57 -19.10 1.67 -55.67
C SER A 57 -20.40 1.45 -56.40
N LEU A 58 -21.38 0.80 -55.78
CA LEU A 58 -22.64 0.49 -56.45
C LEU A 58 -23.32 1.71 -57.09
N LEU A 59 -22.88 2.92 -56.74
CA LEU A 59 -23.46 4.13 -57.33
C LEU A 59 -23.45 4.08 -58.85
N LYS A 60 -22.29 3.79 -59.43
CA LYS A 60 -22.12 3.99 -60.87
C LYS A 60 -23.10 3.18 -61.71
N PRO A 61 -23.35 1.89 -61.45
CA PRO A 61 -24.48 1.26 -62.13
C PRO A 61 -25.79 1.95 -61.84
N LEU A 62 -26.03 2.36 -60.60
CA LEU A 62 -27.31 2.99 -60.24
C LEU A 62 -27.51 4.30 -60.97
N LEU A 63 -26.44 5.01 -61.28
CA LEU A 63 -26.55 6.30 -61.93
C LEU A 63 -26.52 6.17 -63.46
N ASP A 64 -25.50 5.48 -63.99
CA ASP A 64 -25.40 5.29 -65.43
C ASP A 64 -26.58 4.48 -65.96
N ASP A 65 -26.73 3.25 -65.47
CA ASP A 65 -27.94 2.48 -65.78
C ASP A 65 -29.08 3.11 -65.00
N GLY A 66 -29.74 4.09 -65.60
CA GLY A 66 -30.65 4.95 -64.87
C GLY A 66 -31.88 4.24 -64.37
N PHE A 67 -32.62 4.97 -63.53
CA PHE A 67 -33.87 4.45 -62.99
C PHE A 67 -34.88 4.15 -64.10
N GLY A 68 -34.98 5.03 -65.08
CA GLY A 68 -35.85 4.80 -66.21
C GLY A 68 -35.16 5.00 -67.54
N LYS A 69 -33.96 5.61 -67.51
CA LYS A 69 -33.22 5.85 -68.74
C LYS A 69 -32.80 4.54 -69.39
N THR A 70 -32.37 3.57 -68.59
CA THR A 70 -31.96 2.27 -69.08
C THR A 70 -32.94 1.21 -68.57
N ASP A 71 -32.94 0.06 -69.22
CA ASP A 71 -33.84 -1.03 -68.85
C ASP A 71 -33.62 -1.44 -67.40
N ARG A 72 -34.72 -1.68 -66.69
CA ARG A 72 -34.67 -2.02 -65.27
C ARG A 72 -34.28 -3.50 -65.14
N SER A 73 -32.97 -3.74 -65.28
CA SER A 73 -32.42 -5.08 -65.09
C SER A 73 -31.47 -5.18 -63.91
N VAL A 74 -30.96 -4.06 -63.40
CA VAL A 74 -30.04 -4.07 -62.28
C VAL A 74 -30.75 -3.81 -60.95
N LEU A 75 -31.68 -2.85 -60.94
CA LEU A 75 -32.36 -2.44 -59.72
C LEU A 75 -33.20 -3.55 -59.10
N VAL A 76 -33.57 -4.57 -59.85
CA VAL A 76 -34.34 -5.66 -59.27
C VAL A 76 -33.47 -6.48 -58.32
N TRP A 77 -32.27 -6.85 -58.75
CA TRP A 77 -31.40 -7.64 -57.89
C TRP A 77 -30.54 -6.79 -56.95
N MET A 78 -30.52 -5.47 -57.14
CA MET A 78 -29.68 -4.63 -56.28
C MET A 78 -29.99 -4.71 -54.79
N PRO A 79 -31.25 -4.71 -54.33
CA PRO A 79 -31.47 -4.83 -52.87
C PRO A 79 -30.91 -6.11 -52.28
N LEU A 80 -31.05 -7.24 -52.98
CA LEU A 80 -30.52 -8.49 -52.44
C LEU A 80 -29.01 -8.48 -52.39
N VAL A 81 -28.37 -7.86 -53.37
CA VAL A 81 -26.92 -7.67 -53.32
C VAL A 81 -26.53 -6.85 -52.11
N VAL A 82 -27.29 -5.79 -51.82
CA VAL A 82 -26.97 -4.94 -50.68
C VAL A 82 -27.09 -5.73 -49.38
N ILE A 83 -28.19 -6.48 -49.23
CA ILE A 83 -28.41 -7.22 -47.98
C ILE A 83 -27.36 -8.32 -47.82
N GLY A 84 -27.01 -9.01 -48.90
CA GLY A 84 -25.98 -10.03 -48.81
C GLY A 84 -24.61 -9.46 -48.48
N LEU A 85 -24.26 -8.33 -49.10
CA LEU A 85 -22.98 -7.71 -48.78
C LEU A 85 -22.94 -7.24 -47.34
N MET A 86 -24.07 -6.77 -46.81
CA MET A 86 -24.17 -6.44 -45.39
C MET A 86 -24.03 -7.67 -44.51
N ILE A 87 -24.60 -8.80 -44.92
CA ILE A 87 -24.47 -10.04 -44.18
C ILE A 87 -23.00 -10.42 -44.06
N LEU A 88 -22.31 -10.44 -45.20
CA LEU A 88 -20.88 -10.77 -45.23
C LEU A 88 -20.06 -9.78 -44.44
N ARG A 89 -20.40 -8.50 -44.54
CA ARG A 89 -19.66 -7.46 -43.85
C ARG A 89 -19.77 -7.63 -42.34
N GLY A 90 -20.98 -7.92 -41.86
CA GLY A 90 -21.14 -8.18 -40.44
C GLY A 90 -20.32 -9.36 -39.97
N ILE A 91 -20.34 -10.46 -40.73
CA ILE A 91 -19.60 -11.64 -40.32
C ILE A 91 -18.11 -11.35 -40.25
N THR A 92 -17.57 -10.71 -41.29
CA THR A 92 -16.14 -10.47 -41.32
C THR A 92 -15.71 -9.45 -40.27
N SER A 93 -16.56 -8.44 -40.01
CA SER A 93 -16.25 -7.48 -38.96
C SER A 93 -16.23 -8.16 -37.60
N TYR A 94 -17.20 -9.04 -37.33
CA TYR A 94 -17.20 -9.74 -36.05
C TYR A 94 -15.93 -10.56 -35.89
N VAL A 95 -15.58 -11.35 -36.92
CA VAL A 95 -14.41 -12.21 -36.81
C VAL A 95 -13.16 -11.38 -36.59
N SER A 96 -13.00 -10.30 -37.35
CA SER A 96 -11.81 -9.47 -37.23
C SER A 96 -11.71 -8.86 -35.84
N SER A 97 -12.80 -8.26 -35.36
CA SER A 97 -12.79 -7.63 -34.06
C SER A 97 -12.48 -8.63 -32.97
N TYR A 98 -13.16 -9.79 -32.99
CA TYR A 98 -12.95 -10.76 -31.93
C TYR A 98 -11.53 -11.27 -31.91
N CYS A 99 -10.97 -11.58 -33.07
CA CYS A 99 -9.62 -12.14 -33.07
C CYS A 99 -8.58 -11.11 -32.67
N ILE A 100 -8.71 -9.87 -33.14
CA ILE A 100 -7.73 -8.85 -32.76
C ILE A 100 -7.81 -8.56 -31.27
N SER A 101 -9.03 -8.44 -30.74
CA SER A 101 -9.19 -8.21 -29.31
C SER A 101 -8.64 -9.37 -28.50
N TRP A 102 -8.84 -10.60 -28.96
CA TRP A 102 -8.33 -11.77 -28.26
C TRP A 102 -6.81 -11.73 -28.19
N VAL A 103 -6.16 -11.42 -29.32
CA VAL A 103 -4.71 -11.38 -29.33
C VAL A 103 -4.21 -10.27 -28.41
N SER A 104 -4.86 -9.11 -28.45
CA SER A 104 -4.46 -8.01 -27.59
C SER A 104 -4.61 -8.37 -26.12
N GLY A 105 -5.71 -9.02 -25.74
CA GLY A 105 -5.90 -9.42 -24.36
C GLY A 105 -4.86 -10.41 -23.90
N LYS A 106 -4.51 -11.39 -24.75
CA LYS A 106 -3.45 -12.32 -24.39
C LYS A 106 -2.12 -11.61 -24.22
N VAL A 107 -1.80 -10.68 -25.12
CA VAL A 107 -0.56 -9.93 -25.00
C VAL A 107 -0.53 -9.12 -23.71
N VAL A 108 -1.64 -8.47 -23.37
CA VAL A 108 -1.69 -7.62 -22.19
C VAL A 108 -1.57 -8.45 -20.92
N MET A 109 -2.23 -9.61 -20.88
CA MET A 109 -2.11 -10.48 -19.72
C MET A 109 -0.70 -10.98 -19.56
N THR A 110 -0.04 -11.34 -20.67
CA THR A 110 1.35 -11.78 -20.60
C THR A 110 2.26 -10.68 -20.10
N MET A 111 2.07 -9.45 -20.59
CA MET A 111 2.89 -8.34 -20.12
C MET A 111 2.66 -8.04 -18.65
N ARG A 112 1.41 -8.12 -18.20
CA ARG A 112 1.10 -7.90 -16.79
C ARG A 112 1.77 -8.95 -15.91
N ARG A 113 1.73 -10.21 -16.34
CA ARG A 113 2.38 -11.27 -15.58
C ARG A 113 3.89 -11.08 -15.55
N ARG A 114 4.47 -10.67 -16.67
CA ARG A 114 5.90 -10.41 -16.71
C ARG A 114 6.29 -9.26 -15.81
N LEU A 115 5.47 -8.20 -15.77
CA LEU A 115 5.79 -7.07 -14.90
C LEU A 115 5.69 -7.46 -13.43
N PHE A 116 4.68 -8.26 -13.08
CA PHE A 116 4.57 -8.76 -11.71
C PHE A 116 5.78 -9.59 -11.32
N GLY A 117 6.19 -10.50 -12.20
CA GLY A 117 7.36 -11.32 -11.91
C GLY A 117 8.64 -10.51 -11.80
N HIS A 118 8.79 -9.51 -12.65
CA HIS A 118 9.96 -8.66 -12.57
C HIS A 118 10.01 -7.91 -11.25
N MET A 119 8.88 -7.35 -10.82
CA MET A 119 8.87 -6.64 -9.55
C MET A 119 9.13 -7.58 -8.39
N MET A 120 8.61 -8.80 -8.46
CA MET A 120 8.86 -9.77 -7.40
C MET A 120 10.32 -10.21 -7.36
N GLY A 121 11.08 -10.03 -8.43
CA GLY A 121 12.48 -10.37 -8.44
C GLY A 121 13.46 -9.24 -8.19
N MET A 122 13.01 -8.07 -7.77
CA MET A 122 13.89 -6.93 -7.58
C MET A 122 14.61 -6.99 -6.23
N PRO A 123 15.74 -6.31 -6.10
CA PRO A 123 16.47 -6.30 -4.82
C PRO A 123 15.76 -5.47 -3.76
N VAL A 124 16.23 -5.63 -2.53
CA VAL A 124 15.60 -4.96 -1.39
C VAL A 124 15.87 -3.46 -1.43
N SER A 125 17.09 -3.07 -1.81
CA SER A 125 17.42 -1.66 -1.94
C SER A 125 16.53 -0.96 -2.95
N PHE A 126 16.08 -1.68 -3.97
CA PHE A 126 15.14 -1.11 -4.93
C PHE A 126 13.86 -0.66 -4.24
N PHE A 127 13.30 -1.52 -3.39
CA PHE A 127 12.07 -1.16 -2.68
C PHE A 127 12.34 -0.12 -1.61
N ASP A 128 13.56 -0.08 -1.08
CA ASP A 128 13.92 0.98 -0.14
C ASP A 128 13.86 2.35 -0.80
N LYS A 129 14.33 2.46 -2.05
CA LYS A 129 14.33 3.74 -2.75
C LYS A 129 13.08 4.00 -3.58
N GLN A 130 12.08 3.13 -3.55
CA GLN A 130 10.89 3.29 -4.36
C GLN A 130 9.67 3.60 -3.50
N SER A 131 8.57 3.93 -4.18
CA SER A 131 7.26 4.11 -3.57
C SER A 131 6.33 3.03 -4.07
N THR A 132 5.52 2.47 -3.17
CA THR A 132 4.58 1.43 -3.57
C THR A 132 3.60 1.93 -4.62
N GLY A 133 3.15 3.18 -4.50
CA GLY A 133 2.16 3.70 -5.44
C GLY A 133 2.67 3.77 -6.87
N THR A 134 3.95 4.07 -7.04
CA THR A 134 4.53 4.15 -8.38
C THR A 134 4.47 2.80 -9.09
N LEU A 135 4.93 1.74 -8.42
CA LEU A 135 4.89 0.41 -9.01
C LEU A 135 3.46 -0.08 -9.20
N LEU A 136 2.59 0.20 -8.24
CA LEU A 136 1.20 -0.18 -8.39
C LEU A 136 0.58 0.54 -9.58
N SER A 137 1.02 1.77 -9.86
CA SER A 137 0.57 2.47 -11.05
C SER A 137 1.04 1.77 -12.31
N ARG A 138 2.28 1.31 -12.32
CA ARG A 138 2.74 0.51 -13.47
C ARG A 138 1.82 -0.69 -13.69
N ILE A 139 1.40 -1.36 -12.62
CA ILE A 139 0.54 -2.54 -12.79
C ILE A 139 -0.86 -2.13 -13.26
N THR A 140 -1.43 -1.09 -12.66
CA THR A 140 -2.81 -0.75 -12.96
C THR A 140 -2.93 0.15 -14.18
N TYR A 141 -2.44 1.39 -14.07
CA TYR A 141 -2.73 2.42 -15.06
C TYR A 141 -2.04 2.13 -16.39
N ASP A 142 -0.73 1.81 -16.35
CA ASP A 142 0.04 1.67 -17.57
C ASP A 142 -0.47 0.49 -18.40
N SER A 143 -0.65 -0.67 -17.76
CA SER A 143 -1.14 -1.83 -18.47
C SER A 143 -2.58 -1.65 -18.93
N GLU A 144 -3.40 -0.93 -18.16
CA GLU A 144 -4.75 -0.70 -18.65
C GLU A 144 -4.77 0.26 -19.83
N GLN A 145 -3.77 1.16 -19.92
CA GLN A 145 -3.63 1.97 -21.12
C GLN A 145 -3.25 1.11 -22.32
N VAL A 146 -2.33 0.17 -22.11
CA VAL A 146 -1.99 -0.78 -23.18
C VAL A 146 -3.24 -1.52 -23.63
N ALA A 147 -4.03 -2.00 -22.67
CA ALA A 147 -5.23 -2.76 -23.01
C ALA A 147 -6.23 -1.90 -23.78
N SER A 148 -6.50 -0.70 -23.29
CA SER A 148 -7.50 0.15 -23.94
C SER A 148 -7.07 0.51 -25.36
N SER A 149 -5.81 0.88 -25.53
CA SER A 149 -5.29 1.17 -26.86
C SER A 149 -5.42 -0.04 -27.77
N SER A 150 -4.72 -1.13 -27.43
CA SER A 150 -4.64 -2.28 -28.31
C SER A 150 -5.99 -2.94 -28.57
N SER A 151 -6.97 -2.75 -27.69
CA SER A 151 -8.29 -3.30 -27.99
C SER A 151 -9.10 -2.33 -28.83
N GLY A 152 -9.45 -1.17 -28.28
CA GLY A 152 -10.34 -0.30 -29.02
C GLY A 152 -9.68 0.44 -30.16
N ALA A 153 -8.66 1.23 -29.81
CA ALA A 153 -8.04 2.10 -30.80
C ALA A 153 -7.38 1.30 -31.90
N LEU A 154 -6.86 0.11 -31.59
CA LEU A 154 -6.16 -0.67 -32.60
C LEU A 154 -7.13 -1.23 -33.63
N ILE A 155 -8.25 -1.80 -33.17
CA ILE A 155 -9.31 -2.18 -34.10
C ILE A 155 -9.69 -1.01 -34.98
N THR A 156 -9.91 0.15 -34.35
CA THR A 156 -10.38 1.29 -35.13
C THR A 156 -9.36 1.68 -36.19
N VAL A 157 -8.07 1.68 -35.84
CA VAL A 157 -7.06 2.15 -36.77
C VAL A 157 -6.87 1.16 -37.91
N VAL A 158 -6.88 -0.15 -37.64
CA VAL A 158 -6.70 -1.07 -38.76
C VAL A 158 -7.92 -1.08 -39.66
N ARG A 159 -9.12 -1.03 -39.08
CA ARG A 159 -10.32 -1.04 -39.89
C ARG A 159 -10.42 0.22 -40.74
N GLU A 160 -10.09 1.39 -40.18
CA GLU A 160 -10.15 2.61 -40.96
C GLU A 160 -9.02 2.72 -41.96
N GLY A 161 -7.85 2.17 -41.66
CA GLY A 161 -6.82 2.09 -42.68
C GLY A 161 -7.25 1.23 -43.85
N ALA A 162 -7.84 0.07 -43.57
CA ALA A 162 -8.31 -0.80 -44.65
C ALA A 162 -9.39 -0.12 -45.48
N SER A 163 -10.30 0.59 -44.81
CA SER A 163 -11.30 1.38 -45.53
C SER A 163 -10.63 2.40 -46.45
N ILE A 164 -9.62 3.12 -45.92
CA ILE A 164 -8.95 4.13 -46.72
C ILE A 164 -8.28 3.51 -47.94
N ILE A 165 -7.63 2.36 -47.74
CA ILE A 165 -6.96 1.71 -48.86
C ILE A 165 -7.97 1.29 -49.91
N GLY A 166 -9.13 0.79 -49.48
CA GLY A 166 -10.18 0.47 -50.43
C GLY A 166 -10.64 1.67 -51.23
N LEU A 167 -10.84 2.80 -50.56
CA LEU A 167 -11.28 4.01 -51.28
C LEU A 167 -10.20 4.48 -52.25
N PHE A 168 -8.94 4.43 -51.82
CA PHE A 168 -7.81 4.70 -52.70
C PHE A 168 -7.84 3.83 -53.94
N ILE A 169 -8.07 2.53 -53.75
CA ILE A 169 -8.09 1.62 -54.89
C ILE A 169 -9.24 1.95 -55.83
N MET A 170 -10.43 2.16 -55.26
CA MET A 170 -11.59 2.47 -56.09
C MET A 170 -11.41 3.77 -56.86
N MET A 171 -10.60 4.68 -56.33
CA MET A 171 -10.43 5.98 -56.96
C MET A 171 -9.37 5.97 -58.06
N PHE A 172 -8.23 5.33 -57.81
CA PHE A 172 -7.20 5.18 -58.83
C PHE A 172 -7.74 4.48 -60.06
N TYR A 173 -8.82 3.71 -59.92
CA TYR A 173 -9.37 2.97 -61.04
C TYR A 173 -10.21 3.85 -61.95
N TYR A 174 -11.24 4.50 -61.40
CA TYR A 174 -12.18 5.25 -62.23
C TYR A 174 -11.51 6.43 -62.92
N SER A 175 -10.64 7.14 -62.21
CA SER A 175 -9.96 8.29 -62.79
C SER A 175 -8.64 8.49 -62.05
N TRP A 176 -7.55 7.98 -62.61
CA TRP A 176 -6.23 8.17 -62.03
C TRP A 176 -5.81 9.64 -62.06
N GLN A 177 -6.33 10.42 -63.02
CA GLN A 177 -5.92 11.80 -63.19
C GLN A 177 -6.19 12.63 -61.94
N LEU A 178 -7.06 12.16 -61.07
CA LEU A 178 -7.37 12.80 -59.80
C LEU A 178 -6.73 12.09 -58.62
N SER A 179 -6.60 10.77 -58.72
CA SER A 179 -5.82 10.04 -57.74
C SER A 179 -4.39 10.55 -57.66
N ILE A 180 -3.88 11.21 -58.70
CA ILE A 180 -2.51 11.71 -58.62
C ILE A 180 -2.39 12.80 -57.56
N ILE A 181 -3.37 13.70 -57.47
CA ILE A 181 -3.32 14.69 -56.39
C ILE A 181 -3.50 14.00 -55.04
N LEU A 182 -4.32 12.94 -55.00
CA LEU A 182 -4.40 12.20 -53.75
C LEU A 182 -3.04 11.65 -53.37
N ILE A 183 -2.29 11.16 -54.35
CA ILE A 183 -0.96 10.60 -54.12
C ILE A 183 -0.02 11.66 -53.56
N VAL A 184 -0.08 12.88 -54.10
CA VAL A 184 0.87 13.88 -53.63
C VAL A 184 0.52 14.37 -52.23
N LEU A 185 -0.76 14.36 -51.85
CA LEU A 185 -1.13 14.82 -50.51
C LEU A 185 -0.90 13.77 -49.42
N ALA A 186 -0.91 12.49 -49.79
CA ALA A 186 -0.73 11.44 -48.80
C ALA A 186 0.55 11.57 -47.99
N PRO A 187 1.72 11.84 -48.57
CA PRO A 187 2.92 12.01 -47.73
C PRO A 187 2.83 13.16 -46.75
N ILE A 188 2.17 14.26 -47.13
CA ILE A 188 2.04 15.39 -46.21
C ILE A 188 1.23 14.98 -45.00
N VAL A 189 0.10 14.32 -45.22
CA VAL A 189 -0.70 13.81 -44.11
C VAL A 189 0.11 12.82 -43.27
N SER A 190 0.92 12.00 -43.93
CA SER A 190 1.72 11.00 -43.20
C SER A 190 2.73 11.66 -42.27
N ILE A 191 3.48 12.64 -42.78
CA ILE A 191 4.50 13.27 -41.95
C ILE A 191 3.86 14.12 -40.86
N ALA A 192 2.69 14.69 -41.13
CA ALA A 192 1.96 15.36 -40.06
C ALA A 192 1.61 14.38 -38.93
N ILE A 193 1.10 13.21 -39.30
CA ILE A 193 0.71 12.23 -38.27
C ILE A 193 1.94 11.74 -37.52
N ARG A 194 3.07 11.59 -38.21
CA ARG A 194 4.37 11.37 -37.59
C ARG A 194 4.60 12.33 -36.42
N VAL A 195 4.57 13.63 -36.70
CA VAL A 195 4.95 14.63 -35.72
C VAL A 195 3.99 14.63 -34.55
N VAL A 196 2.69 14.57 -34.83
CA VAL A 196 1.72 14.59 -33.73
C VAL A 196 1.85 13.35 -32.87
N SER A 197 2.19 12.21 -33.47
CA SER A 197 2.31 10.97 -32.71
C SER A 197 3.44 11.06 -31.69
N LYS A 198 4.57 11.66 -32.09
CA LYS A 198 5.66 11.85 -31.13
C LYS A 198 5.21 12.74 -29.98
N ARG A 199 4.49 13.81 -30.27
CA ARG A 199 4.01 14.70 -29.22
C ARG A 199 3.08 13.95 -28.26
N PHE A 200 2.19 13.14 -28.82
CA PHE A 200 1.26 12.36 -28.02
C PHE A 200 1.99 11.41 -27.08
N ARG A 201 3.03 10.74 -27.59
CA ARG A 201 3.77 9.80 -26.75
C ARG A 201 4.48 10.50 -25.60
N ASN A 202 5.08 11.67 -25.86
CA ASN A 202 5.71 12.40 -24.78
C ASN A 202 4.71 12.81 -23.70
N ILE A 203 3.55 13.32 -24.13
CA ILE A 203 2.53 13.70 -23.16
C ILE A 203 2.07 12.48 -22.36
N SER A 204 1.94 11.33 -23.02
CA SER A 204 1.48 10.14 -22.33
C SER A 204 2.47 9.67 -21.28
N LYS A 205 3.77 9.77 -21.56
CA LYS A 205 4.75 9.40 -20.55
C LYS A 205 4.70 10.34 -19.34
N ASN A 206 4.55 11.64 -19.60
CA ASN A 206 4.40 12.57 -18.48
C ASN A 206 3.14 12.24 -17.66
N MET A 207 2.07 11.85 -18.35
CA MET A 207 0.84 11.46 -17.68
C MET A 207 1.01 10.20 -16.84
N GLN A 208 1.78 9.24 -17.34
CA GLN A 208 2.10 8.04 -16.57
C GLN A 208 2.76 8.41 -15.26
N ASN A 209 3.75 9.30 -15.33
CA ASN A 209 4.45 9.71 -14.11
C ASN A 209 3.52 10.40 -13.14
N THR A 210 2.67 11.30 -13.65
CA THR A 210 1.75 12.01 -12.78
C THR A 210 0.76 11.06 -12.12
N MET A 211 0.32 10.03 -12.85
CA MET A 211 -0.59 9.05 -12.27
C MET A 211 0.09 8.26 -11.17
N GLY A 212 1.37 7.95 -11.36
CA GLY A 212 2.14 7.37 -10.27
C GLY A 212 2.15 8.24 -9.04
N GLN A 213 2.29 9.56 -9.23
CA GLN A 213 2.24 10.49 -8.11
C GLN A 213 0.87 10.51 -7.44
N VAL A 214 -0.20 10.46 -8.23
CA VAL A 214 -1.55 10.44 -7.68
C VAL A 214 -1.75 9.21 -6.82
N THR A 215 -1.33 8.05 -7.34
CA THR A 215 -1.43 6.82 -6.58
C THR A 215 -0.59 6.87 -5.32
N THR A 216 0.61 7.43 -5.41
CA THR A 216 1.46 7.56 -4.22
C THR A 216 0.78 8.39 -3.14
N SER A 217 0.15 9.50 -3.53
CA SER A 217 -0.54 10.35 -2.57
C SER A 217 -1.70 9.61 -1.91
N ALA A 218 -2.54 8.95 -2.72
CA ALA A 218 -3.68 8.23 -2.15
C ALA A 218 -3.23 7.08 -1.25
N GLU A 219 -2.21 6.34 -1.69
CA GLU A 219 -1.59 5.29 -0.90
C GLU A 219 -1.10 5.80 0.45
N GLN A 220 -0.32 6.89 0.45
CA GLN A 220 0.22 7.41 1.69
C GLN A 220 -0.88 7.88 2.62
N MET A 221 -1.95 8.46 2.08
CA MET A 221 -3.06 8.82 2.92
C MET A 221 -3.71 7.59 3.55
N LEU A 222 -3.98 6.57 2.72
CA LEU A 222 -4.72 5.41 3.21
C LEU A 222 -3.95 4.64 4.27
N LYS A 223 -2.65 4.45 4.08
CA LYS A 223 -1.89 3.65 5.02
C LYS A 223 -1.47 4.41 6.26
N GLY A 224 -1.55 5.73 6.26
CA GLY A 224 -1.27 6.51 7.44
C GLY A 224 -2.52 7.18 7.99
N HIS A 225 -3.66 6.51 7.80
CA HIS A 225 -4.96 7.10 8.16
C HIS A 225 -5.03 7.47 9.63
N LYS A 226 -4.51 6.61 10.51
CA LYS A 226 -4.52 6.90 11.93
C LYS A 226 -3.71 8.14 12.27
N GLU A 227 -2.53 8.28 11.65
CA GLU A 227 -1.72 9.46 11.92
C GLU A 227 -2.38 10.73 11.40
N VAL A 228 -3.03 10.64 10.23
CA VAL A 228 -3.82 11.76 9.73
C VAL A 228 -4.88 12.15 10.74
N LEU A 229 -5.55 11.16 11.34
CA LEU A 229 -6.64 11.46 12.25
C LEU A 229 -6.16 12.12 13.54
N ILE A 230 -5.09 11.59 14.13
CA ILE A 230 -4.71 12.12 15.44
C ILE A 230 -3.84 13.37 15.34
N PHE A 231 -3.12 13.57 14.23
CA PHE A 231 -2.32 14.77 14.11
C PHE A 231 -2.97 15.83 13.25
N GLY A 232 -4.22 15.61 12.81
CA GLY A 232 -4.95 16.59 12.04
C GLY A 232 -4.37 16.91 10.68
N GLY A 233 -4.03 15.88 9.91
CA GLY A 233 -3.38 16.04 8.64
C GLY A 233 -4.29 16.20 7.44
N GLN A 234 -5.60 16.36 7.64
CA GLN A 234 -6.53 16.38 6.52
C GLN A 234 -6.25 17.52 5.55
N GLU A 235 -5.94 18.71 6.09
CA GLU A 235 -5.61 19.85 5.24
C GLU A 235 -4.42 19.54 4.35
N VAL A 236 -3.34 19.03 4.94
CA VAL A 236 -2.11 18.80 4.19
C VAL A 236 -2.32 17.77 3.09
N GLU A 237 -2.98 16.66 3.44
CA GLU A 237 -3.23 15.61 2.46
C GLU A 237 -4.16 16.10 1.35
N THR A 238 -5.20 16.85 1.71
CA THR A 238 -6.11 17.37 0.70
C THR A 238 -5.40 18.31 -0.26
N LYS A 239 -4.55 19.19 0.28
CA LYS A 239 -3.80 20.11 -0.57
C LYS A 239 -2.87 19.38 -1.51
N ARG A 240 -2.15 18.38 -0.99
CA ARG A 240 -1.29 17.54 -1.83
C ARG A 240 -2.07 16.90 -2.97
N PHE A 241 -3.21 16.30 -2.64
CA PHE A 241 -3.99 15.61 -3.66
C PHE A 241 -4.55 16.58 -4.69
N ASP A 242 -4.94 17.78 -4.26
CA ASP A 242 -5.38 18.80 -5.19
C ASP A 242 -4.26 19.16 -6.17
N LYS A 243 -3.03 19.30 -5.67
CA LYS A 243 -1.91 19.57 -6.56
C LYS A 243 -1.76 18.49 -7.62
N VAL A 244 -1.69 17.22 -7.19
CA VAL A 244 -1.39 16.18 -8.18
C VAL A 244 -2.55 15.98 -9.13
N SER A 245 -3.78 16.08 -8.64
CA SER A 245 -4.93 15.89 -9.51
C SER A 245 -5.09 17.02 -10.52
N ASN A 246 -4.80 18.25 -10.11
CA ASN A 246 -4.78 19.34 -11.07
C ASN A 246 -3.68 19.16 -12.12
N ARG A 247 -2.52 18.64 -11.71
CA ARG A 247 -1.47 18.38 -12.70
C ARG A 247 -1.90 17.30 -13.70
N MET A 248 -2.60 16.28 -13.22
CA MET A 248 -3.13 15.26 -14.11
C MET A 248 -4.12 15.87 -15.10
N ARG A 249 -5.00 16.75 -14.62
CA ARG A 249 -5.95 17.42 -15.49
C ARG A 249 -5.25 18.27 -16.54
N LEU A 250 -4.19 18.99 -16.13
CA LEU A 250 -3.49 19.86 -17.07
C LEU A 250 -2.78 19.06 -18.16
N GLN A 251 -2.21 17.90 -17.81
CA GLN A 251 -1.56 17.10 -18.84
C GLN A 251 -2.58 16.47 -19.79
N GLY A 252 -3.74 16.04 -19.26
CA GLY A 252 -4.80 15.63 -20.15
C GLY A 252 -5.23 16.74 -21.08
N MET A 253 -5.21 17.98 -20.59
CA MET A 253 -5.51 19.13 -21.43
C MET A 253 -4.47 19.33 -22.52
N LYS A 254 -3.20 19.12 -22.22
CA LYS A 254 -2.18 19.19 -23.27
C LYS A 254 -2.46 18.16 -24.35
N MET A 255 -2.81 16.95 -23.95
CA MET A 255 -3.12 15.92 -24.94
C MET A 255 -4.30 16.32 -25.81
N VAL A 256 -5.35 16.87 -25.19
CA VAL A 256 -6.52 17.29 -25.94
C VAL A 256 -6.19 18.43 -26.88
N SER A 257 -5.31 19.34 -26.44
CA SER A 257 -4.91 20.45 -27.29
C SER A 257 -4.24 19.94 -28.56
N ALA A 258 -3.28 19.03 -28.40
CA ALA A 258 -2.62 18.48 -29.58
C ALA A 258 -3.62 17.74 -30.47
N SER A 259 -4.54 16.99 -29.87
CA SER A 259 -5.51 16.23 -30.65
C SER A 259 -6.41 17.14 -31.49
N SER A 260 -7.02 18.13 -30.84
CA SER A 260 -7.98 19.00 -31.51
C SER A 260 -7.31 20.09 -32.35
N ILE A 261 -6.00 20.24 -32.26
CA ILE A 261 -5.28 21.06 -33.23
C ILE A 261 -4.77 20.26 -34.41
N SER A 262 -4.50 18.97 -34.24
CA SER A 262 -4.01 18.17 -35.35
C SER A 262 -5.12 17.65 -36.25
N ASP A 263 -6.27 17.33 -35.67
CA ASP A 263 -7.35 16.76 -36.48
C ASP A 263 -7.85 17.73 -37.54
N PRO A 264 -8.26 18.96 -37.21
CA PRO A 264 -8.73 19.88 -38.25
C PRO A 264 -7.71 20.21 -39.31
N ILE A 265 -6.43 20.31 -38.97
CA ILE A 265 -5.43 20.66 -39.97
C ILE A 265 -5.31 19.53 -41.00
N ILE A 266 -5.29 18.28 -40.54
CA ILE A 266 -5.23 17.15 -41.46
C ILE A 266 -6.49 17.08 -42.31
N GLN A 267 -7.64 17.41 -41.74
CA GLN A 267 -8.85 17.46 -42.57
C GLN A 267 -8.81 18.63 -43.54
N LEU A 268 -8.13 19.71 -43.20
CA LEU A 268 -7.95 20.81 -44.14
C LEU A 268 -7.06 20.41 -45.31
N ILE A 269 -6.06 19.59 -45.05
CA ILE A 269 -5.16 19.18 -46.13
C ILE A 269 -5.88 18.26 -47.12
N ALA A 270 -6.54 17.22 -46.60
CA ALA A 270 -7.20 16.26 -47.49
C ALA A 270 -8.40 16.85 -48.20
N SER A 271 -8.87 18.01 -47.76
CA SER A 271 -9.93 18.69 -48.47
C SER A 271 -9.44 19.34 -49.76
N LEU A 272 -8.14 19.62 -49.84
CA LEU A 272 -7.57 20.12 -51.09
C LEU A 272 -7.81 19.15 -52.23
N ALA A 273 -7.93 17.86 -51.92
CA ALA A 273 -8.32 16.90 -52.94
C ALA A 273 -9.72 17.17 -53.45
N LEU A 274 -10.65 17.52 -52.56
CA LEU A 274 -11.99 17.88 -53.00
C LEU A 274 -11.96 19.16 -53.83
N ALA A 275 -11.18 20.14 -53.40
CA ALA A 275 -11.04 21.35 -54.20
C ALA A 275 -10.45 21.03 -55.57
N PHE A 276 -9.47 20.14 -55.63
CA PHE A 276 -8.82 19.82 -56.88
C PHE A 276 -9.75 19.06 -57.82
N VAL A 277 -10.56 18.14 -57.29
CA VAL A 277 -11.49 17.42 -58.17
C VAL A 277 -12.53 18.39 -58.73
N LEU A 278 -13.00 19.34 -57.94
CA LEU A 278 -13.92 20.32 -58.48
C LEU A 278 -13.26 21.20 -59.54
N TYR A 279 -12.01 21.59 -59.32
CA TYR A 279 -11.32 22.40 -60.34
C TYR A 279 -11.08 21.58 -61.60
N ALA A 280 -10.72 20.31 -61.46
CA ALA A 280 -10.53 19.46 -62.62
C ALA A 280 -11.82 19.31 -63.41
N ALA A 281 -12.95 19.14 -62.69
CA ALA A 281 -14.23 19.07 -63.37
C ALA A 281 -14.53 20.37 -64.11
N SER A 282 -14.27 21.51 -63.48
CA SER A 282 -14.51 22.79 -64.14
C SER A 282 -13.61 22.98 -65.36
N PHE A 283 -12.42 22.43 -65.34
CA PHE A 283 -11.49 22.60 -66.44
C PHE A 283 -12.07 22.00 -67.72
N PRO A 284 -11.98 22.69 -68.85
CA PRO A 284 -12.74 22.29 -70.05
C PRO A 284 -12.14 21.15 -70.85
N SER A 285 -11.18 20.40 -70.32
CA SER A 285 -10.54 19.33 -71.06
C SER A 285 -10.61 17.98 -70.35
N VAL A 286 -11.26 17.90 -69.20
CA VAL A 286 -11.27 16.67 -68.40
C VAL A 286 -12.57 15.90 -68.56
N MET A 287 -13.71 16.58 -68.58
CA MET A 287 -14.97 15.86 -68.65
C MET A 287 -15.16 15.28 -70.05
N ASP A 288 -16.31 14.64 -70.26
CA ASP A 288 -16.71 13.97 -71.49
C ASP A 288 -15.89 12.71 -71.76
N SER A 289 -14.88 12.41 -70.93
CA SER A 289 -14.22 11.12 -71.02
C SER A 289 -15.14 10.01 -70.54
N LEU A 290 -15.96 10.30 -69.53
CA LEU A 290 -16.93 9.34 -69.00
C LEU A 290 -18.17 10.10 -68.55
N THR A 291 -19.33 9.45 -68.65
CA THR A 291 -20.61 10.19 -68.44
C THR A 291 -20.90 10.43 -66.96
N ALA A 292 -22.11 10.91 -66.65
CA ALA A 292 -22.46 11.05 -65.23
C ALA A 292 -22.27 9.64 -64.67
N GLY A 293 -21.50 9.52 -63.59
CA GLY A 293 -21.16 8.17 -63.09
C GLY A 293 -19.79 8.20 -62.46
N THR A 294 -18.72 8.00 -63.24
CA THR A 294 -17.43 7.93 -62.55
C THR A 294 -17.16 9.17 -61.71
N ILE A 295 -17.42 10.37 -62.25
CA ILE A 295 -17.05 11.55 -61.48
C ILE A 295 -17.95 11.71 -60.27
N THR A 296 -19.21 11.27 -60.36
CA THR A 296 -20.05 11.25 -59.17
C THR A 296 -19.50 10.28 -58.14
N VAL A 297 -19.08 9.09 -58.58
CA VAL A 297 -18.43 8.15 -57.66
C VAL A 297 -17.18 8.78 -57.06
N VAL A 298 -16.46 9.57 -57.85
CA VAL A 298 -15.21 10.15 -57.38
C VAL A 298 -15.48 11.18 -56.30
N PHE A 299 -16.43 12.08 -56.52
CA PHE A 299 -16.73 13.07 -55.50
C PHE A 299 -17.27 12.40 -54.24
N SER A 300 -18.15 11.40 -54.42
CA SER A 300 -18.66 10.67 -53.27
C SER A 300 -17.54 9.97 -52.52
N SER A 301 -16.53 9.49 -53.24
CA SER A 301 -15.41 8.81 -52.60
C SER A 301 -14.47 9.77 -51.88
N MET A 302 -14.25 10.98 -52.39
CA MET A 302 -13.53 11.99 -51.62
C MET A 302 -14.27 12.33 -50.33
N ILE A 303 -15.58 12.56 -50.43
CA ILE A 303 -16.34 12.91 -49.24
C ILE A 303 -16.35 11.76 -48.26
N ALA A 304 -16.35 10.53 -48.77
CA ALA A 304 -16.23 9.37 -47.91
C ALA A 304 -14.85 9.30 -47.28
N LEU A 305 -13.81 9.57 -48.06
CA LEU A 305 -12.44 9.38 -47.60
C LEU A 305 -12.10 10.31 -46.47
N MET A 306 -12.73 11.48 -46.44
CA MET A 306 -12.43 12.38 -45.33
C MET A 306 -12.89 11.85 -43.97
N ARG A 307 -13.74 10.81 -43.93
CA ARG A 307 -14.28 10.34 -42.66
C ARG A 307 -13.34 9.40 -41.92
N PRO A 308 -12.78 8.36 -42.53
CA PRO A 308 -11.79 7.55 -41.81
C PRO A 308 -10.58 8.33 -41.40
N LEU A 309 -10.29 9.46 -42.06
CA LEU A 309 -9.18 10.29 -41.62
C LEU A 309 -9.45 10.87 -40.23
N LYS A 310 -10.65 11.42 -40.03
CA LYS A 310 -11.01 11.94 -38.72
C LYS A 310 -10.96 10.84 -37.67
N SER A 311 -11.57 9.69 -38.00
CA SER A 311 -11.54 8.58 -37.06
C SER A 311 -10.11 8.18 -36.73
N LEU A 312 -9.26 8.08 -37.75
CA LEU A 312 -7.89 7.63 -37.58
C LEU A 312 -7.12 8.57 -36.68
N THR A 313 -7.26 9.87 -36.88
CA THR A 313 -6.49 10.81 -36.07
C THR A 313 -6.94 10.79 -34.60
N ASN A 314 -8.24 10.72 -34.35
CA ASN A 314 -8.67 10.69 -32.95
C ASN A 314 -8.22 9.41 -32.25
N VAL A 315 -8.41 8.27 -32.91
CA VAL A 315 -7.96 7.06 -32.25
C VAL A 315 -6.44 6.97 -32.21
N ASN A 316 -5.73 7.75 -33.02
CA ASN A 316 -4.28 7.81 -32.86
C ASN A 316 -3.93 8.52 -31.57
N ALA A 317 -4.67 9.59 -31.25
CA ALA A 317 -4.50 10.19 -29.92
C ALA A 317 -4.66 9.13 -28.85
N GLN A 318 -5.71 8.31 -28.96
CA GLN A 318 -5.89 7.22 -27.98
C GLN A 318 -4.78 6.18 -28.03
N PHE A 319 -4.30 5.87 -29.23
CA PHE A 319 -3.42 4.72 -29.49
C PHE A 319 -1.99 4.97 -29.01
N GLN A 320 -1.53 6.22 -29.12
CA GLN A 320 -0.19 6.53 -28.66
C GLN A 320 -0.04 6.37 -27.15
N ARG A 321 -1.12 6.51 -26.39
CA ARG A 321 -1.05 6.24 -24.96
C ARG A 321 -0.56 4.83 -24.68
N GLY A 322 -1.17 3.84 -25.32
CA GLY A 322 -0.74 2.46 -25.16
C GLY A 322 0.63 2.20 -25.74
N MET A 323 0.97 2.87 -26.85
CA MET A 323 2.33 2.73 -27.37
C MET A 323 3.37 3.20 -26.36
N ALA A 324 3.13 4.36 -25.75
CA ALA A 324 4.04 4.88 -24.74
C ALA A 324 4.11 3.97 -23.53
N ALA A 325 2.96 3.44 -23.10
CA ALA A 325 2.96 2.54 -21.96
C ALA A 325 3.74 1.27 -22.26
N CYS A 326 3.64 0.76 -23.49
CA CYS A 326 4.44 -0.39 -23.89
C CYS A 326 5.93 -0.07 -23.83
N GLN A 327 6.32 1.12 -24.30
CA GLN A 327 7.73 1.48 -24.26
C GLN A 327 8.24 1.55 -22.83
N THR A 328 7.43 2.10 -21.92
CA THR A 328 7.77 2.10 -20.50
C THR A 328 7.91 0.69 -19.97
N LEU A 329 6.98 -0.19 -20.34
CA LEU A 329 7.05 -1.59 -19.94
C LEU A 329 8.36 -2.23 -20.35
N PHE A 330 8.77 -2.03 -21.60
CA PHE A 330 10.02 -2.62 -22.07
C PHE A 330 11.20 -2.10 -21.26
N THR A 331 11.21 -0.78 -21.00
CA THR A 331 12.31 -0.23 -20.22
C THR A 331 12.37 -0.84 -18.82
N ILE A 332 11.22 -1.10 -18.21
CA ILE A 332 11.21 -1.75 -16.91
C ILE A 332 11.67 -3.20 -17.02
N LEU A 333 11.23 -3.89 -18.06
CA LEU A 333 11.48 -5.32 -18.17
C LEU A 333 12.94 -5.65 -18.47
N ASP A 334 13.71 -4.71 -19.01
CA ASP A 334 15.13 -4.96 -19.23
C ASP A 334 16.01 -4.29 -18.18
N SER A 335 15.47 -4.08 -16.98
CA SER A 335 16.26 -3.69 -15.83
C SER A 335 16.91 -4.92 -15.20
N GLU A 336 17.87 -4.68 -14.31
CA GLU A 336 18.51 -5.78 -13.60
C GLU A 336 17.74 -6.11 -12.33
N GLN A 337 17.82 -7.36 -11.92
CA GLN A 337 17.09 -7.94 -10.81
C GLN A 337 18.07 -8.30 -9.70
N GLU A 338 17.58 -9.00 -8.68
CA GLU A 338 18.48 -9.53 -7.66
C GLU A 338 19.60 -10.30 -8.32
N LYS A 339 20.83 -9.92 -8.02
CA LYS A 339 22.01 -10.59 -8.54
C LYS A 339 22.02 -12.05 -8.07
N ASP A 340 21.87 -12.98 -9.00
CA ASP A 340 21.73 -14.40 -8.70
C ASP A 340 22.59 -15.20 -9.66
N GLU A 341 23.85 -15.40 -9.30
CA GLU A 341 24.77 -16.16 -10.14
C GLU A 341 25.45 -17.26 -9.33
N GLY A 342 24.68 -18.00 -8.57
CA GLY A 342 25.18 -19.13 -7.81
C GLY A 342 24.39 -20.37 -8.17
N LYS A 343 25.06 -21.51 -8.22
CA LYS A 343 24.48 -22.70 -8.82
C LYS A 343 24.84 -23.94 -8.03
N ARG A 344 24.76 -23.89 -6.71
CA ARG A 344 25.13 -25.05 -5.91
C ARG A 344 24.08 -25.32 -4.83
N VAL A 345 22.83 -25.47 -5.24
CA VAL A 345 21.68 -25.60 -4.33
C VAL A 345 22.01 -26.53 -3.17
N ILE A 346 21.60 -26.14 -1.97
CA ILE A 346 21.84 -26.90 -0.76
C ILE A 346 20.51 -27.49 -0.31
N GLU A 347 20.48 -28.80 -0.11
CA GLU A 347 19.24 -29.46 0.30
C GLU A 347 18.85 -29.06 1.72
N ARG A 348 19.82 -29.04 2.62
CA ARG A 348 19.59 -28.62 4.00
C ARG A 348 20.94 -28.26 4.57
N ALA A 349 21.10 -27.00 4.97
CA ALA A 349 22.38 -26.55 5.48
C ALA A 349 22.71 -27.24 6.80
N THR A 350 24.01 -27.36 7.06
CA THR A 350 24.48 -28.00 8.29
C THR A 350 24.82 -26.95 9.34
N GLY A 351 24.04 -25.87 9.38
CA GLY A 351 24.05 -24.93 10.49
C GLY A 351 25.11 -23.86 10.47
N ASP A 352 26.37 -24.22 10.21
CA ASP A 352 27.47 -23.29 10.37
C ASP A 352 27.32 -22.06 9.49
N VAL A 353 27.48 -20.89 10.09
CA VAL A 353 27.50 -19.61 9.39
C VAL A 353 28.68 -18.81 9.94
N GLU A 354 29.53 -18.30 9.06
CA GLU A 354 30.77 -17.61 9.53
C GLU A 354 30.94 -16.27 8.82
N PHE A 355 31.29 -15.22 9.57
CA PHE A 355 31.56 -13.90 8.96
C PHE A 355 33.08 -13.69 9.02
N ARG A 356 33.71 -13.42 7.88
CA ARG A 356 35.18 -13.15 7.89
C ARG A 356 35.42 -11.70 7.49
N ASN A 357 35.98 -10.88 8.40
CA ASN A 357 36.32 -9.47 8.10
C ASN A 357 35.33 -8.85 7.10
N VAL A 358 34.02 -9.03 7.32
CA VAL A 358 33.05 -8.38 6.44
C VAL A 358 32.92 -6.92 6.81
N THR A 359 32.77 -6.08 5.79
CA THR A 359 32.48 -4.66 5.91
C THR A 359 31.28 -4.38 5.03
N PHE A 360 30.29 -3.69 5.58
CA PHE A 360 29.07 -3.40 4.83
C PHE A 360 28.73 -1.93 4.91
N THR A 361 28.37 -1.36 3.77
CA THR A 361 27.86 -0.01 3.67
C THR A 361 26.54 -0.06 2.93
N TYR A 362 25.53 0.57 3.47
CA TYR A 362 24.24 0.62 2.81
C TYR A 362 24.34 1.47 1.54
N PRO A 363 23.53 1.17 0.53
CA PRO A 363 23.61 1.92 -0.73
C PRO A 363 23.38 3.41 -0.53
N GLY A 364 24.33 4.20 -1.02
CA GLY A 364 24.20 5.64 -0.95
C GLY A 364 24.20 6.20 0.47
N ARG A 365 25.08 5.70 1.32
CA ARG A 365 25.16 6.15 2.70
C ARG A 365 26.59 6.43 3.15
N ASP A 366 27.60 6.02 2.38
CA ASP A 366 28.98 6.49 2.49
C ASP A 366 29.61 6.35 3.88
N VAL A 367 28.93 5.68 4.80
CA VAL A 367 29.52 5.35 6.10
C VAL A 367 29.19 3.89 6.41
N PRO A 368 30.18 3.07 6.76
CA PRO A 368 29.91 1.65 7.02
C PRO A 368 28.94 1.43 8.16
N ALA A 369 28.08 0.43 8.01
CA ALA A 369 27.24 -0.03 9.09
C ALA A 369 27.89 -1.13 9.91
N LEU A 370 28.70 -1.97 9.27
CA LEU A 370 29.55 -2.94 9.94
C LEU A 370 30.96 -2.80 9.38
N ARG A 371 31.96 -3.03 10.21
CA ARG A 371 33.33 -2.67 9.85
C ARG A 371 34.27 -3.84 9.70
N ASN A 372 34.48 -4.66 10.72
CA ASN A 372 35.28 -5.88 10.57
C ASN A 372 34.64 -6.95 11.45
N ILE A 373 33.69 -7.67 10.89
CA ILE A 373 32.89 -8.61 11.65
C ILE A 373 33.51 -9.99 11.46
N ASN A 374 34.05 -10.55 12.54
CA ASN A 374 34.58 -11.90 12.57
C ASN A 374 33.73 -12.69 13.56
N LEU A 375 32.61 -13.20 13.07
CA LEU A 375 31.58 -13.76 13.93
C LEU A 375 31.25 -15.17 13.44
N LYS A 376 31.23 -16.12 14.36
CA LYS A 376 30.95 -17.51 14.04
C LYS A 376 29.62 -17.92 14.66
N ILE A 377 28.77 -18.57 13.87
CA ILE A 377 27.55 -19.15 14.38
C ILE A 377 27.62 -20.65 14.12
N PRO A 378 28.13 -21.42 15.06
CA PRO A 378 28.29 -22.87 14.83
C PRO A 378 26.95 -23.57 14.75
N ALA A 379 26.98 -24.77 14.17
CA ALA A 379 25.76 -25.57 14.06
C ALA A 379 25.32 -26.04 15.43
N GLY A 380 24.03 -25.91 15.70
CA GLY A 380 23.47 -26.31 16.97
C GLY A 380 23.64 -25.32 18.10
N LYS A 381 24.27 -24.17 17.85
CA LYS A 381 24.57 -23.24 18.91
C LYS A 381 23.71 -21.99 18.77
N THR A 382 23.69 -21.18 19.82
CA THR A 382 22.99 -19.91 19.80
C THR A 382 23.97 -18.77 20.03
N VAL A 383 23.91 -17.78 19.15
CA VAL A 383 24.57 -16.51 19.33
C VAL A 383 23.50 -15.45 19.58
N ALA A 384 23.71 -14.63 20.59
CA ALA A 384 22.80 -13.56 20.95
C ALA A 384 23.47 -12.23 20.68
N LEU A 385 22.88 -11.45 19.78
CA LEU A 385 23.39 -10.12 19.44
C LEU A 385 22.72 -9.09 20.34
N VAL A 386 23.53 -8.40 21.15
CA VAL A 386 23.02 -7.33 21.99
C VAL A 386 23.77 -6.05 21.64
N GLY A 387 23.21 -4.93 22.06
CA GLY A 387 23.77 -3.63 21.77
C GLY A 387 22.68 -2.60 21.68
N ARG A 388 23.10 -1.34 21.75
CA ARG A 388 22.16 -0.23 21.70
C ARG A 388 21.48 -0.14 20.33
N SER A 389 20.45 0.69 20.28
CA SER A 389 19.72 0.91 19.05
C SER A 389 20.61 1.57 18.02
N GLY A 390 20.50 1.10 16.77
CA GLY A 390 21.29 1.62 15.67
C GLY A 390 22.70 1.10 15.59
N SER A 391 23.03 0.02 16.29
CA SER A 391 24.39 -0.50 16.30
C SER A 391 24.69 -1.44 15.13
N GLY A 392 23.67 -2.09 14.56
CA GLY A 392 23.90 -2.89 13.40
C GLY A 392 23.54 -4.36 13.50
N LYS A 393 22.59 -4.69 14.38
CA LYS A 393 22.20 -6.08 14.57
C LYS A 393 21.28 -6.56 13.45
N SER A 394 20.23 -5.80 13.15
CA SER A 394 19.37 -6.16 12.02
C SER A 394 20.13 -6.14 10.72
N THR A 395 21.20 -5.35 10.63
CA THR A 395 22.04 -5.37 9.44
C THR A 395 22.74 -6.72 9.27
N ILE A 396 23.28 -7.26 10.36
CA ILE A 396 23.88 -8.60 10.29
C ILE A 396 22.83 -9.62 9.90
N ALA A 397 21.65 -9.55 10.52
CA ALA A 397 20.57 -10.46 10.19
C ALA A 397 20.21 -10.37 8.71
N SER A 398 20.16 -9.17 8.15
CA SER A 398 19.82 -9.00 6.74
C SER A 398 20.95 -9.40 5.80
N LEU A 399 22.18 -9.40 6.28
CA LEU A 399 23.28 -9.88 5.47
C LEU A 399 23.29 -11.40 5.39
N ILE A 400 22.85 -12.07 6.45
CA ILE A 400 22.78 -13.54 6.40
C ILE A 400 21.83 -14.01 5.31
N THR A 401 20.72 -13.30 5.11
CA THR A 401 19.71 -13.68 4.14
C THR A 401 19.98 -13.15 2.74
N ARG A 402 21.09 -12.44 2.52
CA ARG A 402 21.46 -11.85 1.24
C ARG A 402 20.44 -10.82 0.77
N PHE A 403 19.80 -10.11 1.70
CA PHE A 403 19.00 -8.95 1.31
C PHE A 403 19.89 -7.87 0.71
N TYR A 404 21.08 -7.72 1.27
CA TYR A 404 22.13 -6.87 0.72
C TYR A 404 23.39 -7.69 0.60
N ASP A 405 24.31 -7.21 -0.21
CA ASP A 405 25.57 -7.90 -0.45
C ASP A 405 26.70 -7.13 0.20
N ILE A 406 27.63 -7.87 0.79
CA ILE A 406 28.72 -7.26 1.53
C ILE A 406 29.75 -6.68 0.57
N ASP A 407 30.50 -5.71 1.06
CA ASP A 407 31.51 -4.99 0.29
C ASP A 407 32.88 -5.66 0.36
N GLU A 408 33.30 -6.07 1.55
CA GLU A 408 34.55 -6.80 1.73
C GLU A 408 34.28 -7.98 2.66
N GLY A 409 35.19 -8.93 2.67
CA GLY A 409 35.06 -10.10 3.51
C GLY A 409 34.22 -11.17 2.85
N GLU A 410 33.95 -12.24 3.61
CA GLU A 410 33.13 -13.32 3.11
C GLU A 410 32.19 -13.81 4.19
N ILE A 411 30.95 -14.09 3.80
CA ILE A 411 30.02 -14.81 4.66
C ILE A 411 29.91 -16.22 4.10
N LEU A 412 30.25 -17.20 4.92
CA LEU A 412 30.31 -18.59 4.51
C LEU A 412 29.20 -19.39 5.18
N MET A 413 28.60 -20.31 4.44
CA MET A 413 27.66 -21.28 4.98
C MET A 413 28.12 -22.66 4.56
N ASP A 414 28.43 -23.50 5.55
CA ASP A 414 28.97 -24.84 5.32
C ASP A 414 30.27 -24.80 4.54
N GLY A 415 31.06 -23.76 4.73
CA GLY A 415 32.34 -23.62 4.08
C GLY A 415 32.33 -22.88 2.77
N HIS A 416 31.16 -22.51 2.26
CA HIS A 416 31.05 -21.87 0.96
C HIS A 416 30.48 -20.48 1.11
N ASP A 417 30.89 -19.58 0.22
CA ASP A 417 30.35 -18.23 0.22
C ASP A 417 28.85 -18.27 -0.04
N LEU A 418 28.14 -17.30 0.55
CA LEU A 418 26.71 -17.23 0.34
C LEU A 418 26.38 -16.96 -1.13
N ARG A 419 27.19 -16.15 -1.79
CA ARG A 419 26.91 -15.80 -3.18
C ARG A 419 27.10 -16.98 -4.12
N GLU A 420 27.83 -18.01 -3.68
CA GLU A 420 27.97 -19.21 -4.48
C GLU A 420 26.67 -19.98 -4.62
N TYR A 421 25.70 -19.73 -3.75
CA TYR A 421 24.47 -20.50 -3.72
C TYR A 421 23.39 -19.87 -4.57
N THR A 422 22.42 -20.69 -4.95
CA THR A 422 21.16 -20.19 -5.49
C THR A 422 20.43 -19.39 -4.42
N LEU A 423 19.86 -18.25 -4.82
CA LEU A 423 19.17 -17.41 -3.84
C LEU A 423 18.04 -18.17 -3.17
N ALA A 424 17.20 -18.83 -3.98
CA ALA A 424 16.08 -19.57 -3.42
C ALA A 424 16.56 -20.71 -2.53
N SER A 425 17.61 -21.42 -2.97
CA SER A 425 18.16 -22.48 -2.16
C SER A 425 18.70 -21.94 -0.84
N LEU A 426 19.39 -20.80 -0.89
CA LEU A 426 19.92 -20.19 0.31
C LEU A 426 18.83 -19.81 1.29
N ARG A 427 17.77 -19.18 0.79
CA ARG A 427 16.73 -18.66 1.66
C ARG A 427 15.82 -19.74 2.20
N ASN A 428 15.86 -20.93 1.60
CA ASN A 428 15.15 -22.07 2.16
C ASN A 428 15.81 -22.59 3.43
N GLN A 429 16.98 -22.09 3.78
CA GLN A 429 17.66 -22.51 5.00
C GLN A 429 17.39 -21.60 6.18
N VAL A 430 16.71 -20.46 5.99
CA VAL A 430 16.57 -19.45 7.02
C VAL A 430 15.10 -19.24 7.33
N ALA A 431 14.78 -19.24 8.62
CA ALA A 431 13.46 -18.87 9.12
C ALA A 431 13.64 -17.64 9.99
N LEU A 432 12.93 -16.56 9.66
CA LEU A 432 13.19 -15.26 10.26
C LEU A 432 11.93 -14.67 10.83
N VAL A 433 11.97 -14.27 12.10
CA VAL A 433 10.98 -13.35 12.66
C VAL A 433 11.65 -12.00 12.70
N SER A 434 11.15 -11.06 11.90
CA SER A 434 11.80 -9.77 11.74
C SER A 434 11.43 -8.83 12.89
N GLN A 435 12.16 -7.72 12.98
CA GLN A 435 11.84 -6.72 13.98
C GLN A 435 10.48 -6.10 13.71
N ASN A 436 10.17 -5.85 12.44
CA ASN A 436 8.89 -5.28 12.04
C ASN A 436 8.05 -6.41 11.45
N VAL A 437 7.03 -6.82 12.18
CA VAL A 437 6.23 -7.98 11.80
C VAL A 437 5.25 -7.60 10.70
N HIS A 438 5.26 -8.35 9.61
CA HIS A 438 4.30 -8.18 8.52
C HIS A 438 3.48 -9.45 8.36
N LEU A 439 2.16 -9.31 8.39
CA LEU A 439 1.24 -10.42 8.19
C LEU A 439 0.40 -10.16 6.95
N PHE A 440 -0.22 -11.23 6.44
CA PHE A 440 -1.04 -11.16 5.24
C PHE A 440 -2.51 -11.28 5.62
N ASN A 441 -3.36 -10.64 4.82
CA ASN A 441 -4.80 -10.62 5.04
C ASN A 441 -5.39 -11.96 4.61
N ASP A 442 -5.21 -12.96 5.47
CA ASP A 442 -5.80 -14.26 5.27
C ASP A 442 -6.08 -14.84 6.66
N THR A 443 -6.28 -16.14 6.73
CA THR A 443 -6.61 -16.75 8.01
C THR A 443 -5.34 -16.99 8.82
N VAL A 444 -5.54 -17.34 10.09
CA VAL A 444 -4.41 -17.62 10.97
C VAL A 444 -3.60 -18.81 10.47
N ALA A 445 -4.29 -19.87 10.04
CA ALA A 445 -3.58 -21.05 9.54
C ALA A 445 -2.83 -20.72 8.26
N ASN A 446 -3.43 -19.95 7.35
CA ASN A 446 -2.74 -19.56 6.14
C ASN A 446 -1.55 -18.67 6.46
N ASN A 447 -1.68 -17.81 7.45
CA ASN A 447 -0.57 -16.96 7.84
C ASN A 447 0.57 -17.77 8.42
N ILE A 448 0.27 -18.78 9.23
CA ILE A 448 1.32 -19.59 9.82
C ILE A 448 2.01 -20.45 8.76
N ALA A 449 1.24 -20.99 7.81
CA ALA A 449 1.79 -21.80 6.73
C ALA A 449 1.84 -21.02 5.42
N TYR A 450 2.20 -19.73 5.48
CA TYR A 450 2.00 -18.77 4.40
C TYR A 450 2.26 -19.32 3.00
N ALA A 451 3.47 -19.79 2.74
CA ALA A 451 3.82 -20.22 1.40
C ALA A 451 3.86 -21.73 1.26
N ARG A 452 3.32 -22.46 2.23
CA ARG A 452 3.42 -23.91 2.29
C ARG A 452 2.09 -24.53 2.74
N THR A 453 0.99 -24.04 2.19
CA THR A 453 -0.33 -24.45 2.68
C THR A 453 -0.64 -25.90 2.35
N GLU A 454 0.06 -26.50 1.40
CA GLU A 454 -0.17 -27.89 1.04
C GLU A 454 0.84 -28.84 1.68
N GLN A 455 1.92 -28.33 2.23
CA GLN A 455 2.96 -29.18 2.78
C GLN A 455 2.78 -29.47 4.25
N TYR A 456 2.10 -28.59 4.99
CA TYR A 456 1.97 -28.71 6.44
C TYR A 456 0.54 -29.08 6.81
N SER A 457 0.40 -30.10 7.64
CA SER A 457 -0.88 -30.54 8.15
C SER A 457 -1.40 -29.55 9.19
N ARG A 458 -2.73 -29.55 9.37
CA ARG A 458 -3.32 -28.70 10.40
C ARG A 458 -2.84 -29.07 11.79
N GLU A 459 -2.49 -30.35 12.00
CA GLU A 459 -1.91 -30.75 13.26
C GLU A 459 -0.53 -30.11 13.45
N GLN A 460 0.26 -30.05 12.40
CA GLN A 460 1.55 -29.37 12.47
C GLN A 460 1.38 -27.89 12.73
N ILE A 461 0.37 -27.26 12.11
CA ILE A 461 0.09 -25.85 12.36
C ILE A 461 -0.31 -25.62 13.80
N GLU A 462 -1.13 -26.51 14.35
CA GLU A 462 -1.52 -26.39 15.75
C GLU A 462 -0.32 -26.56 16.68
N GLU A 463 0.58 -27.48 16.36
CA GLU A 463 1.78 -27.64 17.17
C GLU A 463 2.65 -26.38 17.10
N ALA A 464 2.77 -25.77 15.92
CA ALA A 464 3.53 -24.54 15.80
C ALA A 464 2.91 -23.43 16.62
N ALA A 465 1.60 -23.26 16.51
CA ALA A 465 0.92 -22.22 17.26
C ALA A 465 1.00 -22.47 18.76
N ARG A 466 1.09 -23.73 19.18
CA ARG A 466 1.23 -24.03 20.59
C ARG A 466 2.65 -23.79 21.09
N MET A 467 3.65 -24.00 20.23
CA MET A 467 5.03 -23.64 20.57
C MET A 467 5.21 -22.14 20.66
N ALA A 468 4.36 -21.37 20.01
CA ALA A 468 4.45 -19.91 20.02
C ALA A 468 3.49 -19.28 21.01
N TYR A 469 2.91 -20.07 21.91
CA TYR A 469 1.98 -19.58 22.93
C TYR A 469 0.80 -18.84 22.31
N ALA A 470 0.52 -19.10 21.04
CA ALA A 470 -0.60 -18.48 20.35
C ALA A 470 -1.85 -19.34 20.38
N MET A 471 -1.78 -20.54 20.93
CA MET A 471 -2.92 -21.46 20.87
C MET A 471 -4.03 -21.00 21.81
N ASP A 472 -3.69 -20.27 22.86
CA ASP A 472 -4.70 -19.83 23.83
C ASP A 472 -5.62 -18.76 23.23
N PHE A 473 -5.05 -17.73 22.62
CA PHE A 473 -5.91 -16.68 22.08
C PHE A 473 -6.55 -17.07 20.76
N ILE A 474 -6.00 -18.06 20.06
CA ILE A 474 -6.66 -18.55 18.86
C ILE A 474 -7.93 -19.30 19.21
N ASN A 475 -7.91 -20.07 20.29
CA ASN A 475 -9.11 -20.79 20.71
C ASN A 475 -10.18 -19.86 21.25
N LYS A 476 -9.84 -18.63 21.59
CA LYS A 476 -10.83 -17.63 22.00
C LYS A 476 -11.35 -16.81 20.83
N MET A 477 -10.89 -17.08 19.62
CA MET A 477 -11.45 -16.42 18.46
C MET A 477 -12.72 -17.14 18.02
N ASP A 478 -13.64 -16.37 17.42
CA ASP A 478 -14.95 -16.91 17.09
C ASP A 478 -14.93 -17.84 15.89
N ASN A 479 -13.79 -17.98 15.24
CA ASN A 479 -13.68 -18.87 14.09
C ASN A 479 -12.55 -19.89 14.21
N GLY A 480 -11.77 -19.85 15.28
CA GLY A 480 -10.65 -20.76 15.42
C GLY A 480 -9.47 -20.33 14.58
N LEU A 481 -8.70 -21.31 14.12
CA LEU A 481 -7.54 -21.06 13.27
C LEU A 481 -7.98 -20.55 11.91
N ASP A 482 -9.29 -20.52 11.67
CA ASP A 482 -9.85 -20.07 10.42
C ASP A 482 -10.39 -18.65 10.50
N THR A 483 -10.12 -17.96 11.61
CA THR A 483 -10.44 -16.55 11.71
C THR A 483 -9.60 -15.75 10.74
N VAL A 484 -10.23 -14.82 10.04
CA VAL A 484 -9.49 -13.94 9.16
C VAL A 484 -8.97 -12.77 9.98
N ILE A 485 -7.68 -12.47 9.83
CA ILE A 485 -7.07 -11.37 10.50
C ILE A 485 -7.02 -10.20 9.52
N GLY A 486 -6.72 -9.01 10.03
CA GLY A 486 -6.81 -7.84 9.19
C GLY A 486 -5.75 -7.79 8.11
N GLU A 487 -5.64 -6.61 7.50
CA GLU A 487 -4.72 -6.43 6.38
C GLU A 487 -3.28 -6.66 6.79
N ASN A 488 -2.89 -6.16 7.95
CA ASN A 488 -1.60 -6.47 8.54
C ASN A 488 -1.80 -7.11 9.91
N GLY A 489 -2.79 -7.99 10.01
CA GLY A 489 -3.18 -8.51 11.30
C GLY A 489 -3.79 -7.45 12.20
N VAL A 490 -4.45 -6.46 11.62
CA VAL A 490 -4.95 -5.32 12.40
C VAL A 490 -5.99 -5.74 13.41
N LEU A 491 -6.69 -6.85 13.18
CA LEU A 491 -7.71 -7.30 14.10
C LEU A 491 -7.14 -8.11 15.26
N LEU A 492 -5.85 -7.98 15.51
CA LEU A 492 -5.15 -8.65 16.59
C LEU A 492 -4.39 -7.63 17.42
N SER A 493 -4.07 -8.00 18.64
CA SER A 493 -3.19 -7.17 19.44
C SER A 493 -1.76 -7.33 18.96
N GLY A 494 -0.89 -6.44 19.44
CA GLY A 494 0.50 -6.46 18.97
C GLY A 494 1.24 -7.72 19.35
N GLY A 495 1.11 -8.14 20.61
CA GLY A 495 1.74 -9.37 21.03
C GLY A 495 1.18 -10.59 20.32
N GLN A 496 -0.11 -10.57 19.99
CA GLN A 496 -0.70 -11.65 19.24
C GLN A 496 -0.12 -11.73 17.82
N ARG A 497 0.08 -10.58 17.18
CA ARG A 497 0.72 -10.57 15.87
C ARG A 497 2.15 -11.09 15.95
N GLN A 498 2.90 -10.65 16.96
CA GLN A 498 4.25 -11.15 17.15
C GLN A 498 4.25 -12.66 17.30
N ARG A 499 3.34 -13.19 18.12
CA ARG A 499 3.30 -14.62 18.37
C ARG A 499 2.92 -15.39 17.12
N ILE A 500 2.04 -14.83 16.29
CA ILE A 500 1.71 -15.49 15.03
C ILE A 500 2.92 -15.56 14.12
N ALA A 501 3.69 -14.47 14.04
CA ALA A 501 4.90 -14.51 13.22
C ALA A 501 5.92 -15.50 13.76
N ILE A 502 6.01 -15.60 15.09
CA ILE A 502 6.89 -16.60 15.69
C ILE A 502 6.47 -18.01 15.29
N ALA A 503 5.16 -18.28 15.33
CA ALA A 503 4.66 -19.58 14.91
C ALA A 503 4.93 -19.84 13.43
N ARG A 504 4.79 -18.81 12.61
CA ARG A 504 5.11 -18.94 11.19
C ARG A 504 6.55 -19.37 10.98
N ALA A 505 7.48 -18.76 11.72
CA ALA A 505 8.88 -19.14 11.57
C ALA A 505 9.17 -20.51 12.17
N LEU A 506 8.49 -20.89 13.25
CA LEU A 506 8.73 -22.17 13.89
C LEU A 506 8.15 -23.34 13.12
N LEU A 507 7.12 -23.11 12.30
CA LEU A 507 6.54 -24.19 11.52
C LEU A 507 7.59 -24.85 10.63
N ARG A 508 8.47 -24.05 10.06
CA ARG A 508 9.52 -24.55 9.17
C ARG A 508 10.76 -24.83 10.01
N ASP A 509 11.08 -26.11 10.19
CA ASP A 509 12.26 -26.43 10.97
C ASP A 509 13.51 -26.12 10.15
N SER A 510 13.73 -24.86 9.89
CA SER A 510 14.89 -24.45 9.13
C SER A 510 16.16 -24.60 9.97
N PRO A 511 17.27 -25.01 9.36
CA PRO A 511 18.51 -25.14 10.13
C PRO A 511 19.00 -23.84 10.75
N ILE A 512 18.61 -22.69 10.22
CA ILE A 512 19.05 -21.39 10.74
C ILE A 512 17.82 -20.56 11.06
N LEU A 513 17.64 -20.23 12.33
CA LEU A 513 16.50 -19.46 12.80
C LEU A 513 16.99 -18.15 13.37
N ILE A 514 16.46 -17.04 12.88
CA ILE A 514 16.81 -15.71 13.34
C ILE A 514 15.59 -15.06 13.95
N LEU A 515 15.70 -14.69 15.22
CA LEU A 515 14.69 -13.90 15.90
C LEU A 515 15.22 -12.49 16.11
N ASP A 516 14.47 -11.49 15.65
CA ASP A 516 14.89 -10.10 15.65
C ASP A 516 13.97 -9.34 16.61
N GLU A 517 14.33 -9.35 17.89
CA GLU A 517 13.52 -8.77 18.95
C GLU A 517 12.10 -9.34 18.92
N ALA A 518 12.03 -10.66 19.01
CA ALA A 518 10.78 -11.38 18.84
C ALA A 518 9.95 -11.45 20.11
N THR A 519 10.37 -10.77 21.18
CA THR A 519 9.62 -10.73 22.42
C THR A 519 9.27 -9.31 22.81
N SER A 520 9.35 -8.37 21.87
CA SER A 520 9.27 -6.95 22.17
C SER A 520 7.86 -6.55 22.61
N ALA A 521 6.83 -7.13 22.01
CA ALA A 521 5.46 -6.75 22.29
C ALA A 521 4.80 -7.67 23.29
N LEU A 522 5.56 -8.54 23.95
CA LEU A 522 5.04 -9.57 24.80
C LEU A 522 5.28 -9.25 26.26
N ASP A 523 4.50 -9.87 27.13
CA ASP A 523 4.68 -9.76 28.56
C ASP A 523 5.55 -10.88 29.09
N THR A 524 6.17 -10.64 30.26
CA THR A 524 7.24 -11.49 30.75
C THR A 524 6.85 -12.97 30.78
N GLU A 525 5.64 -13.28 31.23
CA GLU A 525 5.22 -14.68 31.32
C GLU A 525 5.07 -15.31 29.94
N SER A 526 4.55 -14.56 28.98
CA SER A 526 4.44 -15.04 27.62
C SER A 526 5.81 -15.33 27.02
N GLU A 527 6.79 -14.45 27.26
CA GLU A 527 8.13 -14.67 26.74
C GLU A 527 8.79 -15.86 27.42
N ARG A 528 8.53 -16.07 28.71
CA ARG A 528 9.07 -17.24 29.38
C ARG A 528 8.53 -18.52 28.78
N ALA A 529 7.22 -18.55 28.49
CA ALA A 529 6.64 -19.71 27.85
C ALA A 529 7.27 -19.96 26.47
N ILE A 530 7.39 -18.90 25.67
CA ILE A 530 7.97 -19.03 24.35
C ILE A 530 9.42 -19.50 24.44
N GLN A 531 10.16 -18.98 25.42
CA GLN A 531 11.55 -19.36 25.60
C GLN A 531 11.68 -20.82 26.01
N ALA A 532 10.75 -21.31 26.84
CA ALA A 532 10.75 -22.73 27.19
C ALA A 532 10.52 -23.60 25.97
N ALA A 533 9.58 -23.20 25.12
CA ALA A 533 9.35 -23.96 23.88
C ALA A 533 10.58 -23.92 22.98
N LEU A 534 11.22 -22.75 22.89
CA LEU A 534 12.42 -22.63 22.07
C LEU A 534 13.53 -23.51 22.59
N ASP A 535 13.62 -23.66 23.92
CA ASP A 535 14.66 -24.54 24.54
C ASP A 535 14.72 -25.90 23.82
N GLU A 536 13.69 -26.73 23.95
CA GLU A 536 13.72 -28.10 23.36
C GLU A 536 13.77 -28.08 21.82
N LEU A 537 13.00 -27.20 21.18
CA LEU A 537 12.95 -27.21 19.69
C LEU A 537 14.32 -26.85 19.10
N GLN A 538 15.00 -25.86 19.68
CA GLN A 538 16.28 -25.37 19.08
C GLN A 538 17.48 -25.82 19.90
N LYS A 539 17.51 -27.07 20.36
CA LYS A 539 18.71 -27.54 21.06
C LYS A 539 19.78 -28.01 20.09
N ASN A 540 19.41 -28.32 18.86
CA ASN A 540 20.36 -28.71 17.84
C ASN A 540 20.14 -27.96 16.52
N ARG A 541 19.46 -26.82 16.57
CA ARG A 541 19.36 -25.93 15.43
C ARG A 541 20.34 -24.77 15.62
N THR A 542 20.68 -24.12 14.52
CA THR A 542 21.44 -22.88 14.59
C THR A 542 20.49 -21.71 14.83
N SER A 543 20.80 -20.88 15.83
CA SER A 543 19.91 -19.83 16.24
C SER A 543 20.68 -18.53 16.41
N LEU A 544 20.06 -17.43 15.97
CA LEU A 544 20.60 -16.09 16.17
C LEU A 544 19.50 -15.22 16.75
N VAL A 545 19.70 -14.75 17.98
CA VAL A 545 18.70 -13.99 18.72
C VAL A 545 19.21 -12.57 18.90
N ILE A 546 18.41 -11.61 18.47
CA ILE A 546 18.69 -10.19 18.64
C ILE A 546 17.75 -9.68 19.72
N ALA A 547 18.31 -9.30 20.85
CA ALA A 547 17.51 -8.94 22.00
C ALA A 547 17.97 -7.61 22.57
N HIS A 548 17.01 -6.84 23.10
CA HIS A 548 17.36 -5.60 23.84
C HIS A 548 17.13 -5.92 25.31
N ARG A 549 16.56 -7.11 25.58
CA ARG A 549 16.31 -7.56 26.98
C ARG A 549 17.26 -8.72 27.27
N LEU A 550 17.94 -8.71 28.41
CA LEU A 550 18.96 -9.76 28.68
C LEU A 550 18.35 -11.01 29.32
N SER A 551 17.13 -10.93 29.87
CA SER A 551 16.51 -12.13 30.40
C SER A 551 16.16 -13.12 29.31
N THR A 552 16.02 -12.66 28.08
CA THR A 552 15.69 -13.54 26.97
C THR A 552 16.88 -14.39 26.54
N ILE A 553 18.09 -13.87 26.69
CA ILE A 553 19.27 -14.43 26.05
C ILE A 553 20.28 -14.96 27.07
N GLU A 554 19.85 -15.21 28.31
CA GLU A 554 20.79 -15.57 29.36
C GLU A 554 21.44 -16.93 29.12
N LYS A 555 20.75 -17.84 28.43
CA LYS A 555 21.29 -19.17 28.19
C LYS A 555 22.02 -19.31 26.87
N ALA A 556 22.21 -18.23 26.12
CA ALA A 556 22.83 -18.35 24.81
C ALA A 556 24.28 -18.79 24.92
N ASP A 557 24.73 -19.55 23.92
CA ASP A 557 26.08 -20.09 23.96
C ASP A 557 27.13 -19.00 23.82
N GLU A 558 26.93 -18.09 22.87
CA GLU A 558 27.81 -16.93 22.76
C GLU A 558 26.97 -15.66 22.73
N ILE A 559 27.23 -14.77 23.67
CA ILE A 559 26.69 -13.41 23.63
C ILE A 559 27.72 -12.53 22.95
N VAL A 560 27.26 -11.68 22.03
CA VAL A 560 28.11 -10.77 21.30
C VAL A 560 27.53 -9.37 21.45
N VAL A 561 28.36 -8.43 21.89
CA VAL A 561 27.95 -7.04 22.09
C VAL A 561 28.45 -6.22 20.91
N VAL A 562 27.56 -5.47 20.29
CA VAL A 562 27.84 -4.70 19.10
C VAL A 562 27.71 -3.23 19.43
N GLU A 563 28.58 -2.40 18.87
CA GLU A 563 28.44 -0.97 19.02
C GLU A 563 28.95 -0.26 17.78
N ASP A 564 28.11 0.62 17.22
CA ASP A 564 28.46 1.40 16.03
C ASP A 564 28.96 0.54 14.89
N GLY A 565 28.63 -0.75 14.90
CA GLY A 565 29.04 -1.64 13.84
C GLY A 565 30.33 -2.40 14.07
N VAL A 566 30.83 -2.46 15.31
CA VAL A 566 31.97 -3.30 15.63
C VAL A 566 31.61 -4.17 16.82
N ILE A 567 32.13 -5.40 16.81
CA ILE A 567 32.02 -6.29 17.96
C ILE A 567 32.97 -5.78 19.05
N VAL A 568 32.42 -5.49 20.22
CA VAL A 568 33.25 -4.90 21.28
C VAL A 568 33.55 -5.94 22.35
N GLU A 569 32.66 -6.92 22.54
CA GLU A 569 32.93 -8.04 23.41
C GLU A 569 32.18 -9.27 22.91
N ARG A 570 32.64 -10.44 23.32
CA ARG A 570 31.93 -11.68 23.08
C ARG A 570 32.26 -12.66 24.20
N GLY A 571 31.31 -13.50 24.54
CA GLY A 571 31.51 -14.49 25.58
C GLY A 571 30.20 -14.99 26.13
N THR A 572 30.32 -15.88 27.11
CA THR A 572 29.15 -16.44 27.75
C THR A 572 28.67 -15.52 28.88
N HIS A 573 27.46 -15.81 29.38
CA HIS A 573 26.82 -14.91 30.32
C HIS A 573 27.65 -14.73 31.58
N ASN A 574 28.14 -15.83 32.15
CA ASN A 574 28.91 -15.72 33.39
C ASN A 574 30.28 -15.11 33.13
N ASP A 575 30.93 -15.51 32.04
CA ASP A 575 32.22 -14.93 31.69
C ASP A 575 32.11 -13.45 31.36
N LEU A 576 30.98 -13.03 30.82
CA LEU A 576 30.74 -11.62 30.54
C LEU A 576 30.32 -10.84 31.77
N LEU A 577 29.70 -11.50 32.76
CA LEU A 577 29.39 -10.84 34.01
C LEU A 577 30.62 -10.67 34.87
N GLU A 578 31.58 -11.58 34.73
CA GLU A 578 32.96 -11.26 35.07
C GLU A 578 33.45 -10.28 34.01
N HIS A 579 34.73 -9.95 34.03
CA HIS A 579 35.32 -9.18 32.94
C HIS A 579 34.80 -7.76 32.94
N ARG A 580 33.75 -7.51 33.71
CA ARG A 580 33.21 -6.18 34.04
C ARG A 580 33.28 -5.19 32.89
N GLY A 581 32.82 -5.61 31.71
CA GLY A 581 32.81 -4.74 30.55
C GLY A 581 31.44 -4.22 30.19
N VAL A 582 31.19 -4.05 28.89
CA VAL A 582 29.95 -3.43 28.43
C VAL A 582 28.74 -4.26 28.83
N TYR A 583 28.83 -5.58 28.67
CA TYR A 583 27.70 -6.42 29.04
C TYR A 583 27.42 -6.35 30.53
N ALA A 584 28.46 -6.21 31.35
CA ALA A 584 28.24 -6.06 32.79
C ALA A 584 27.44 -4.80 33.10
N GLN A 585 27.77 -3.69 32.44
CA GLN A 585 27.00 -2.47 32.60
C GLN A 585 25.57 -2.61 32.13
N LEU A 586 25.33 -3.23 30.98
CA LEU A 586 23.95 -3.43 30.53
C LEU A 586 23.17 -4.28 31.52
N HIS A 587 23.77 -5.36 32.01
CA HIS A 587 23.08 -6.24 32.94
C HIS A 587 22.81 -5.53 34.26
N LYS A 588 23.75 -4.73 34.73
CA LYS A 588 23.57 -4.03 35.99
C LYS A 588 22.45 -3.01 35.91
N MET A 589 22.37 -2.29 34.79
CA MET A 589 21.36 -1.25 34.65
C MET A 589 20.02 -1.79 34.16
N GLN A 590 19.93 -3.08 33.90
CA GLN A 590 18.65 -3.72 33.59
C GLN A 590 18.19 -4.57 34.76
N ASN B 14 -23.67 -0.24 -2.62
CA ASN B 14 -23.95 -1.03 -3.84
C ASN B 14 -24.57 -0.18 -4.96
N ASP B 15 -24.40 -0.60 -6.21
CA ASP B 15 -24.84 0.22 -7.35
C ASP B 15 -25.83 -0.52 -8.23
N LYS B 16 -27.11 -0.10 -8.23
CA LYS B 16 -28.04 -0.59 -9.23
C LYS B 16 -27.80 0.11 -10.57
N ASP B 17 -27.81 -0.67 -11.64
CA ASP B 17 -27.71 -0.09 -12.97
C ASP B 17 -28.88 0.85 -13.21
N LEU B 18 -28.59 2.12 -13.47
CA LEU B 18 -29.70 3.04 -13.64
C LEU B 18 -30.08 3.21 -15.10
N SER B 19 -29.27 3.98 -15.83
CA SER B 19 -29.43 4.30 -17.24
C SER B 19 -28.34 5.32 -17.56
N THR B 20 -28.21 5.70 -18.82
CA THR B 20 -27.30 6.79 -19.15
C THR B 20 -27.89 8.15 -18.76
N TRP B 21 -29.16 8.36 -19.04
CA TRP B 21 -29.77 9.64 -18.72
C TRP B 21 -29.81 9.87 -17.21
N GLN B 22 -30.08 8.81 -16.44
CA GLN B 22 -30.15 8.97 -15.00
C GLN B 22 -28.79 9.33 -14.42
N THR B 23 -27.71 8.71 -14.89
CA THR B 23 -26.42 9.06 -14.34
C THR B 23 -25.98 10.46 -14.75
N PHE B 24 -26.41 10.93 -15.91
CA PHE B 24 -26.11 12.32 -16.23
C PHE B 24 -26.93 13.28 -15.38
N ARG B 25 -28.16 12.92 -15.04
CA ARG B 25 -28.97 13.78 -14.13
C ARG B 25 -28.26 13.83 -12.76
N ARG B 26 -27.76 12.70 -12.28
CA ARG B 26 -27.03 12.65 -10.99
C ARG B 26 -25.75 13.48 -11.07
N LEU B 27 -25.05 13.44 -12.21
CA LEU B 27 -23.76 14.17 -12.36
C LEU B 27 -24.00 15.66 -12.59
N TRP B 28 -25.22 16.06 -12.95
CA TRP B 28 -25.45 17.46 -13.29
C TRP B 28 -25.01 18.47 -12.22
N PRO B 29 -25.24 18.26 -10.92
CA PRO B 29 -24.75 19.24 -9.94
C PRO B 29 -23.25 19.45 -9.99
N THR B 30 -22.48 18.44 -10.40
CA THR B 30 -21.05 18.62 -10.55
C THR B 30 -20.71 19.41 -11.82
N ILE B 31 -21.41 19.14 -12.93
CA ILE B 31 -21.17 19.83 -14.18
C ILE B 31 -21.76 21.23 -14.20
N ALA B 32 -22.61 21.57 -13.25
CA ALA B 32 -23.29 22.87 -13.27
C ALA B 32 -22.34 24.06 -13.20
N PRO B 33 -21.27 24.07 -12.40
CA PRO B 33 -20.38 25.24 -12.42
C PRO B 33 -19.76 25.52 -13.78
N PHE B 34 -19.77 24.56 -14.69
CA PHE B 34 -19.05 24.68 -15.96
C PHE B 34 -20.01 24.73 -17.14
N LYS B 35 -21.08 25.52 -17.01
CA LYS B 35 -22.13 25.57 -18.02
C LYS B 35 -21.68 26.30 -19.29
N ALA B 36 -20.79 27.29 -19.16
CA ALA B 36 -20.47 28.15 -20.29
C ALA B 36 -19.75 27.39 -21.39
N GLY B 37 -18.76 26.58 -21.00
CA GLY B 37 -18.06 25.76 -21.98
C GLY B 37 -19.00 24.79 -22.67
N LEU B 38 -19.95 24.24 -21.92
CA LEU B 38 -20.91 23.33 -22.55
C LEU B 38 -21.77 24.06 -23.57
N ILE B 39 -22.20 25.28 -23.25
CA ILE B 39 -23.05 26.04 -24.17
C ILE B 39 -22.30 26.35 -25.45
N VAL B 40 -21.06 26.84 -25.32
CA VAL B 40 -20.29 27.18 -26.50
C VAL B 40 -19.98 25.93 -27.32
N ALA B 41 -19.75 24.79 -26.65
CA ALA B 41 -19.50 23.55 -27.37
C ALA B 41 -20.73 23.06 -28.09
N GLY B 42 -21.92 23.27 -27.52
CA GLY B 42 -23.14 22.94 -28.23
C GLY B 42 -23.31 23.77 -29.49
N VAL B 43 -23.02 25.06 -29.39
CA VAL B 43 -23.09 25.91 -30.58
C VAL B 43 -22.09 25.43 -31.64
N ALA B 44 -20.88 25.10 -31.20
CA ALA B 44 -19.86 24.62 -32.12
C ALA B 44 -20.27 23.30 -32.77
N LEU B 45 -20.88 22.42 -31.99
CA LEU B 45 -21.34 21.14 -32.53
C LEU B 45 -22.43 21.34 -33.58
N ILE B 46 -23.36 22.25 -33.34
CA ILE B 46 -24.39 22.53 -34.35
C ILE B 46 -23.74 23.05 -35.63
N LEU B 47 -22.80 23.98 -35.50
CA LEU B 47 -22.14 24.51 -36.70
C LEU B 47 -21.34 23.44 -37.42
N ASN B 48 -20.67 22.56 -36.68
CA ASN B 48 -19.89 21.49 -37.29
C ASN B 48 -20.78 20.52 -38.05
N ALA B 49 -21.91 20.14 -37.47
CA ALA B 49 -22.85 19.26 -38.15
C ALA B 49 -23.41 19.94 -39.40
N ALA B 50 -23.71 21.23 -39.30
CA ALA B 50 -24.19 21.96 -40.47
C ALA B 50 -23.17 21.93 -41.59
N SER B 51 -21.90 22.17 -41.26
CA SER B 51 -20.86 22.13 -42.28
C SER B 51 -20.76 20.76 -42.92
N ASP B 52 -20.81 19.70 -42.10
CA ASP B 52 -20.74 18.35 -42.64
C ASP B 52 -21.88 18.08 -43.62
N THR B 53 -23.10 18.39 -43.19
CA THR B 53 -24.27 18.11 -44.02
C THR B 53 -24.26 18.92 -45.30
N PHE B 54 -23.89 20.20 -45.23
CA PHE B 54 -23.87 21.01 -46.44
C PHE B 54 -22.82 20.50 -47.41
N MET B 55 -21.66 20.11 -46.91
CA MET B 55 -20.66 19.52 -47.79
C MET B 55 -21.15 18.26 -48.45
N LEU B 56 -21.84 17.39 -47.72
CA LEU B 56 -22.33 16.17 -48.37
C LEU B 56 -23.57 16.44 -49.23
N SER B 57 -24.17 17.63 -49.10
CA SER B 57 -25.29 18.02 -49.94
C SER B 57 -24.85 18.61 -51.26
N LEU B 58 -23.65 19.16 -51.33
CA LEU B 58 -23.16 19.82 -52.56
C LEU B 58 -23.29 18.96 -53.82
N LEU B 59 -23.52 17.65 -53.66
CA LEU B 59 -23.68 16.76 -54.80
C LEU B 59 -24.74 17.28 -55.77
N LYS B 60 -25.92 17.60 -55.26
CA LYS B 60 -27.07 17.82 -56.14
C LYS B 60 -26.85 18.96 -57.12
N PRO B 61 -26.32 20.13 -56.72
CA PRO B 61 -25.89 21.08 -57.76
C PRO B 61 -24.87 20.51 -58.70
N LEU B 62 -23.89 19.76 -58.18
CA LEU B 62 -22.82 19.23 -59.03
C LEU B 62 -23.35 18.24 -60.05
N LEU B 63 -24.43 17.52 -59.72
CA LEU B 63 -24.97 16.53 -60.62
C LEU B 63 -26.03 17.13 -61.55
N ASP B 64 -27.03 17.80 -60.98
CA ASP B 64 -28.08 18.42 -61.78
C ASP B 64 -27.50 19.50 -62.70
N ASP B 65 -26.89 20.52 -62.12
CA ASP B 65 -26.16 21.49 -62.92
C ASP B 65 -24.89 20.81 -63.39
N GLY B 66 -24.97 20.15 -64.55
CA GLY B 66 -23.93 19.23 -64.96
C GLY B 66 -22.61 19.90 -65.27
N PHE B 67 -21.61 19.05 -65.47
CA PHE B 67 -20.27 19.53 -65.82
C PHE B 67 -20.29 20.28 -67.15
N GLY B 68 -21.02 19.77 -68.13
CA GLY B 68 -21.15 20.44 -69.40
C GLY B 68 -22.59 20.57 -69.85
N LYS B 69 -23.49 19.84 -69.18
CA LYS B 69 -24.91 19.90 -69.54
C LYS B 69 -25.49 21.29 -69.27
N THR B 70 -25.10 21.90 -68.16
CA THR B 70 -25.56 23.23 -67.79
C THR B 70 -24.38 24.18 -67.81
N ASP B 71 -24.63 25.49 -67.80
CA ASP B 71 -23.51 26.47 -67.70
C ASP B 71 -22.61 26.07 -66.52
N ARG B 72 -21.29 26.08 -66.70
CA ARG B 72 -20.36 25.59 -65.62
C ARG B 72 -20.52 26.45 -64.37
N SER B 73 -20.72 27.77 -64.52
CA SER B 73 -20.99 28.72 -63.39
C SER B 73 -20.64 28.23 -61.99
N VAL B 74 -21.44 27.31 -61.42
CA VAL B 74 -21.22 26.89 -59.99
C VAL B 74 -19.83 26.26 -59.83
N LEU B 75 -19.41 25.45 -60.80
CA LEU B 75 -18.10 24.75 -60.71
C LEU B 75 -16.97 25.75 -60.41
N VAL B 76 -17.12 27.03 -60.81
CA VAL B 76 -16.02 27.96 -60.63
C VAL B 76 -15.85 28.33 -59.16
N TRP B 77 -16.96 28.66 -58.49
CA TRP B 77 -16.88 29.03 -57.08
C TRP B 77 -16.96 27.84 -56.13
N MET B 78 -17.27 26.65 -56.64
CA MET B 78 -17.39 25.49 -55.77
C MET B 78 -16.12 25.13 -54.99
N PRO B 79 -14.90 25.15 -55.57
CA PRO B 79 -13.73 24.84 -54.74
C PRO B 79 -13.54 25.79 -53.57
N LEU B 80 -13.78 27.09 -53.76
CA LEU B 80 -13.60 28.04 -52.67
C LEU B 80 -14.64 27.81 -51.57
N VAL B 81 -15.87 27.45 -51.97
CA VAL B 81 -16.88 27.09 -50.98
C VAL B 81 -16.42 25.88 -50.18
N VAL B 82 -15.84 24.89 -50.85
CA VAL B 82 -15.38 23.70 -50.14
C VAL B 82 -14.28 24.06 -49.14
N ILE B 83 -13.31 24.86 -49.57
CA ILE B 83 -12.19 25.20 -48.69
C ILE B 83 -12.66 26.05 -47.52
N GLY B 84 -13.58 26.99 -47.76
CA GLY B 84 -14.11 27.79 -46.68
C GLY B 84 -14.93 26.98 -45.69
N LEU B 85 -15.75 26.06 -46.19
CA LEU B 85 -16.51 25.22 -45.28
C LEU B 85 -15.61 24.32 -44.46
N MET B 86 -14.50 23.86 -45.05
CA MET B 86 -13.49 23.13 -44.30
C MET B 86 -12.82 23.99 -43.24
N ILE B 87 -12.55 25.25 -43.57
CA ILE B 87 -11.96 26.18 -42.61
C ILE B 87 -12.87 26.31 -41.39
N LEU B 88 -14.15 26.59 -41.65
CA LEU B 88 -15.13 26.74 -40.58
C LEU B 88 -15.31 25.45 -39.79
N ARG B 89 -15.30 24.32 -40.50
CA ARG B 89 -15.48 23.03 -39.84
C ARG B 89 -14.34 22.75 -38.90
N GLY B 90 -13.11 23.02 -39.33
CA GLY B 90 -11.97 22.85 -38.44
C GLY B 90 -12.07 23.72 -37.20
N ILE B 91 -12.44 24.98 -37.37
CA ILE B 91 -12.52 25.88 -36.23
C ILE B 91 -13.57 25.39 -35.23
N THR B 92 -14.75 25.05 -35.73
CA THR B 92 -15.83 24.64 -34.83
C THR B 92 -15.52 23.31 -34.17
N SER B 93 -14.89 22.38 -34.89
CA SER B 93 -14.50 21.12 -34.29
C SER B 93 -13.48 21.33 -33.18
N TYR B 94 -12.49 22.20 -33.41
CA TYR B 94 -11.52 22.47 -32.36
C TYR B 94 -12.19 23.04 -31.13
N VAL B 95 -13.05 24.04 -31.31
CA VAL B 95 -13.70 24.67 -30.16
C VAL B 95 -14.54 23.66 -29.40
N SER B 96 -15.32 22.87 -30.12
CA SER B 96 -16.19 21.90 -29.47
C SER B 96 -15.38 20.88 -28.68
N SER B 97 -14.35 20.30 -29.32
CA SER B 97 -13.55 19.30 -28.64
C SER B 97 -12.87 19.87 -27.41
N TYR B 98 -12.25 21.05 -27.55
CA TYR B 98 -11.53 21.62 -26.42
C TYR B 98 -12.46 21.90 -25.26
N CYS B 99 -13.62 22.49 -25.53
CA CYS B 99 -14.50 22.84 -24.42
C CYS B 99 -15.08 21.62 -23.75
N ILE B 100 -15.50 20.61 -24.53
CA ILE B 100 -16.06 19.42 -23.91
C ILE B 100 -15.00 18.69 -23.09
N SER B 101 -13.79 18.57 -23.63
CA SER B 101 -12.72 17.93 -22.87
C SER B 101 -12.39 18.70 -21.61
N TRP B 102 -12.41 20.02 -21.68
CA TRP B 102 -12.14 20.84 -20.51
C TRP B 102 -13.16 20.59 -19.42
N VAL B 103 -14.44 20.58 -19.80
CA VAL B 103 -15.49 20.36 -18.81
C VAL B 103 -15.35 18.96 -18.20
N SER B 104 -15.06 17.97 -19.03
CA SER B 104 -14.90 16.61 -18.53
C SER B 104 -13.72 16.51 -17.57
N GLY B 105 -12.60 17.15 -17.90
CA GLY B 105 -11.46 17.13 -17.01
C GLY B 105 -11.73 17.79 -15.67
N LYS B 106 -12.44 18.91 -15.69
CA LYS B 106 -12.83 19.56 -14.44
C LYS B 106 -13.74 18.66 -13.62
N VAL B 107 -14.72 18.03 -14.26
CA VAL B 107 -15.62 17.12 -13.55
C VAL B 107 -14.85 15.97 -12.93
N VAL B 108 -13.92 15.39 -13.69
CA VAL B 108 -13.18 14.23 -13.22
C VAL B 108 -12.27 14.60 -12.06
N MET B 109 -11.62 15.76 -12.15
CA MET B 109 -10.78 16.20 -11.04
C MET B 109 -11.61 16.45 -9.79
N THR B 110 -12.79 17.05 -9.95
CA THR B 110 -13.66 17.27 -8.80
C THR B 110 -14.11 15.96 -8.18
N MET B 111 -14.49 14.98 -9.00
CA MET B 111 -14.88 13.68 -8.46
C MET B 111 -13.73 12.97 -7.77
N ARG B 112 -12.53 13.06 -8.32
CA ARG B 112 -11.36 12.46 -7.68
C ARG B 112 -11.09 13.09 -6.33
N ARG B 113 -11.19 14.42 -6.24
CA ARG B 113 -10.98 15.10 -4.96
C ARG B 113 -12.06 14.73 -3.96
N ARG B 114 -13.30 14.61 -4.41
CA ARG B 114 -14.38 14.21 -3.52
C ARG B 114 -14.18 12.78 -3.01
N LEU B 115 -13.72 11.89 -3.87
CA LEU B 115 -13.49 10.51 -3.44
C LEU B 115 -12.34 10.43 -2.44
N PHE B 116 -11.28 11.21 -2.66
CA PHE B 116 -10.18 11.26 -1.70
C PHE B 116 -10.66 11.78 -0.35
N GLY B 117 -11.45 12.86 -0.36
CA GLY B 117 -11.95 13.39 0.90
C GLY B 117 -12.89 12.43 1.61
N HIS B 118 -13.72 11.73 0.85
CA HIS B 118 -14.61 10.75 1.45
C HIS B 118 -13.83 9.64 2.13
N MET B 119 -12.81 9.11 1.44
CA MET B 119 -12.01 8.05 2.04
C MET B 119 -11.27 8.55 3.27
N MET B 120 -10.78 9.79 3.24
CA MET B 120 -10.10 10.35 4.40
C MET B 120 -11.04 10.56 5.58
N GLY B 121 -12.35 10.63 5.34
CA GLY B 121 -13.30 10.77 6.41
C GLY B 121 -13.98 9.50 6.91
N MET B 122 -13.51 8.33 6.52
CA MET B 122 -14.16 7.09 6.91
C MET B 122 -13.73 6.64 8.30
N PRO B 123 -14.54 5.81 8.96
CA PRO B 123 -14.17 5.31 10.30
C PRO B 123 -13.04 4.30 10.24
N VAL B 124 -12.49 4.00 11.42
CA VAL B 124 -11.35 3.10 11.52
C VAL B 124 -11.77 1.66 11.22
N SER B 125 -12.94 1.26 11.71
CA SER B 125 -13.44 -0.08 11.42
C SER B 125 -13.62 -0.31 9.92
N PHE B 126 -13.90 0.75 9.17
CA PHE B 126 -13.98 0.62 7.71
C PHE B 126 -12.65 0.15 7.14
N PHE B 127 -11.56 0.76 7.56
CA PHE B 127 -10.25 0.36 7.06
C PHE B 127 -9.83 -0.98 7.62
N ASP B 128 -10.33 -1.35 8.80
CA ASP B 128 -10.08 -2.67 9.34
C ASP B 128 -10.68 -3.75 8.44
N LYS B 129 -11.89 -3.53 7.93
CA LYS B 129 -12.54 -4.52 7.09
C LYS B 129 -12.27 -4.34 5.59
N GLN B 130 -11.42 -3.41 5.19
CA GLN B 130 -11.16 -3.17 3.78
C GLN B 130 -9.74 -3.56 3.40
N SER B 131 -9.48 -3.54 2.09
CA SER B 131 -8.16 -3.72 1.53
C SER B 131 -7.70 -2.43 0.88
N THR B 132 -6.43 -2.09 1.06
CA THR B 132 -5.90 -0.87 0.48
C THR B 132 -6.00 -0.88 -1.04
N GLY B 133 -5.77 -2.04 -1.66
CA GLY B 133 -5.78 -2.11 -3.11
C GLY B 133 -7.14 -1.81 -3.71
N THR B 134 -8.21 -2.19 -3.03
CA THR B 134 -9.56 -1.92 -3.52
C THR B 134 -9.83 -0.42 -3.61
N LEU B 135 -9.55 0.31 -2.53
CA LEU B 135 -9.76 1.75 -2.52
C LEU B 135 -8.82 2.44 -3.50
N LEU B 136 -7.56 2.00 -3.56
CA LEU B 136 -6.64 2.58 -4.52
C LEU B 136 -7.12 2.34 -5.94
N SER B 137 -7.79 1.21 -6.19
CA SER B 137 -8.38 0.98 -7.49
C SER B 137 -9.50 1.97 -7.77
N ARG B 138 -10.32 2.26 -6.78
CA ARG B 138 -11.33 3.30 -6.96
C ARG B 138 -10.69 4.62 -7.37
N ILE B 139 -9.55 4.97 -6.76
CA ILE B 139 -8.90 6.24 -7.11
C ILE B 139 -8.30 6.18 -8.50
N THR B 140 -7.61 5.09 -8.83
CA THR B 140 -6.89 5.02 -10.10
C THR B 140 -7.77 4.58 -11.25
N TYR B 141 -8.21 3.32 -11.22
CA TYR B 141 -8.83 2.69 -12.37
C TYR B 141 -10.19 3.28 -12.67
N ASP B 142 -11.05 3.40 -11.64
CA ASP B 142 -12.42 3.82 -11.86
C ASP B 142 -12.49 5.25 -12.38
N SER B 143 -11.76 6.16 -11.74
CA SER B 143 -11.75 7.55 -12.19
C SER B 143 -11.07 7.69 -13.54
N GLU B 144 -10.02 6.92 -13.85
CA GLU B 144 -9.43 7.02 -15.17
C GLU B 144 -10.38 6.47 -16.24
N GLN B 145 -11.28 5.51 -15.88
CA GLN B 145 -12.33 5.09 -16.81
C GLN B 145 -13.31 6.24 -17.06
N VAL B 146 -13.70 6.94 -16.00
CA VAL B 146 -14.55 8.12 -16.17
C VAL B 146 -13.89 9.12 -17.10
N ALA B 147 -12.60 9.37 -16.88
CA ALA B 147 -11.88 10.35 -17.70
C ALA B 147 -11.82 9.90 -19.16
N SER B 148 -11.44 8.64 -19.40
CA SER B 148 -11.31 8.17 -20.77
C SER B 148 -12.64 8.22 -21.50
N SER B 149 -13.70 7.77 -20.85
CA SER B 149 -15.03 7.84 -21.44
C SER B 149 -15.40 9.27 -21.76
N SER B 150 -15.53 10.11 -20.73
CA SER B 150 -16.04 11.46 -20.89
C SER B 150 -15.17 12.32 -21.79
N SER B 151 -13.89 12.00 -21.95
CA SER B 151 -13.09 12.77 -22.90
C SER B 151 -13.23 12.22 -24.31
N GLY B 152 -12.76 11.00 -24.55
CA GLY B 152 -12.75 10.52 -25.91
C GLY B 152 -14.11 10.08 -26.42
N ALA B 153 -14.70 9.12 -25.72
CA ALA B 153 -15.93 8.52 -26.21
C ALA B 153 -17.06 9.53 -26.22
N LEU B 154 -17.05 10.49 -25.30
CA LEU B 154 -18.15 11.46 -25.22
C LEU B 154 -18.09 12.42 -26.39
N ILE B 155 -16.91 12.95 -26.71
CA ILE B 155 -16.76 13.75 -27.92
C ILE B 155 -17.25 12.96 -29.12
N THR B 156 -16.81 11.70 -29.23
CA THR B 156 -17.17 10.92 -30.40
C THR B 156 -18.68 10.76 -30.50
N VAL B 157 -19.35 10.48 -29.38
CA VAL B 157 -20.78 10.20 -29.43
C VAL B 157 -21.58 11.46 -29.74
N VAL B 158 -21.20 12.62 -29.18
CA VAL B 158 -21.98 13.81 -29.49
C VAL B 158 -21.74 14.25 -30.93
N ARG B 159 -20.48 14.17 -31.38
CA ARG B 159 -20.20 14.58 -32.75
C ARG B 159 -20.89 13.67 -33.76
N GLU B 160 -20.89 12.36 -33.52
CA GLU B 160 -21.56 11.46 -34.45
C GLU B 160 -23.07 11.52 -34.34
N GLY B 161 -23.61 11.80 -33.16
CA GLY B 161 -25.03 12.06 -33.08
C GLY B 161 -25.43 13.28 -33.89
N ALA B 162 -24.65 14.37 -33.77
CA ALA B 162 -24.96 15.57 -34.52
C ALA B 162 -24.87 15.32 -36.02
N SER B 163 -23.85 14.57 -36.44
CA SER B 163 -23.76 14.17 -37.84
C SER B 163 -24.99 13.40 -38.28
N ILE B 164 -25.43 12.45 -37.46
CA ILE B 164 -26.60 11.65 -37.82
C ILE B 164 -27.82 12.53 -37.96
N ILE B 165 -28.01 13.47 -37.04
CA ILE B 165 -29.17 14.34 -37.09
C ILE B 165 -29.12 15.19 -38.35
N GLY B 166 -27.94 15.67 -38.72
CA GLY B 166 -27.82 16.41 -39.97
C GLY B 166 -28.20 15.58 -41.18
N LEU B 167 -27.75 14.33 -41.23
CA LEU B 167 -28.10 13.47 -42.36
C LEU B 167 -29.59 13.19 -42.40
N PHE B 168 -30.18 12.95 -41.23
CA PHE B 168 -31.63 12.81 -41.10
C PHE B 168 -32.36 14.03 -41.66
N ILE B 169 -31.89 15.22 -41.30
CA ILE B 169 -32.54 16.44 -41.77
C ILE B 169 -32.42 16.57 -43.28
N MET B 170 -31.21 16.34 -43.81
CA MET B 170 -31.00 16.44 -45.25
C MET B 170 -31.84 15.44 -46.01
N MET B 171 -32.17 14.32 -45.40
CA MET B 171 -32.90 13.26 -46.08
C MET B 171 -34.40 13.48 -46.06
N PHE B 172 -34.95 13.86 -44.90
CA PHE B 172 -36.37 14.19 -44.81
C PHE B 172 -36.75 15.30 -45.78
N TYR B 173 -35.79 16.12 -46.19
CA TYR B 173 -36.07 17.23 -47.08
C TYR B 173 -36.23 16.79 -48.53
N TYR B 174 -35.20 16.13 -49.07
CA TYR B 174 -35.22 15.80 -50.50
C TYR B 174 -36.33 14.83 -50.84
N SER B 175 -36.54 13.81 -50.00
CA SER B 175 -37.59 12.82 -50.26
C SER B 175 -38.02 12.24 -48.92
N TRP B 176 -39.12 12.77 -48.38
CA TRP B 176 -39.68 12.23 -47.15
C TRP B 176 -40.20 10.81 -47.31
N GLN B 177 -40.59 10.44 -48.54
CA GLN B 177 -41.18 9.13 -48.79
C GLN B 177 -40.24 8.00 -48.42
N LEU B 178 -38.95 8.29 -48.31
CA LEU B 178 -37.94 7.32 -47.90
C LEU B 178 -37.48 7.55 -46.46
N SER B 179 -37.46 8.81 -46.04
CA SER B 179 -37.24 9.10 -44.63
C SER B 179 -38.27 8.41 -43.74
N ILE B 180 -39.43 8.05 -44.27
CA ILE B 180 -40.41 7.37 -43.42
C ILE B 180 -39.90 6.00 -42.98
N ILE B 181 -39.28 5.25 -43.88
CA ILE B 181 -38.69 3.98 -43.44
C ILE B 181 -37.54 4.23 -42.48
N LEU B 182 -36.80 5.31 -42.70
CA LEU B 182 -35.76 5.65 -41.72
C LEU B 182 -36.40 5.87 -40.34
N ILE B 183 -37.55 6.54 -40.32
CA ILE B 183 -38.25 6.83 -39.08
C ILE B 183 -38.66 5.54 -38.39
N VAL B 184 -39.16 4.57 -39.14
CA VAL B 184 -39.64 3.35 -38.49
C VAL B 184 -38.49 2.51 -37.96
N LEU B 185 -37.31 2.56 -38.61
CA LEU B 185 -36.19 1.75 -38.13
C LEU B 185 -35.46 2.38 -36.95
N ALA B 186 -35.53 3.71 -36.81
CA ALA B 186 -34.82 4.37 -35.71
C ALA B 186 -35.19 3.83 -34.33
N PRO B 187 -36.46 3.61 -33.98
CA PRO B 187 -36.75 3.04 -32.65
C PRO B 187 -36.16 1.66 -32.43
N ILE B 188 -36.10 0.83 -33.47
CA ILE B 188 -35.53 -0.51 -33.32
C ILE B 188 -34.06 -0.39 -32.95
N VAL B 189 -33.32 0.45 -33.69
CA VAL B 189 -31.92 0.68 -33.36
C VAL B 189 -31.78 1.24 -31.94
N SER B 190 -32.70 2.13 -31.56
CA SER B 190 -32.63 2.74 -30.23
C SER B 190 -32.78 1.70 -29.13
N ILE B 191 -33.79 0.84 -29.24
CA ILE B 191 -34.03 -0.14 -28.18
C ILE B 191 -32.94 -1.20 -28.17
N ALA B 192 -32.36 -1.51 -29.34
CA ALA B 192 -31.20 -2.37 -29.35
C ALA B 192 -30.04 -1.76 -28.57
N ILE B 193 -29.77 -0.47 -28.79
CA ILE B 193 -28.66 0.19 -28.10
C ILE B 193 -28.93 0.26 -26.60
N ARG B 194 -30.20 0.47 -26.22
CA ARG B 194 -30.66 0.32 -24.85
C ARG B 194 -30.14 -0.97 -24.22
N VAL B 195 -30.50 -2.11 -24.82
CA VAL B 195 -30.21 -3.40 -24.23
C VAL B 195 -28.71 -3.64 -24.13
N VAL B 196 -27.98 -3.33 -25.20
CA VAL B 196 -26.54 -3.57 -25.18
C VAL B 196 -25.88 -2.69 -24.14
N SER B 197 -26.37 -1.47 -23.94
CA SER B 197 -25.77 -0.55 -22.98
C SER B 197 -25.87 -1.10 -21.57
N LYS B 198 -27.03 -1.67 -21.22
CA LYS B 198 -27.16 -2.29 -19.90
C LYS B 198 -26.17 -3.43 -19.72
N ARG B 199 -26.00 -4.26 -20.76
CA ARG B 199 -25.04 -5.36 -20.67
C ARG B 199 -23.63 -4.83 -20.46
N PHE B 200 -23.27 -3.78 -21.20
CA PHE B 200 -21.95 -3.18 -21.08
C PHE B 200 -21.70 -2.68 -19.67
N ARG B 201 -22.69 -2.02 -19.08
CA ARG B 201 -22.51 -1.47 -17.73
C ARG B 201 -22.31 -2.58 -16.71
N ASN B 202 -23.07 -3.67 -16.82
CA ASN B 202 -22.87 -4.79 -15.89
C ASN B 202 -21.46 -5.37 -16.02
N ILE B 203 -21.01 -5.58 -17.26
CA ILE B 203 -19.66 -6.11 -17.46
C ILE B 203 -18.62 -5.15 -16.88
N SER B 204 -18.83 -3.84 -17.04
CA SER B 204 -17.87 -2.86 -16.54
C SER B 204 -17.79 -2.88 -15.03
N LYS B 205 -18.91 -3.05 -14.35
CA LYS B 205 -18.85 -3.14 -12.90
C LYS B 205 -18.10 -4.40 -12.43
N ASN B 206 -18.35 -5.52 -13.09
CA ASN B 206 -17.59 -6.72 -12.76
C ASN B 206 -16.10 -6.51 -13.01
N MET B 207 -15.75 -5.80 -14.07
CA MET B 207 -14.37 -5.47 -14.37
C MET B 207 -13.74 -4.57 -13.32
N GLN B 208 -14.51 -3.61 -12.82
CA GLN B 208 -14.03 -2.77 -11.73
C GLN B 208 -13.65 -3.61 -10.53
N ASN B 209 -14.52 -4.54 -10.16
CA ASN B 209 -14.22 -5.38 -9.00
C ASN B 209 -12.98 -6.22 -9.23
N THR B 210 -12.85 -6.80 -10.43
CA THR B 210 -11.68 -7.63 -10.72
C THR B 210 -10.40 -6.80 -10.69
N MET B 211 -10.46 -5.55 -11.15
CA MET B 211 -9.28 -4.70 -11.11
C MET B 211 -8.90 -4.37 -9.68
N GLY B 212 -9.89 -4.19 -8.81
CA GLY B 212 -9.60 -4.07 -7.39
C GLY B 212 -8.87 -5.28 -6.86
N GLN B 213 -9.29 -6.48 -7.29
CA GLN B 213 -8.59 -7.70 -6.87
C GLN B 213 -7.16 -7.75 -7.40
N VAL B 214 -6.95 -7.33 -8.64
CA VAL B 214 -5.61 -7.31 -9.22
C VAL B 214 -4.70 -6.39 -8.42
N THR B 215 -5.21 -5.20 -8.10
CA THR B 215 -4.45 -4.24 -7.31
C THR B 215 -4.18 -4.79 -5.92
N THR B 216 -5.16 -5.45 -5.31
CA THR B 216 -4.96 -6.04 -4.00
C THR B 216 -3.84 -7.07 -4.02
N SER B 217 -3.82 -7.92 -5.04
CA SER B 217 -2.77 -8.93 -5.15
C SER B 217 -1.39 -8.29 -5.30
N ALA B 218 -1.27 -7.32 -6.21
CA ALA B 218 0.02 -6.66 -6.42
C ALA B 218 0.48 -5.92 -5.16
N GLU B 219 -0.45 -5.21 -4.52
CA GLU B 219 -0.19 -4.55 -3.24
C GLU B 219 0.34 -5.51 -2.19
N GLN B 220 -0.36 -6.63 -1.98
CA GLN B 220 0.03 -7.57 -0.95
C GLN B 220 1.40 -8.16 -1.25
N MET B 221 1.70 -8.40 -2.53
CA MET B 221 3.04 -8.88 -2.87
C MET B 221 4.09 -7.82 -2.54
N LEU B 222 3.85 -6.58 -2.95
CA LEU B 222 4.86 -5.54 -2.79
C LEU B 222 5.15 -5.25 -1.33
N LYS B 223 4.12 -5.16 -0.49
CA LYS B 223 4.35 -4.79 0.90
C LYS B 223 4.81 -5.95 1.77
N GLY B 224 4.67 -7.18 1.29
CA GLY B 224 5.21 -8.32 2.02
C GLY B 224 6.38 -8.95 1.31
N HIS B 225 7.15 -8.13 0.60
CA HIS B 225 8.23 -8.62 -0.25
C HIS B 225 9.25 -9.43 0.55
N LYS B 226 9.61 -8.95 1.74
CA LYS B 226 10.58 -9.66 2.57
C LYS B 226 10.06 -11.04 2.97
N GLU B 227 8.79 -11.14 3.35
CA GLU B 227 8.23 -12.43 3.72
C GLU B 227 8.18 -13.38 2.53
N VAL B 228 7.84 -12.85 1.35
CA VAL B 228 7.90 -13.65 0.13
C VAL B 228 9.31 -14.20 -0.06
N LEU B 229 10.32 -13.36 0.17
CA LEU B 229 11.69 -13.79 -0.10
C LEU B 229 12.15 -14.86 0.88
N ILE B 230 11.87 -14.69 2.17
CA ILE B 230 12.44 -15.65 3.12
C ILE B 230 11.59 -16.90 3.28
N PHE B 231 10.28 -16.84 3.00
CA PHE B 231 9.46 -18.03 3.11
C PHE B 231 9.18 -18.69 1.76
N GLY B 232 9.80 -18.19 0.68
CA GLY B 232 9.66 -18.78 -0.63
C GLY B 232 8.26 -18.72 -1.21
N GLY B 233 7.63 -17.57 -1.15
CA GLY B 233 6.26 -17.41 -1.59
C GLY B 233 6.06 -17.07 -3.04
N GLN B 234 7.10 -17.12 -3.87
CA GLN B 234 6.97 -16.67 -5.25
C GLN B 234 5.96 -17.49 -6.04
N GLU B 235 5.95 -18.81 -5.83
CA GLU B 235 4.98 -19.66 -6.51
C GLU B 235 3.55 -19.24 -6.16
N VAL B 236 3.27 -19.08 -4.88
CA VAL B 236 1.91 -18.80 -4.45
C VAL B 236 1.44 -17.45 -4.99
N GLU B 237 2.30 -16.43 -4.88
CA GLU B 237 1.92 -15.11 -5.37
C GLU B 237 1.75 -15.10 -6.88
N THR B 238 2.64 -15.79 -7.60
CA THR B 238 2.51 -15.86 -9.06
C THR B 238 1.22 -16.54 -9.47
N LYS B 239 0.87 -17.64 -8.80
CA LYS B 239 -0.36 -18.34 -9.12
C LYS B 239 -1.58 -17.47 -8.85
N ARG B 240 -1.59 -16.78 -7.71
CA ARG B 240 -2.68 -15.85 -7.40
C ARG B 240 -2.83 -14.79 -8.49
N PHE B 241 -1.72 -14.17 -8.88
CA PHE B 241 -1.78 -13.11 -9.88
C PHE B 241 -2.23 -13.65 -11.23
N ASP B 242 -1.80 -14.86 -11.59
CA ASP B 242 -2.29 -15.48 -12.81
C ASP B 242 -3.80 -15.64 -12.79
N LYS B 243 -4.34 -16.09 -11.65
CA LYS B 243 -5.79 -16.22 -11.53
C LYS B 243 -6.48 -14.89 -11.78
N VAL B 244 -6.07 -13.84 -11.07
CA VAL B 244 -6.83 -12.59 -11.19
C VAL B 244 -6.64 -11.95 -12.56
N SER B 245 -5.44 -12.05 -13.12
CA SER B 245 -5.20 -11.45 -14.42
C SER B 245 -5.94 -12.18 -15.53
N ASN B 246 -6.03 -13.52 -15.45
CA ASN B 246 -6.86 -14.24 -16.39
C ASN B 246 -8.32 -13.89 -16.25
N ARG B 247 -8.81 -13.66 -15.03
CA ARG B 247 -10.20 -13.24 -14.86
C ARG B 247 -10.43 -11.87 -15.47
N MET B 248 -9.49 -10.97 -15.33
CA MET B 248 -9.58 -9.66 -15.98
C MET B 248 -9.65 -9.80 -17.50
N ARG B 249 -8.81 -10.67 -18.06
CA ARG B 249 -8.83 -10.91 -19.50
C ARG B 249 -10.17 -11.49 -19.95
N LEU B 250 -10.74 -12.42 -19.18
CA LEU B 250 -12.00 -13.03 -19.56
C LEU B 250 -13.15 -12.04 -19.53
N GLN B 251 -13.15 -11.12 -18.55
CA GLN B 251 -14.23 -10.13 -18.53
C GLN B 251 -14.07 -9.12 -19.65
N GLY B 252 -12.84 -8.73 -19.99
CA GLY B 252 -12.64 -7.93 -21.17
C GLY B 252 -13.14 -8.64 -22.43
N MET B 253 -12.97 -9.95 -22.46
CA MET B 253 -13.49 -10.74 -23.58
C MET B 253 -15.00 -10.72 -23.63
N LYS B 254 -15.67 -10.78 -22.48
CA LYS B 254 -17.13 -10.65 -22.48
C LYS B 254 -17.55 -9.31 -23.06
N MET B 255 -16.86 -8.25 -22.68
CA MET B 255 -17.19 -6.93 -23.21
C MET B 255 -17.01 -6.89 -24.72
N VAL B 256 -15.91 -7.47 -25.21
CA VAL B 256 -15.65 -7.48 -26.65
C VAL B 256 -16.69 -8.32 -27.37
N SER B 257 -17.13 -9.42 -26.77
CA SER B 257 -18.16 -10.25 -27.37
C SER B 257 -19.44 -9.46 -27.58
N ALA B 258 -19.90 -8.78 -26.52
CA ALA B 258 -21.10 -7.97 -26.67
C ALA B 258 -20.92 -6.87 -27.71
N SER B 259 -19.74 -6.24 -27.74
CA SER B 259 -19.51 -5.15 -28.69
C SER B 259 -19.57 -5.64 -30.13
N SER B 260 -18.82 -6.69 -30.45
CA SER B 260 -18.71 -7.20 -31.81
C SER B 260 -19.91 -8.04 -32.22
N ILE B 261 -20.80 -8.38 -31.31
CA ILE B 261 -22.08 -8.95 -31.68
C ILE B 261 -23.17 -7.88 -31.85
N SER B 262 -23.07 -6.75 -31.17
CA SER B 262 -24.09 -5.72 -31.29
C SER B 262 -23.85 -4.82 -32.49
N ASP B 263 -22.59 -4.55 -32.82
CA ASP B 263 -22.32 -3.62 -33.92
C ASP B 263 -22.82 -4.14 -35.26
N PRO B 264 -22.46 -5.36 -35.70
CA PRO B 264 -22.97 -5.83 -37.00
C PRO B 264 -24.48 -5.96 -37.07
N ILE B 265 -25.16 -6.31 -35.98
CA ILE B 265 -26.60 -6.45 -36.05
C ILE B 265 -27.25 -5.10 -36.30
N ILE B 266 -26.79 -4.07 -35.60
CA ILE B 266 -27.32 -2.72 -35.81
C ILE B 266 -27.00 -2.22 -37.21
N GLN B 267 -25.83 -2.58 -37.75
CA GLN B 267 -25.56 -2.21 -39.13
C GLN B 267 -26.42 -3.02 -40.11
N LEU B 268 -26.81 -4.23 -39.73
CA LEU B 268 -27.73 -5.00 -40.56
C LEU B 268 -29.12 -4.37 -40.58
N ILE B 269 -29.54 -3.79 -39.46
CA ILE B 269 -30.87 -3.19 -39.42
C ILE B 269 -30.92 -1.94 -40.28
N ALA B 270 -29.96 -1.03 -40.09
CA ALA B 270 -29.99 0.23 -40.82
C ALA B 270 -29.71 0.05 -42.31
N SER B 271 -29.21 -1.12 -42.70
CA SER B 271 -29.05 -1.42 -44.11
C SER B 271 -30.38 -1.68 -44.80
N LEU B 272 -31.40 -2.08 -44.03
CA LEU B 272 -32.72 -2.25 -44.61
C LEU B 272 -33.22 -0.95 -45.21
N ALA B 273 -32.75 0.19 -44.70
CA ALA B 273 -33.06 1.46 -45.34
C ALA B 273 -32.45 1.54 -46.74
N LEU B 274 -31.23 1.05 -46.91
CA LEU B 274 -30.62 1.01 -48.24
C LEU B 274 -31.39 0.06 -49.16
N ALA B 275 -31.79 -1.09 -48.63
CA ALA B 275 -32.60 -2.00 -49.43
C ALA B 275 -33.92 -1.35 -49.82
N PHE B 276 -34.53 -0.62 -48.88
CA PHE B 276 -35.83 0.00 -49.16
C PHE B 276 -35.71 1.11 -50.19
N VAL B 277 -34.65 1.92 -50.12
CA VAL B 277 -34.51 2.98 -51.10
C VAL B 277 -34.29 2.39 -52.49
N LEU B 278 -33.54 1.29 -52.60
CA LEU B 278 -33.39 0.65 -53.90
C LEU B 278 -34.71 0.08 -54.39
N TYR B 279 -35.50 -0.53 -53.50
CA TYR B 279 -36.78 -1.05 -53.93
C TYR B 279 -37.73 0.07 -54.35
N ALA B 280 -37.71 1.18 -53.61
CA ALA B 280 -38.54 2.31 -53.97
C ALA B 280 -38.15 2.87 -55.33
N ALA B 281 -36.85 2.94 -55.60
CA ALA B 281 -36.39 3.38 -56.91
C ALA B 281 -36.86 2.43 -58.00
N SER B 282 -36.77 1.12 -57.74
CA SER B 282 -37.22 0.16 -58.74
C SER B 282 -38.72 0.24 -58.98
N PHE B 283 -39.49 0.60 -57.95
CA PHE B 283 -40.94 0.66 -58.08
C PHE B 283 -41.32 1.70 -59.14
N PRO B 284 -42.27 1.39 -60.02
CA PRO B 284 -42.50 2.22 -61.21
C PRO B 284 -43.33 3.47 -60.96
N SER B 285 -43.54 3.89 -59.71
CA SER B 285 -44.36 5.06 -59.43
C SER B 285 -43.65 6.11 -58.59
N VAL B 286 -42.37 5.92 -58.27
CA VAL B 286 -41.66 6.83 -57.39
C VAL B 286 -40.74 7.77 -58.16
N MET B 287 -40.04 7.28 -59.17
CA MET B 287 -39.10 8.14 -59.88
C MET B 287 -39.87 9.14 -60.73
N ASP B 288 -39.10 9.96 -61.47
CA ASP B 288 -39.59 11.02 -62.35
C ASP B 288 -40.19 12.18 -61.56
N SER B 289 -40.29 12.07 -60.24
CA SER B 289 -40.64 13.24 -59.43
C SER B 289 -39.51 14.25 -59.42
N LEU B 290 -38.27 13.78 -59.39
CA LEU B 290 -37.15 14.74 -59.26
C LEU B 290 -36.02 14.37 -60.22
N THR B 291 -34.91 15.11 -60.17
CA THR B 291 -33.74 14.85 -61.04
C THR B 291 -33.01 13.60 -60.55
N ALA B 292 -32.11 13.06 -61.37
CA ALA B 292 -31.32 11.88 -60.97
C ALA B 292 -30.52 12.24 -59.70
N GLY B 293 -30.10 13.49 -59.59
CA GLY B 293 -29.28 13.93 -58.44
C GLY B 293 -29.99 13.75 -57.10
N THR B 294 -31.28 14.04 -56.99
CA THR B 294 -31.96 14.00 -55.66
C THR B 294 -31.92 12.60 -55.03
N ILE B 295 -32.18 11.55 -55.81
CA ILE B 295 -32.07 10.17 -55.27
C ILE B 295 -30.59 9.81 -55.19
N THR B 296 -29.74 10.44 -56.01
CA THR B 296 -28.32 10.19 -55.82
C THR B 296 -27.85 10.72 -54.47
N VAL B 297 -28.31 11.92 -54.10
CA VAL B 297 -28.01 12.44 -52.76
C VAL B 297 -28.55 11.51 -51.70
N VAL B 298 -29.72 10.92 -51.95
CA VAL B 298 -30.36 10.06 -50.96
C VAL B 298 -29.55 8.78 -50.75
N PHE B 299 -29.16 8.13 -51.84
CA PHE B 299 -28.36 6.92 -51.69
C PHE B 299 -27.02 7.23 -51.03
N SER B 300 -26.40 8.34 -51.45
CA SER B 300 -25.14 8.73 -50.83
C SER B 300 -25.32 9.02 -49.36
N SER B 301 -26.48 9.55 -48.97
CA SER B 301 -26.66 9.95 -47.55
C SER B 301 -27.14 8.79 -46.68
N MET B 302 -27.94 7.88 -47.23
CA MET B 302 -28.30 6.67 -46.44
C MET B 302 -26.99 5.90 -46.21
N ILE B 303 -26.11 5.84 -47.21
CA ILE B 303 -24.78 5.17 -47.08
C ILE B 303 -23.96 5.92 -46.02
N ALA B 304 -23.62 7.19 -46.26
CA ALA B 304 -22.96 8.00 -45.26
C ALA B 304 -23.50 7.69 -43.87
N LEU B 305 -24.81 7.54 -43.74
CA LEU B 305 -25.43 7.42 -42.44
C LEU B 305 -25.02 6.14 -41.75
N MET B 306 -24.69 5.11 -42.52
CA MET B 306 -24.25 3.88 -41.86
C MET B 306 -22.92 4.02 -41.14
N ARG B 307 -22.16 5.10 -41.38
CA ARG B 307 -20.83 5.22 -40.79
C ARG B 307 -20.86 5.75 -39.36
N PRO B 308 -21.55 6.85 -39.05
CA PRO B 308 -21.63 7.27 -37.65
C PRO B 308 -22.32 6.25 -36.79
N LEU B 309 -23.13 5.36 -37.35
CA LEU B 309 -23.71 4.30 -36.56
C LEU B 309 -22.65 3.35 -36.02
N LYS B 310 -21.73 2.93 -36.88
CA LYS B 310 -20.63 2.08 -36.44
C LYS B 310 -19.79 2.78 -35.40
N SER B 311 -19.44 4.04 -35.67
CA SER B 311 -18.65 4.78 -34.70
C SER B 311 -19.38 4.90 -33.37
N LEU B 312 -20.68 5.20 -33.42
CA LEU B 312 -21.48 5.40 -32.22
C LEU B 312 -21.52 4.12 -31.38
N THR B 313 -21.73 2.98 -32.01
CA THR B 313 -21.84 1.75 -31.24
C THR B 313 -20.51 1.38 -30.58
N ASN B 314 -19.39 1.52 -31.30
CA ASN B 314 -18.12 1.17 -30.68
C ASN B 314 -17.78 2.11 -29.52
N VAL B 315 -17.96 3.41 -29.72
CA VAL B 315 -17.67 4.28 -28.62
C VAL B 315 -18.69 4.17 -27.51
N ASN B 316 -19.86 3.59 -27.78
CA ASN B 316 -20.78 3.30 -26.68
C ASN B 316 -20.23 2.19 -25.82
N ALA B 317 -19.63 1.19 -26.45
CA ALA B 317 -18.90 0.19 -25.66
C ALA B 317 -17.90 0.87 -24.75
N GLN B 318 -17.14 1.81 -25.30
CA GLN B 318 -16.18 2.55 -24.46
C GLN B 318 -16.88 3.40 -23.39
N PHE B 319 -18.00 4.02 -23.74
CA PHE B 319 -18.64 5.07 -22.95
C PHE B 319 -19.36 4.50 -21.73
N GLN B 320 -19.92 3.30 -21.86
CA GLN B 320 -20.60 2.69 -20.72
C GLN B 320 -19.64 2.35 -19.59
N ARG B 321 -18.36 2.13 -19.88
CA ARG B 321 -17.38 1.93 -18.83
C ARG B 321 -17.36 3.11 -17.87
N GLY B 322 -17.23 4.32 -18.41
CA GLY B 322 -17.25 5.51 -17.58
C GLY B 322 -18.59 5.77 -16.93
N MET B 323 -19.68 5.45 -17.61
CA MET B 323 -20.98 5.56 -16.97
C MET B 323 -21.08 4.67 -15.73
N ALA B 324 -20.64 3.43 -15.86
CA ALA B 324 -20.65 2.50 -14.73
C ALA B 324 -19.74 2.98 -13.61
N ALA B 325 -18.57 3.49 -13.97
CA ALA B 325 -17.65 3.99 -12.95
C ALA B 325 -18.24 5.19 -12.21
N CYS B 326 -18.96 6.06 -12.93
CA CYS B 326 -19.65 7.16 -12.28
C CYS B 326 -20.70 6.65 -11.30
N GLN B 327 -21.46 5.64 -11.70
CA GLN B 327 -22.49 5.10 -10.80
C GLN B 327 -21.86 4.53 -9.53
N THR B 328 -20.74 3.82 -9.68
CA THR B 328 -20.00 3.34 -8.52
C THR B 328 -19.53 4.50 -7.64
N LEU B 329 -19.02 5.56 -8.27
CA LEU B 329 -18.59 6.74 -7.54
C LEU B 329 -19.73 7.30 -6.70
N PHE B 330 -20.91 7.46 -7.28
CA PHE B 330 -22.04 7.99 -6.53
C PHE B 330 -22.38 7.10 -5.35
N THR B 331 -22.39 5.78 -5.57
CA THR B 331 -22.69 4.87 -4.48
C THR B 331 -21.69 5.02 -3.33
N ILE B 332 -20.42 5.21 -3.66
CA ILE B 332 -19.42 5.42 -2.61
C ILE B 332 -19.64 6.77 -1.93
N LEU B 333 -19.95 7.80 -2.69
CA LEU B 333 -20.02 9.15 -2.16
C LEU B 333 -21.22 9.37 -1.24
N ASP B 334 -22.26 8.56 -1.34
CA ASP B 334 -23.39 8.68 -0.42
C ASP B 334 -23.36 7.60 0.67
N SER B 335 -22.18 7.10 1.01
CA SER B 335 -21.99 6.28 2.19
C SER B 335 -21.85 7.16 3.42
N GLU B 336 -21.95 6.55 4.60
CA GLU B 336 -21.76 7.28 5.83
C GLU B 336 -20.29 7.29 6.23
N GLN B 337 -19.90 8.34 6.95
CA GLN B 337 -18.53 8.64 7.33
C GLN B 337 -18.41 8.51 8.84
N GLU B 338 -17.26 8.92 9.38
CA GLU B 338 -17.12 8.98 10.83
C GLU B 338 -18.27 9.78 11.42
N LYS B 339 -18.98 9.17 12.36
CA LYS B 339 -20.09 9.81 13.04
C LYS B 339 -19.58 11.04 13.81
N ASP B 340 -20.00 12.23 13.37
CA ASP B 340 -19.49 13.49 13.91
C ASP B 340 -20.67 14.44 14.13
N GLU B 341 -21.29 14.35 15.29
CA GLU B 341 -22.42 15.20 15.63
C GLU B 341 -22.20 15.91 16.96
N GLY B 342 -21.02 16.47 17.15
CA GLY B 342 -20.70 17.23 18.33
C GLY B 342 -20.22 18.61 17.93
N LYS B 343 -20.68 19.65 18.62
CA LYS B 343 -20.39 21.03 18.12
C LYS B 343 -19.37 21.76 19.00
N ARG B 344 -19.36 21.51 20.31
CA ARG B 344 -18.45 22.30 21.18
C ARG B 344 -17.01 22.08 20.70
N VAL B 345 -16.24 23.16 20.54
CA VAL B 345 -14.84 23.06 20.07
C VAL B 345 -13.94 23.45 21.25
N ILE B 346 -13.18 22.48 21.79
CA ILE B 346 -12.41 22.80 22.98
C ILE B 346 -11.08 23.38 22.53
N GLU B 347 -10.74 24.57 23.05
CA GLU B 347 -9.49 25.20 22.64
C GLU B 347 -8.29 24.44 23.18
N ARG B 348 -8.35 24.02 24.43
CA ARG B 348 -7.29 23.24 25.05
C ARG B 348 -7.90 22.54 26.24
N ALA B 349 -7.89 21.22 26.24
CA ALA B 349 -8.51 20.47 27.31
C ALA B 349 -7.75 20.67 28.60
N THR B 350 -8.45 20.54 29.72
CA THR B 350 -7.86 20.70 31.04
C THR B 350 -7.51 19.34 31.63
N GLY B 351 -7.07 18.41 30.79
CA GLY B 351 -6.44 17.19 31.23
C GLY B 351 -7.34 16.04 31.63
N ASP B 352 -8.37 16.32 32.44
CA ASP B 352 -9.15 15.24 33.03
C ASP B 352 -9.82 14.37 31.97
N VAL B 353 -9.69 13.07 32.12
CA VAL B 353 -10.35 12.07 31.29
C VAL B 353 -10.90 11.00 32.22
N GLU B 354 -12.17 10.64 32.05
CA GLU B 354 -12.81 9.69 32.95
C GLU B 354 -13.63 8.67 32.19
N PHE B 355 -13.28 7.39 32.36
CA PHE B 355 -14.12 6.28 31.92
C PHE B 355 -15.10 5.96 33.04
N ARG B 356 -16.39 6.01 32.74
CA ARG B 356 -17.41 5.66 33.72
C ARG B 356 -18.26 4.53 33.16
N ASN B 357 -18.02 3.32 33.67
CA ASN B 357 -18.84 2.14 33.42
C ASN B 357 -18.92 1.79 31.93
N VAL B 358 -17.81 1.91 31.23
CA VAL B 358 -17.83 1.70 29.79
C VAL B 358 -17.66 0.22 29.48
N THR B 359 -18.38 -0.22 28.45
CA THR B 359 -18.27 -1.56 27.91
C THR B 359 -18.07 -1.42 26.41
N PHE B 360 -17.08 -2.11 25.86
CA PHE B 360 -16.78 -1.99 24.45
C PHE B 360 -16.67 -3.36 23.81
N THR B 361 -17.29 -3.49 22.64
CA THR B 361 -17.17 -4.68 21.81
C THR B 361 -16.76 -4.23 20.42
N TYR B 362 -15.73 -4.87 19.88
CA TYR B 362 -15.30 -4.55 18.53
C TYR B 362 -16.35 -4.97 17.52
N PRO B 363 -16.45 -4.27 16.39
CA PRO B 363 -17.47 -4.60 15.40
C PRO B 363 -17.36 -6.04 14.92
N GLY B 364 -18.48 -6.76 15.01
CA GLY B 364 -18.53 -8.12 14.53
C GLY B 364 -17.63 -9.08 15.28
N ARG B 365 -17.61 -8.98 16.61
CA ARG B 365 -16.78 -9.84 17.42
C ARG B 365 -17.51 -10.42 18.63
N ASP B 366 -18.68 -9.92 18.93
CA ASP B 366 -19.65 -10.57 19.83
C ASP B 366 -19.12 -10.95 21.20
N VAL B 367 -17.90 -10.53 21.54
CA VAL B 367 -17.36 -10.69 22.89
C VAL B 367 -16.73 -9.37 23.32
N PRO B 368 -17.08 -8.83 24.48
CA PRO B 368 -16.53 -7.54 24.91
C PRO B 368 -15.02 -7.56 25.04
N ALA B 369 -14.39 -6.46 24.65
CA ALA B 369 -12.97 -6.26 24.91
C ALA B 369 -12.73 -5.55 26.23
N LEU B 370 -13.63 -4.67 26.64
CA LEU B 370 -13.63 -4.08 27.96
C LEU B 370 -15.04 -4.20 28.52
N ARG B 371 -15.14 -4.36 29.84
CA ARG B 371 -16.40 -4.78 30.44
C ARG B 371 -17.02 -3.73 31.37
N ASN B 372 -16.35 -3.31 32.43
CA ASN B 372 -16.87 -2.22 33.24
C ASN B 372 -15.66 -1.39 33.71
N ILE B 373 -15.29 -0.43 32.90
CA ILE B 373 -14.07 0.33 33.13
C ILE B 373 -14.45 1.61 33.86
N ASN B 374 -14.00 1.73 35.10
CA ASN B 374 -14.18 2.94 35.91
C ASN B 374 -12.79 3.47 36.20
N LEU B 375 -12.27 4.24 35.26
CA LEU B 375 -10.86 4.65 35.28
C LEU B 375 -10.79 6.16 35.16
N LYS B 376 -10.00 6.77 36.04
CA LYS B 376 -9.84 8.23 36.07
C LYS B 376 -8.42 8.58 35.68
N ILE B 377 -8.29 9.54 34.77
CA ILE B 377 -6.99 10.09 34.42
C ILE B 377 -7.02 11.57 34.77
N PRO B 378 -6.62 11.95 35.98
CA PRO B 378 -6.71 13.36 36.37
C PRO B 378 -5.71 14.22 35.61
N ALA B 379 -5.98 15.52 35.62
CA ALA B 379 -5.09 16.46 34.94
C ALA B 379 -3.76 16.55 35.68
N GLY B 380 -2.68 16.49 34.92
CA GLY B 380 -1.35 16.55 35.47
C GLY B 380 -0.82 15.25 36.02
N LYS B 381 -1.59 14.17 35.94
CA LYS B 381 -1.19 12.92 36.56
C LYS B 381 -0.85 11.90 35.49
N THR B 382 -0.21 10.81 35.90
CA THR B 382 0.10 9.70 35.02
C THR B 382 -0.59 8.43 35.50
N VAL B 383 -1.28 7.78 34.58
CA VAL B 383 -1.79 6.44 34.77
C VAL B 383 -1.01 5.52 33.86
N ALA B 384 -0.56 4.39 34.42
CA ALA B 384 0.20 3.39 33.69
C ALA B 384 -0.65 2.14 33.57
N LEU B 385 -0.96 1.75 32.34
CA LEU B 385 -1.72 0.54 32.06
C LEU B 385 -0.77 -0.63 31.87
N VAL B 386 -0.86 -1.63 32.74
CA VAL B 386 -0.07 -2.84 32.61
C VAL B 386 -1.02 -4.03 32.51
N GLY B 387 -0.47 -5.14 32.05
CA GLY B 387 -1.25 -6.35 31.86
C GLY B 387 -0.68 -7.16 30.72
N ARG B 388 -1.09 -8.42 30.67
CA ARG B 388 -0.61 -9.33 29.65
C ARG B 388 -1.08 -8.90 28.27
N SER B 389 -0.49 -9.54 27.25
CA SER B 389 -0.87 -9.27 25.89
C SER B 389 -2.31 -9.69 25.62
N GLY B 390 -3.03 -8.85 24.89
CA GLY B 390 -4.41 -9.10 24.56
C GLY B 390 -5.40 -8.75 25.64
N SER B 391 -5.00 -8.01 26.66
CA SER B 391 -5.90 -7.69 27.76
C SER B 391 -6.79 -6.48 27.50
N GLY B 392 -6.38 -5.56 26.62
CA GLY B 392 -7.25 -4.47 26.26
C GLY B 392 -6.72 -3.08 26.53
N LYS B 393 -5.40 -2.91 26.55
CA LYS B 393 -4.81 -1.61 26.82
C LYS B 393 -4.86 -0.69 25.61
N SER B 394 -4.44 -1.19 24.45
CA SER B 394 -4.55 -0.41 23.23
C SER B 394 -6.00 -0.11 22.89
N THR B 395 -6.93 -0.96 23.34
CA THR B 395 -8.34 -0.67 23.16
C THR B 395 -8.77 0.56 23.96
N ILE B 396 -8.33 0.67 25.20
CA ILE B 396 -8.62 1.87 25.98
C ILE B 396 -8.01 3.09 25.31
N ALA B 397 -6.75 2.97 24.87
CA ALA B 397 -6.11 4.07 24.18
C ALA B 397 -6.88 4.51 22.95
N SER B 398 -7.41 3.54 22.18
CA SER B 398 -8.16 3.86 20.97
C SER B 398 -9.55 4.38 21.27
N LEU B 399 -10.10 4.07 22.44
CA LEU B 399 -11.37 4.65 22.82
C LEU B 399 -11.24 6.10 23.24
N ILE B 400 -10.09 6.47 23.82
CA ILE B 400 -9.89 7.86 24.20
C ILE B 400 -9.91 8.77 22.97
N THR B 401 -9.36 8.31 21.86
CA THR B 401 -9.27 9.09 20.64
C THR B 401 -10.50 8.98 19.75
N ARG B 402 -11.53 8.25 20.18
CA ARG B 402 -12.75 8.04 19.41
C ARG B 402 -12.50 7.34 18.07
N PHE B 403 -11.49 6.47 18.01
CA PHE B 403 -11.35 5.59 16.86
C PHE B 403 -12.53 4.65 16.75
N TYR B 404 -13.01 4.18 17.90
CA TYR B 404 -14.24 3.42 18.01
C TYR B 404 -15.11 4.07 19.06
N ASP B 405 -16.39 3.75 19.02
CA ASP B 405 -17.36 4.33 19.95
C ASP B 405 -17.82 3.26 20.94
N ILE B 406 -17.97 3.65 22.18
CA ILE B 406 -18.30 2.71 23.23
C ILE B 406 -19.77 2.33 23.14
N ASP B 407 -20.09 1.16 23.70
CA ASP B 407 -21.44 0.60 23.67
C ASP B 407 -22.27 1.04 24.87
N GLU B 408 -21.70 1.00 26.07
CA GLU B 408 -22.35 1.48 27.26
C GLU B 408 -21.36 2.33 28.04
N GLY B 409 -21.88 3.11 28.99
CA GLY B 409 -21.05 3.98 29.79
C GLY B 409 -20.76 5.30 29.11
N GLU B 410 -19.91 6.09 29.75
CA GLU B 410 -19.53 7.39 29.19
C GLU B 410 -18.05 7.62 29.38
N ILE B 411 -17.40 8.15 28.35
CA ILE B 411 -16.05 8.70 28.48
C ILE B 411 -16.17 10.21 28.47
N LEU B 412 -15.72 10.84 29.54
CA LEU B 412 -15.85 12.27 29.75
C LEU B 412 -14.50 12.95 29.66
N MET B 413 -14.47 14.13 29.04
CA MET B 413 -13.30 14.99 29.03
C MET B 413 -13.73 16.37 29.51
N ASP B 414 -13.16 16.81 30.63
CA ASP B 414 -13.51 18.07 31.26
C ASP B 414 -14.99 18.11 31.64
N GLY B 415 -15.55 16.97 32.00
CA GLY B 415 -16.93 16.89 32.42
C GLY B 415 -17.92 16.59 31.33
N HIS B 416 -17.51 16.56 30.07
CA HIS B 416 -18.41 16.36 28.96
C HIS B 416 -18.08 15.07 28.23
N ASP B 417 -19.11 14.45 27.67
CA ASP B 417 -18.92 13.25 26.88
C ASP B 417 -18.02 13.56 25.68
N LEU B 418 -17.24 12.55 25.28
CA LEU B 418 -16.38 12.73 24.11
C LEU B 418 -17.20 12.98 22.85
N ARG B 419 -18.34 12.31 22.73
CA ARG B 419 -19.15 12.44 21.53
C ARG B 419 -19.78 13.82 21.42
N GLU B 420 -19.86 14.56 22.52
CA GLU B 420 -20.36 15.92 22.46
C GLU B 420 -19.43 16.85 21.70
N TYR B 421 -18.17 16.47 21.52
CA TYR B 421 -17.18 17.36 20.92
C TYR B 421 -17.09 17.15 19.42
N THR B 422 -16.54 18.16 18.75
CA THR B 422 -16.11 18.02 17.38
C THR B 422 -14.96 17.03 17.32
N LEU B 423 -14.96 16.15 16.32
CA LEU B 423 -13.92 15.14 16.22
C LEU B 423 -12.55 15.80 16.10
N ALA B 424 -12.43 16.77 15.19
CA ALA B 424 -11.15 17.44 15.00
C ALA B 424 -10.73 18.17 16.26
N SER B 425 -11.68 18.85 16.92
CA SER B 425 -11.36 19.52 18.16
C SER B 425 -10.90 18.54 19.23
N LEU B 426 -11.58 17.40 19.32
CA LEU B 426 -11.20 16.38 20.29
C LEU B 426 -9.80 15.86 20.05
N ARG B 427 -9.48 15.55 18.80
CA ARG B 427 -8.20 14.92 18.49
C ARG B 427 -7.05 15.90 18.53
N ASN B 428 -7.32 17.19 18.54
CA ASN B 428 -6.29 18.19 18.76
C ASN B 428 -5.80 18.20 20.20
N GLN B 429 -6.46 17.47 21.09
CA GLN B 429 -6.05 17.39 22.48
C GLN B 429 -5.15 16.21 22.78
N VAL B 430 -4.95 15.30 21.84
CA VAL B 430 -4.28 14.04 22.11
C VAL B 430 -3.05 13.92 21.22
N ALA B 431 -1.92 13.56 21.83
CA ALA B 431 -0.69 13.22 21.13
C ALA B 431 -0.37 11.77 21.44
N LEU B 432 -0.24 10.95 20.41
CA LEU B 432 -0.19 9.51 20.57
C LEU B 432 1.03 8.93 19.89
N VAL B 433 1.82 8.15 20.62
CA VAL B 433 2.78 7.24 20.03
C VAL B 433 2.16 5.86 20.10
N SER B 434 1.84 5.29 18.94
CA SER B 434 1.10 4.05 18.89
C SER B 434 2.02 2.86 19.10
N GLN B 435 1.42 1.69 19.32
CA GLN B 435 2.20 0.48 19.43
C GLN B 435 2.91 0.15 18.13
N ASN B 436 2.21 0.33 17.02
CA ASN B 436 2.76 0.10 15.69
C ASN B 436 3.10 1.45 15.07
N VAL B 437 4.38 1.73 14.96
CA VAL B 437 4.85 3.05 14.52
C VAL B 437 4.72 3.16 13.01
N HIS B 438 4.05 4.20 12.54
CA HIS B 438 3.97 4.49 11.11
C HIS B 438 4.59 5.84 10.81
N LEU B 439 5.53 5.86 9.87
CA LEU B 439 6.19 7.09 9.44
C LEU B 439 5.89 7.34 7.97
N PHE B 440 6.12 8.57 7.55
CA PHE B 440 5.87 9.00 6.18
C PHE B 440 7.18 9.17 5.43
N ASN B 441 7.14 8.92 4.13
CA ASN B 441 8.31 9.02 3.26
C ASN B 441 8.61 10.49 2.98
N ASP B 442 9.20 11.14 3.97
CA ASP B 442 9.67 12.50 3.83
C ASP B 442 10.89 12.66 4.73
N THR B 443 11.28 13.89 5.02
CA THR B 443 12.47 14.10 5.82
C THR B 443 12.16 13.92 7.30
N VAL B 444 13.23 13.88 8.10
CA VAL B 444 13.09 13.74 9.54
C VAL B 444 12.32 14.90 10.14
N ALA B 445 12.64 16.12 9.71
CA ALA B 445 11.95 17.30 10.23
C ALA B 445 10.48 17.30 9.82
N ASN B 446 10.19 16.93 8.59
CA ASN B 446 8.81 16.84 8.15
C ASN B 446 8.06 15.75 8.91
N ASN B 447 8.73 14.65 9.20
CA ASN B 447 8.10 13.59 9.96
C ASN B 447 7.80 14.04 11.39
N ILE B 448 8.71 14.77 12.01
CA ILE B 448 8.48 15.22 13.37
C ILE B 448 7.38 16.27 13.42
N ALA B 449 7.35 17.18 12.44
CA ALA B 449 6.30 18.19 12.36
C ALA B 449 5.26 17.87 11.30
N TYR B 450 4.88 16.59 11.20
CA TYR B 450 4.15 16.04 10.06
C TYR B 450 3.06 16.96 9.50
N ALA B 451 2.08 17.32 10.32
CA ALA B 451 0.96 18.11 9.83
C ALA B 451 1.04 19.57 10.22
N ARG B 452 2.19 20.03 10.70
CA ARG B 452 2.35 21.37 11.25
C ARG B 452 3.67 21.97 10.82
N THR B 453 4.02 21.82 9.54
CA THR B 453 5.34 22.22 9.08
C THR B 453 5.54 23.73 9.08
N GLU B 454 4.46 24.50 9.15
CA GLU B 454 4.56 25.95 9.18
C GLU B 454 4.41 26.53 10.57
N GLN B 455 3.96 25.73 11.53
CA GLN B 455 3.71 26.23 12.87
C GLN B 455 4.92 26.07 13.79
N TYR B 456 5.78 25.09 13.53
CA TYR B 456 6.89 24.79 14.42
C TYR B 456 8.20 25.19 13.78
N SER B 457 9.02 25.92 14.53
CA SER B 457 10.34 26.33 14.11
C SER B 457 11.30 25.16 14.12
N ARG B 458 12.37 25.26 13.32
CA ARG B 458 13.39 24.22 13.32
C ARG B 458 14.05 24.08 14.68
N GLU B 459 14.13 25.17 15.43
CA GLU B 459 14.64 25.08 16.80
C GLU B 459 13.72 24.25 17.67
N GLN B 460 12.41 24.42 17.52
CA GLN B 460 11.46 23.59 18.25
C GLN B 460 11.56 22.13 17.84
N ILE B 461 11.77 21.87 16.55
CA ILE B 461 11.94 20.50 16.09
C ILE B 461 13.21 19.89 16.68
N GLU B 462 14.28 20.66 16.74
CA GLU B 462 15.52 20.15 17.34
C GLU B 462 15.33 19.88 18.84
N GLU B 463 14.59 20.74 19.54
CA GLU B 463 14.32 20.47 20.94
C GLU B 463 13.50 19.20 21.11
N ALA B 464 12.51 18.98 20.24
CA ALA B 464 11.72 17.76 20.32
C ALA B 464 12.58 16.54 20.08
N ALA B 465 13.42 16.57 19.04
CA ALA B 465 14.28 15.45 18.75
C ALA B 465 15.30 15.21 19.85
N ARG B 466 15.69 16.26 20.57
CA ARG B 466 16.61 16.08 21.68
C ARG B 466 15.91 15.52 22.92
N MET B 467 14.64 15.87 23.13
CA MET B 467 13.86 15.24 24.18
C MET B 467 13.59 13.79 23.92
N ALA B 468 13.63 13.36 22.65
CA ALA B 468 13.38 11.98 22.29
C ALA B 468 14.67 11.19 22.07
N TYR B 469 15.80 11.73 22.49
CA TYR B 469 17.10 11.07 22.36
C TYR B 469 17.42 10.72 20.91
N ALA B 470 16.76 11.39 19.97
CA ALA B 470 17.00 11.16 18.56
C ALA B 470 18.02 12.12 17.96
N MET B 471 18.51 13.08 18.74
CA MET B 471 19.40 14.10 18.20
C MET B 471 20.77 13.52 17.89
N ASP B 472 21.18 12.46 18.59
CA ASP B 472 22.50 11.87 18.38
C ASP B 472 22.59 11.17 17.03
N PHE B 473 21.62 10.31 16.71
CA PHE B 473 21.71 9.60 15.44
C PHE B 473 21.31 10.45 14.25
N ILE B 474 20.57 11.54 14.48
CA ILE B 474 20.26 12.45 13.39
C ILE B 474 21.51 13.21 12.96
N ASN B 475 22.35 13.60 13.92
CA ASN B 475 23.58 14.29 13.59
C ASN B 475 24.59 13.40 12.90
N LYS B 476 24.42 12.08 12.98
CA LYS B 476 25.27 11.14 12.26
C LYS B 476 24.72 10.80 10.89
N MET B 477 23.59 11.37 10.50
CA MET B 477 23.09 11.18 9.14
C MET B 477 23.78 12.16 8.20
N ASP B 478 23.93 11.73 6.95
CA ASP B 478 24.69 12.50 5.98
C ASP B 478 23.97 13.73 5.49
N ASN B 479 22.73 13.95 5.91
CA ASN B 479 21.98 15.12 5.52
C ASN B 479 21.39 15.89 6.69
N GLY B 480 21.58 15.43 7.92
CA GLY B 480 21.00 16.10 9.07
C GLY B 480 19.52 15.81 9.19
N LEU B 481 18.79 16.78 9.73
CA LEU B 481 17.35 16.65 9.91
C LEU B 481 16.65 16.66 8.56
N ASP B 482 17.41 16.87 7.49
CA ASP B 482 16.88 16.90 6.15
C ASP B 482 17.12 15.61 5.40
N THR B 483 17.61 14.58 6.09
CA THR B 483 17.73 13.26 5.50
C THR B 483 16.34 12.70 5.20
N VAL B 484 16.18 12.12 4.03
CA VAL B 484 14.93 11.46 3.70
C VAL B 484 14.97 10.04 4.25
N ILE B 485 13.92 9.65 4.94
CA ILE B 485 13.80 8.32 5.47
C ILE B 485 12.94 7.51 4.50
N GLY B 486 12.92 6.20 4.69
CA GLY B 486 12.25 5.36 3.72
C GLY B 486 10.74 5.52 3.73
N GLU B 487 10.08 4.58 3.05
CA GLU B 487 8.63 4.65 2.90
C GLU B 487 7.93 4.55 4.25
N ASN B 488 8.39 3.67 5.11
CA ASN B 488 7.93 3.61 6.49
C ASN B 488 9.11 3.82 7.43
N GLY B 489 9.98 4.76 7.10
CA GLY B 489 11.23 4.89 7.81
C GLY B 489 12.14 3.69 7.66
N VAL B 490 12.09 3.02 6.51
CA VAL B 490 12.82 1.77 6.32
C VAL B 490 14.32 1.99 6.38
N LEU B 491 14.79 3.18 6.10
CA LEU B 491 16.22 3.45 6.13
C LEU B 491 16.73 3.79 7.51
N LEU B 492 15.96 3.42 8.54
CA LEU B 492 16.31 3.63 9.93
C LEU B 492 16.21 2.32 10.68
N SER B 493 16.88 2.25 11.81
CA SER B 493 16.71 1.11 12.70
C SER B 493 15.37 1.23 13.43
N GLY B 494 14.97 0.13 14.08
CA GLY B 494 13.67 0.11 14.73
C GLY B 494 13.57 1.09 15.88
N GLY B 495 14.60 1.12 16.73
CA GLY B 495 14.61 2.08 17.82
C GLY B 495 14.67 3.50 17.35
N GLN B 496 15.35 3.75 16.23
CA GLN B 496 15.39 5.08 15.66
C GLN B 496 14.02 5.52 15.18
N ARG B 497 13.27 4.61 14.54
CA ARG B 497 11.91 4.93 14.12
C ARG B 497 11.01 5.21 15.33
N GLN B 498 11.14 4.39 16.37
CA GLN B 498 10.37 4.64 17.58
C GLN B 498 10.69 6.00 18.16
N ARG B 499 11.97 6.37 18.22
CA ARG B 499 12.35 7.65 18.79
C ARG B 499 11.86 8.81 17.94
N ILE B 500 11.83 8.65 16.62
CA ILE B 500 11.29 9.70 15.78
C ILE B 500 9.80 9.89 16.04
N ALA B 501 9.06 8.79 16.20
CA ALA B 501 7.64 8.93 16.52
C ALA B 501 7.41 9.56 17.88
N ILE B 502 8.29 9.24 18.84
CA ILE B 502 8.22 9.89 20.15
C ILE B 502 8.42 11.38 20.02
N ALA B 503 9.41 11.80 19.21
CA ALA B 503 9.64 13.22 18.99
C ALA B 503 8.46 13.88 18.31
N ARG B 504 7.85 13.19 17.36
CA ARG B 504 6.67 13.72 16.69
C ARG B 504 5.56 14.00 17.70
N ALA B 505 5.33 13.07 18.63
CA ALA B 505 4.29 13.31 19.63
C ALA B 505 4.68 14.38 20.64
N LEU B 506 5.96 14.47 20.98
CA LEU B 506 6.40 15.46 21.96
C LEU B 506 6.43 16.88 21.41
N LEU B 507 6.58 17.04 20.09
CA LEU B 507 6.58 18.37 19.51
C LEU B 507 5.31 19.14 19.87
N ARG B 508 4.18 18.45 19.86
CA ARG B 508 2.90 19.06 20.17
C ARG B 508 2.64 18.91 21.66
N ASP B 509 2.70 20.02 22.39
CA ASP B 509 2.45 19.94 23.82
C ASP B 509 0.96 19.75 24.06
N SER B 510 0.45 18.60 23.66
CA SER B 510 -0.97 18.30 23.84
C SER B 510 -1.26 18.03 25.31
N PRO B 511 -2.40 18.46 25.81
CA PRO B 511 -2.74 18.19 27.22
C PRO B 511 -2.82 16.71 27.56
N ILE B 512 -3.07 15.83 26.60
CA ILE B 512 -3.19 14.40 26.85
C ILE B 512 -2.22 13.67 25.94
N LEU B 513 -1.25 12.99 26.54
CA LEU B 513 -0.22 12.27 25.82
C LEU B 513 -0.33 10.78 26.13
N ILE B 514 -0.45 9.96 25.10
CA ILE B 514 -0.56 8.52 25.24
C ILE B 514 0.65 7.87 24.59
N LEU B 515 1.40 7.11 25.38
CA LEU B 515 2.48 6.29 24.87
C LEU B 515 2.05 4.83 24.94
N ASP B 516 2.14 4.13 23.82
CA ASP B 516 1.66 2.76 23.69
C ASP B 516 2.87 1.87 23.44
N GLU B 517 3.51 1.43 24.52
CA GLU B 517 4.74 0.66 24.47
C GLU B 517 5.80 1.38 23.63
N ALA B 518 6.09 2.61 24.05
CA ALA B 518 6.95 3.50 23.29
C ALA B 518 8.43 3.28 23.58
N THR B 519 8.78 2.25 24.34
CA THR B 519 10.17 1.92 24.62
C THR B 519 10.50 0.50 24.20
N SER B 520 9.66 -0.10 23.36
CA SER B 520 9.75 -1.52 23.06
C SER B 520 10.98 -1.87 22.25
N ALA B 521 11.37 -0.99 21.32
CA ALA B 521 12.49 -1.26 20.42
C ALA B 521 13.78 -0.61 20.91
N LEU B 522 13.81 -0.10 22.12
CA LEU B 522 14.92 0.68 22.63
C LEU B 522 15.70 -0.10 23.66
N ASP B 523 16.95 0.32 23.87
CA ASP B 523 17.80 -0.27 24.89
C ASP B 523 17.70 0.53 26.18
N THR B 524 18.03 -0.14 27.29
CA THR B 524 17.73 0.37 28.62
C THR B 524 18.22 1.80 28.83
N GLU B 525 19.43 2.11 28.37
CA GLU B 525 19.98 3.45 28.58
C GLU B 525 19.22 4.49 27.77
N SER B 526 18.82 4.14 26.54
CA SER B 526 18.01 5.03 25.72
C SER B 526 16.66 5.31 26.39
N GLU B 527 16.02 4.29 26.94
CA GLU B 527 14.74 4.49 27.61
C GLU B 527 14.90 5.32 28.87
N ARG B 528 16.01 5.15 29.60
CA ARG B 528 16.24 5.97 30.78
C ARG B 528 16.39 7.44 30.38
N ALA B 529 17.12 7.72 29.30
CA ALA B 529 17.23 9.10 28.83
C ALA B 529 15.88 9.67 28.45
N ILE B 530 15.09 8.90 27.70
CA ILE B 530 13.77 9.37 27.27
C ILE B 530 12.88 9.60 28.49
N GLN B 531 12.96 8.71 29.48
CA GLN B 531 12.15 8.84 30.69
C GLN B 531 12.55 10.07 31.48
N ALA B 532 13.84 10.39 31.53
CA ALA B 532 14.26 11.61 32.19
C ALA B 532 13.70 12.84 31.49
N ALA B 533 13.73 12.85 30.16
CA ALA B 533 13.14 13.98 29.45
C ALA B 533 11.64 14.07 29.69
N LEU B 534 10.96 12.92 29.72
CA LEU B 534 9.53 12.90 29.99
C LEU B 534 9.21 13.44 31.37
N ASP B 535 10.02 13.03 32.37
CA ASP B 535 9.77 13.46 33.77
C ASP B 535 9.42 14.95 33.81
N GLU B 536 10.37 15.83 33.49
CA GLU B 536 10.15 17.30 33.58
C GLU B 536 9.10 17.78 32.57
N LEU B 537 9.13 17.29 31.33
CA LEU B 537 8.19 17.80 30.29
C LEU B 537 6.74 17.53 30.68
N GLN B 538 6.46 16.33 31.23
CA GLN B 538 5.05 15.96 31.54
C GLN B 538 4.80 15.99 33.05
N LYS B 539 5.33 16.98 33.78
CA LYS B 539 5.03 17.04 35.21
C LYS B 539 3.66 17.64 35.46
N ASN B 540 3.13 18.38 34.48
CA ASN B 540 1.80 19.03 34.62
C ASN B 540 0.93 18.66 33.42
N ARG B 541 1.29 17.58 32.70
CA ARG B 541 0.54 17.18 31.49
C ARG B 541 -0.09 15.80 31.70
N THR B 542 -1.37 15.65 31.36
CA THR B 542 -2.03 14.32 31.47
C THR B 542 -1.26 13.30 30.64
N SER B 543 -0.97 12.14 31.21
CA SER B 543 -0.19 11.11 30.53
C SER B 543 -0.79 9.74 30.79
N LEU B 544 -0.81 8.92 29.74
CA LEU B 544 -1.23 7.53 29.82
C LEU B 544 -0.16 6.67 29.17
N VAL B 545 0.47 5.82 29.97
CA VAL B 545 1.60 5.00 29.52
C VAL B 545 1.18 3.54 29.56
N ILE B 546 1.32 2.87 28.43
CA ILE B 546 1.05 1.44 28.30
C ILE B 546 2.40 0.76 28.20
N ALA B 547 2.74 -0.03 29.21
CA ALA B 547 4.05 -0.63 29.29
C ALA B 547 3.94 -2.11 29.57
N HIS B 548 4.92 -2.87 29.05
CA HIS B 548 5.01 -4.32 29.37
C HIS B 548 6.23 -4.47 30.29
N ARG B 549 7.09 -3.44 30.35
CA ARG B 549 8.27 -3.44 31.27
C ARG B 549 7.94 -2.50 32.43
N LEU B 550 8.19 -2.93 33.67
CA LEU B 550 7.76 -2.10 34.84
C LEU B 550 8.79 -1.03 35.22
N SER B 551 10.04 -1.14 34.74
CA SER B 551 11.01 -0.10 35.03
C SER B 551 10.64 1.22 34.39
N THR B 552 9.82 1.19 33.34
CA THR B 552 9.40 2.39 32.65
C THR B 552 8.38 3.18 33.47
N ILE B 553 7.55 2.50 34.25
CA ILE B 553 6.34 3.08 34.82
C ILE B 553 6.41 3.13 36.34
N GLU B 554 7.61 3.03 36.92
CA GLU B 554 7.72 2.94 38.38
C GLU B 554 7.27 4.20 39.08
N LYS B 555 7.39 5.36 38.44
CA LYS B 555 7.03 6.62 39.07
C LYS B 555 5.61 7.08 38.77
N ALA B 556 4.82 6.27 38.08
CA ALA B 556 3.48 6.69 37.68
C ALA B 556 2.59 6.91 38.90
N ASP B 557 1.68 7.87 38.80
CA ASP B 557 0.83 8.20 39.93
C ASP B 557 -0.16 7.08 40.23
N GLU B 558 -0.80 6.54 39.21
CA GLU B 558 -1.65 5.38 39.38
C GLU B 558 -1.26 4.30 38.38
N ILE B 559 -0.90 3.12 38.90
CA ILE B 559 -0.73 1.93 38.09
C ILE B 559 -2.04 1.18 38.09
N VAL B 560 -2.47 0.72 36.92
CA VAL B 560 -3.70 -0.02 36.74
C VAL B 560 -3.37 -1.31 36.02
N VAL B 561 -3.77 -2.44 36.60
CA VAL B 561 -3.54 -3.75 36.01
C VAL B 561 -4.81 -4.23 35.34
N VAL B 562 -4.71 -4.63 34.08
CA VAL B 562 -5.85 -5.03 33.26
C VAL B 562 -5.71 -6.50 32.93
N GLU B 563 -6.83 -7.21 32.94
CA GLU B 563 -6.82 -8.60 32.49
C GLU B 563 -8.13 -8.94 31.82
N ASP B 564 -8.05 -9.48 30.60
CA ASP B 564 -9.21 -9.91 29.83
C ASP B 564 -10.25 -8.80 29.69
N GLY B 565 -9.84 -7.55 29.86
CA GLY B 565 -10.74 -6.43 29.75
C GLY B 565 -11.39 -5.95 31.02
N VAL B 566 -10.88 -6.34 32.19
CA VAL B 566 -11.35 -5.80 33.46
C VAL B 566 -10.16 -5.30 34.25
N ILE B 567 -10.37 -4.19 34.97
CA ILE B 567 -9.38 -3.71 35.92
C ILE B 567 -9.36 -4.64 37.13
N VAL B 568 -8.20 -5.21 37.43
CA VAL B 568 -8.12 -6.19 38.51
C VAL B 568 -7.46 -5.59 39.73
N GLU B 569 -6.58 -4.61 39.53
CA GLU B 569 -6.01 -3.85 40.64
C GLU B 569 -5.66 -2.45 40.16
N ARG B 570 -5.55 -1.53 41.12
CA ARG B 570 -5.05 -0.19 40.84
C ARG B 570 -4.38 0.34 42.10
N GLY B 571 -3.35 1.15 41.92
CA GLY B 571 -2.64 1.72 43.04
C GLY B 571 -1.26 2.19 42.64
N THR B 572 -0.56 2.72 43.63
CA THR B 572 0.80 3.20 43.41
C THR B 572 1.80 2.05 43.53
N HIS B 573 3.03 2.32 43.11
CA HIS B 573 4.03 1.26 43.00
C HIS B 573 4.29 0.59 44.34
N ASN B 574 4.49 1.39 45.38
CA ASN B 574 4.78 0.80 46.69
C ASN B 574 3.55 0.14 47.28
N ASP B 575 2.38 0.77 47.15
CA ASP B 575 1.15 0.17 47.65
C ASP B 575 0.80 -1.10 46.90
N LEU B 576 1.17 -1.20 45.63
CA LEU B 576 0.95 -2.41 44.85
C LEU B 576 2.01 -3.47 45.11
N LEU B 577 3.22 -3.08 45.53
CA LEU B 577 4.22 -4.05 45.93
C LEU B 577 3.92 -4.63 47.30
N GLU B 578 3.26 -3.85 48.15
CA GLU B 578 2.49 -4.43 49.22
C GLU B 578 1.28 -5.09 48.58
N HIS B 579 0.34 -5.57 49.38
CA HIS B 579 -0.94 -6.02 48.85
C HIS B 579 -0.77 -7.31 48.05
N ARG B 580 0.49 -7.65 47.75
CA ARG B 580 0.91 -8.93 47.18
C ARG B 580 -0.06 -9.52 46.17
N GLY B 581 -0.49 -8.70 45.22
CA GLY B 581 -1.41 -9.15 44.19
C GLY B 581 -0.76 -9.37 42.84
N VAL B 582 -1.51 -9.09 41.77
CA VAL B 582 -1.03 -9.38 40.42
C VAL B 582 0.22 -8.58 40.09
N TYR B 583 0.22 -7.29 40.46
CA TYR B 583 1.38 -6.47 40.17
C TYR B 583 2.60 -6.95 40.92
N ALA B 584 2.43 -7.47 42.14
CA ALA B 584 3.55 -8.03 42.87
C ALA B 584 4.16 -9.21 42.13
N GLN B 585 3.32 -10.10 41.59
CA GLN B 585 3.82 -11.20 40.79
C GLN B 585 4.53 -10.74 39.52
N LEU B 586 3.98 -9.77 38.81
CA LEU B 586 4.67 -9.27 37.62
C LEU B 586 6.03 -8.68 37.97
N HIS B 587 6.08 -7.89 39.04
CA HIS B 587 7.34 -7.26 39.44
C HIS B 587 8.35 -8.30 39.89
N LYS B 588 7.89 -9.32 40.62
CA LYS B 588 8.81 -10.34 41.09
C LYS B 588 9.41 -11.13 39.94
N MET B 589 8.60 -11.46 38.94
CA MET B 589 9.08 -12.27 37.83
C MET B 589 9.76 -11.44 36.74
N GLN B 590 9.82 -10.13 36.91
CA GLN B 590 10.59 -9.28 36.02
C GLN B 590 11.84 -8.78 36.72
N GLN C 4 -22.83 0.66 40.25
CA GLN C 4 -21.62 0.84 41.04
C GLN C 4 -21.40 -0.35 41.98
N MET C 5 -20.21 -0.93 41.91
CA MET C 5 -19.92 -2.11 42.73
C MET C 5 -19.67 -1.70 44.17
N GLN C 6 -20.32 -2.41 45.09
CA GLN C 6 -20.22 -2.14 46.52
C GLN C 6 -20.02 -3.44 47.27
N LEU C 7 -19.31 -3.36 48.39
CA LEU C 7 -18.88 -4.55 49.11
C LEU C 7 -19.02 -4.35 50.60
N VAL C 8 -19.75 -5.27 51.23
CA VAL C 8 -20.19 -5.14 52.62
C VAL C 8 -19.63 -6.28 53.45
N GLU C 9 -19.14 -5.95 54.63
CA GLU C 9 -18.52 -6.91 55.54
C GLU C 9 -19.52 -7.40 56.58
N SER C 10 -19.48 -8.70 56.84
CA SER C 10 -20.15 -9.32 57.98
C SER C 10 -19.07 -9.96 58.84
N GLY C 11 -18.81 -9.37 60.01
CA GLY C 11 -17.73 -9.80 60.86
C GLY C 11 -18.22 -10.30 62.21
N GLY C 12 -17.25 -10.64 63.05
CA GLY C 12 -17.50 -11.08 64.41
C GLY C 12 -17.38 -9.97 65.41
N GLY C 13 -17.27 -10.36 66.68
CA GLY C 13 -17.16 -9.40 67.76
C GLY C 13 -15.96 -9.64 68.64
N LEU C 14 -16.20 -9.86 69.93
CA LEU C 14 -15.14 -10.08 70.90
C LEU C 14 -14.91 -11.57 71.07
N VAL C 15 -13.65 -11.99 70.95
CA VAL C 15 -13.27 -13.39 71.14
C VAL C 15 -12.09 -13.45 72.08
N GLN C 16 -11.96 -14.59 72.76
CA GLN C 16 -10.85 -14.79 73.69
C GLN C 16 -9.58 -15.15 72.93
N ALA C 17 -8.46 -15.11 73.64
CA ALA C 17 -7.17 -15.42 73.03
C ALA C 17 -7.13 -16.88 72.60
N GLY C 18 -6.56 -17.13 71.43
CA GLY C 18 -6.48 -18.46 70.89
C GLY C 18 -7.76 -18.97 70.25
N GLY C 19 -8.78 -18.12 70.14
CA GLY C 19 -10.04 -18.51 69.56
C GLY C 19 -10.02 -18.50 68.04
N SER C 20 -11.19 -18.75 67.46
CA SER C 20 -11.36 -18.79 66.02
C SER C 20 -12.45 -17.83 65.60
N LEU C 21 -12.25 -17.18 64.46
CA LEU C 21 -13.23 -16.25 63.92
C LEU C 21 -13.28 -16.39 62.41
N ARG C 22 -14.37 -15.92 61.82
CA ARG C 22 -14.50 -15.93 60.36
C ARG C 22 -15.23 -14.67 59.94
N LEU C 23 -14.62 -13.91 59.04
CA LEU C 23 -15.24 -12.73 58.47
C LEU C 23 -15.63 -13.00 57.03
N SER C 24 -16.70 -12.37 56.58
CA SER C 24 -17.17 -12.51 55.22
C SER C 24 -17.34 -11.13 54.61
N CYS C 25 -17.24 -11.07 53.30
CA CYS C 25 -17.51 -9.84 52.57
C CYS C 25 -18.21 -10.19 51.28
N ALA C 26 -19.39 -9.64 51.10
CA ALA C 26 -20.15 -9.81 49.87
C ALA C 26 -19.85 -8.64 48.94
N VAL C 27 -19.49 -8.96 47.69
CA VAL C 27 -19.15 -7.98 46.69
C VAL C 27 -20.18 -8.06 45.57
N SER C 28 -20.85 -6.94 45.29
CA SER C 28 -21.84 -6.89 44.24
C SER C 28 -21.46 -5.83 43.22
N GLY C 29 -21.89 -6.06 41.98
CA GLY C 29 -21.53 -5.17 40.89
C GLY C 29 -20.15 -5.40 40.35
N SER C 30 -19.56 -6.57 40.60
CA SER C 30 -18.18 -6.86 40.26
C SER C 30 -18.10 -8.00 39.27
N ILE C 31 -16.98 -8.05 38.57
CA ILE C 31 -16.59 -9.24 37.82
C ILE C 31 -15.78 -10.09 38.80
N PHE C 32 -16.50 -10.84 39.63
CA PHE C 32 -15.92 -11.45 40.83
C PHE C 32 -14.93 -12.55 40.51
N SER C 33 -15.01 -13.17 39.34
CA SER C 33 -14.11 -14.26 39.03
C SER C 33 -12.72 -13.80 38.65
N ILE C 34 -12.52 -12.51 38.36
CA ILE C 34 -11.24 -12.02 37.86
C ILE C 34 -10.60 -11.01 38.80
N ILE C 35 -11.38 -10.10 39.39
CA ILE C 35 -10.78 -9.02 40.16
C ILE C 35 -10.02 -9.56 41.37
N THR C 36 -9.12 -8.75 41.88
CA THR C 36 -8.35 -9.08 43.07
C THR C 36 -9.11 -8.64 44.32
N LEU C 37 -9.05 -9.46 45.35
CA LEU C 37 -9.69 -9.14 46.62
C LEU C 37 -8.66 -9.21 47.73
N ALA C 38 -8.87 -8.42 48.77
CA ALA C 38 -7.89 -8.38 49.85
C ALA C 38 -8.57 -8.08 51.17
N TRP C 39 -7.89 -8.45 52.24
CA TRP C 39 -8.28 -8.11 53.61
C TRP C 39 -7.15 -7.27 54.18
N TYR C 40 -7.49 -6.06 54.62
CA TYR C 40 -6.59 -5.15 55.30
C TYR C 40 -7.00 -4.99 56.76
N ARG C 41 -6.06 -4.51 57.57
CA ARG C 41 -6.37 -4.26 58.96
C ARG C 41 -5.78 -2.91 59.37
N GLN C 42 -6.38 -2.31 60.39
CA GLN C 42 -5.95 -1.01 60.89
C GLN C 42 -6.08 -1.00 62.40
N ALA C 43 -4.95 -0.86 63.07
CA ALA C 43 -4.91 -0.59 64.50
C ALA C 43 -5.26 0.87 64.76
N PRO C 44 -5.57 1.24 66.00
CA PRO C 44 -5.88 2.65 66.27
C PRO C 44 -4.77 3.61 65.88
N GLY C 45 -3.51 3.21 66.05
CA GLY C 45 -2.40 4.08 65.70
C GLY C 45 -1.85 3.86 64.31
N LYS C 46 -1.51 2.61 63.98
CA LYS C 46 -0.87 2.31 62.71
C LYS C 46 -1.87 2.43 61.57
N PRO C 47 -1.40 2.72 60.36
CA PRO C 47 -2.30 2.82 59.20
C PRO C 47 -2.70 1.44 58.70
N ARG C 48 -3.47 1.43 57.61
CA ARG C 48 -3.95 0.19 57.03
C ARG C 48 -2.79 -0.67 56.54
N GLU C 49 -2.84 -1.95 56.87
CA GLU C 49 -1.81 -2.89 56.46
C GLU C 49 -2.48 -4.11 55.85
N ASN C 50 -2.02 -4.49 54.66
CA ASN C 50 -2.60 -5.63 53.97
C ASN C 50 -2.36 -6.90 54.78
N VAL C 51 -3.42 -7.65 55.01
CA VAL C 51 -3.37 -8.89 55.77
C VAL C 51 -3.38 -10.10 54.86
N ALA C 52 -4.25 -10.10 53.86
CA ALA C 52 -4.37 -11.24 52.96
C ALA C 52 -4.82 -10.77 51.60
N THR C 53 -4.47 -11.53 50.57
CA THR C 53 -4.85 -11.21 49.20
C THR C 53 -5.21 -12.49 48.48
N ILE C 54 -6.25 -12.43 47.65
CA ILE C 54 -6.69 -13.54 46.83
C ILE C 54 -6.94 -13.03 45.42
N THR C 55 -6.56 -13.82 44.43
CA THR C 55 -6.57 -13.43 43.02
C THR C 55 -7.27 -14.51 42.21
N ARG C 56 -7.71 -14.13 41.00
CA ARG C 56 -8.52 -14.99 40.12
C ARG C 56 -8.15 -16.47 40.16
N GLY C 57 -6.86 -16.79 40.06
CA GLY C 57 -6.44 -18.17 40.08
C GLY C 57 -6.45 -18.77 41.47
N SER C 58 -7.23 -18.20 42.38
CA SER C 58 -7.32 -18.58 43.78
C SER C 58 -5.97 -18.56 44.47
N ARG C 59 -4.97 -17.92 43.87
CA ARG C 59 -3.66 -17.78 44.50
C ARG C 59 -3.79 -16.84 45.69
N THR C 60 -3.19 -17.23 46.80
CA THR C 60 -3.33 -16.52 48.05
C THR C 60 -1.98 -15.97 48.50
N SER C 61 -2.02 -14.85 49.21
CA SER C 61 -0.83 -14.29 49.82
C SER C 61 -1.20 -13.76 51.20
N TYR C 62 -0.24 -13.67 52.11
CA TYR C 62 -0.48 -13.19 53.51
C TYR C 62 0.72 -12.42 54.09
N CYS C 63 0.55 -11.38 54.94
CA CYS C 63 1.73 -10.72 55.61
C CYS C 63 2.47 -11.75 56.43
N ASP C 64 3.78 -11.68 56.43
CA ASP C 64 4.55 -12.73 57.12
C ASP C 64 4.10 -12.88 58.57
N SER C 65 3.85 -11.79 59.28
CA SER C 65 3.56 -11.93 60.70
C SER C 65 2.27 -12.69 60.97
N VAL C 66 1.52 -13.07 59.94
CA VAL C 66 0.26 -13.78 60.12
C VAL C 66 0.16 -15.00 59.22
N LYS C 67 1.16 -15.27 58.39
CA LYS C 67 1.12 -16.45 57.53
C LYS C 67 1.10 -17.72 58.38
N GLY C 68 0.29 -18.68 57.96
CA GLY C 68 0.11 -19.92 58.69
C GLY C 68 -0.98 -19.89 59.73
N ARG C 69 -1.60 -18.74 59.97
CA ARG C 69 -2.72 -18.62 60.90
C ARG C 69 -4.02 -18.27 60.20
N PHE C 70 -4.04 -17.18 59.44
CA PHE C 70 -5.22 -16.81 58.68
C PHE C 70 -5.29 -17.59 57.37
N THR C 71 -6.51 -17.68 56.83
CA THR C 71 -6.70 -18.18 55.48
C THR C 71 -7.63 -17.24 54.75
N ILE C 72 -7.47 -17.14 53.43
CA ILE C 72 -8.33 -16.32 52.60
C ILE C 72 -8.90 -17.19 51.49
N SER C 73 -10.21 -17.13 51.31
CA SER C 73 -10.88 -17.96 50.32
C SER C 73 -11.96 -17.13 49.65
N LYS C 74 -12.46 -17.63 48.52
CA LYS C 74 -13.54 -16.94 47.85
C LYS C 74 -14.44 -17.93 47.14
N ASP C 75 -15.75 -17.69 47.24
CA ASP C 75 -16.77 -18.52 46.60
C ASP C 75 -17.38 -17.71 45.48
N ASN C 76 -17.11 -18.12 44.24
CA ASN C 76 -17.61 -17.39 43.09
C ASN C 76 -19.12 -17.47 42.98
N ALA C 77 -19.69 -18.66 43.24
CA ALA C 77 -21.13 -18.84 43.08
C ALA C 77 -21.90 -17.93 44.05
N LYS C 78 -21.47 -17.88 45.30
CA LYS C 78 -22.03 -16.93 46.23
C LYS C 78 -21.38 -15.55 46.11
N SER C 79 -20.31 -15.43 45.34
CA SER C 79 -19.59 -14.18 45.14
C SER C 79 -19.25 -13.54 46.48
N THR C 80 -18.65 -14.34 47.36
CA THR C 80 -18.33 -13.89 48.71
C THR C 80 -16.88 -14.23 49.02
N VAL C 81 -16.16 -13.30 49.57
CA VAL C 81 -14.79 -13.55 49.99
C VAL C 81 -14.80 -13.75 51.50
N TYR C 82 -13.89 -14.61 51.99
CA TYR C 82 -13.88 -15.08 53.36
C TYR C 82 -12.47 -14.97 53.93
N LEU C 83 -12.40 -14.56 55.19
CA LEU C 83 -11.17 -14.57 55.97
C LEU C 83 -11.38 -15.48 57.17
N GLN C 84 -10.45 -16.40 57.39
CA GLN C 84 -10.54 -17.40 58.44
C GLN C 84 -9.46 -17.14 59.48
N MET C 85 -9.88 -17.05 60.74
CA MET C 85 -9.04 -16.69 61.86
C MET C 85 -8.76 -17.94 62.68
N ASN C 86 -7.50 -18.14 63.02
CA ASN C 86 -7.11 -19.26 63.89
C ASN C 86 -5.96 -18.83 64.78
N LYS C 87 -6.05 -19.21 66.06
CA LYS C 87 -5.02 -18.92 67.04
C LYS C 87 -4.78 -17.41 67.15
N LEU C 88 -5.86 -16.69 67.47
CA LEU C 88 -5.80 -15.24 67.53
C LEU C 88 -4.92 -14.79 68.69
N LYS C 89 -4.36 -13.59 68.53
CA LYS C 89 -3.46 -12.98 69.49
C LYS C 89 -3.97 -11.58 69.82
N PRO C 90 -3.59 -11.04 70.99
CA PRO C 90 -4.07 -9.70 71.36
C PRO C 90 -3.66 -8.62 70.37
N GLU C 91 -2.56 -8.80 69.65
CA GLU C 91 -2.12 -7.80 68.69
C GLU C 91 -3.01 -7.72 67.46
N ASP C 92 -3.94 -8.66 67.30
CA ASP C 92 -4.85 -8.67 66.16
C ASP C 92 -6.09 -7.80 66.37
N THR C 93 -6.29 -7.27 67.57
CA THR C 93 -7.46 -6.43 67.84
C THR C 93 -7.37 -5.16 67.03
N ALA C 94 -8.22 -5.02 66.03
CA ALA C 94 -8.14 -3.89 65.11
C ALA C 94 -9.42 -3.87 64.26
N ASP C 95 -9.52 -2.86 63.40
CA ASP C 95 -10.64 -2.77 62.47
C ASP C 95 -10.22 -3.40 61.15
N TYR C 96 -10.99 -4.40 60.70
CA TYR C 96 -10.64 -5.14 59.50
C TYR C 96 -11.53 -4.69 58.35
N TYR C 97 -10.92 -4.36 57.23
CA TYR C 97 -11.62 -3.96 56.02
C TYR C 97 -11.40 -4.98 54.93
N CYS C 98 -12.41 -5.14 54.08
CA CYS C 98 -12.18 -5.83 52.82
C CYS C 98 -11.93 -4.80 51.72
N ASN C 99 -11.32 -5.26 50.64
CA ASN C 99 -10.91 -4.38 49.55
C ASN C 99 -11.10 -5.13 48.25
N ALA C 100 -11.56 -4.41 47.23
CA ALA C 100 -11.71 -4.95 45.90
C ALA C 100 -10.79 -4.20 44.96
N GLU C 101 -10.02 -4.96 44.19
CA GLU C 101 -9.11 -4.50 43.12
C GLU C 101 -8.23 -3.32 43.56
N GLY C 102 -7.34 -3.63 44.49
CA GLY C 102 -6.20 -2.80 44.77
C GLY C 102 -6.40 -1.79 45.88
N PRO C 103 -5.29 -1.28 46.41
CA PRO C 103 -5.39 -0.24 47.45
C PRO C 103 -6.00 1.05 46.97
N ALA C 104 -6.03 1.29 45.66
CA ALA C 104 -6.68 2.45 45.08
C ALA C 104 -8.06 2.13 44.55
N GLY C 105 -8.67 1.05 45.03
CA GLY C 105 -9.96 0.64 44.55
C GLY C 105 -11.10 0.96 45.48
N TYR C 106 -11.79 -0.07 45.94
CA TYR C 106 -13.06 0.05 46.64
C TYR C 106 -12.98 -0.64 47.98
N TRP C 107 -13.51 0.02 49.01
CA TRP C 107 -13.43 -0.47 50.37
C TRP C 107 -14.83 -0.59 50.97
N GLY C 108 -14.94 -1.43 51.99
CA GLY C 108 -16.17 -1.58 52.72
C GLY C 108 -16.16 -0.80 54.03
N GLN C 109 -17.26 -0.96 54.77
CA GLN C 109 -17.38 -0.27 56.05
C GLN C 109 -16.34 -0.77 57.05
N GLY C 110 -16.10 -2.06 57.09
CA GLY C 110 -15.16 -2.62 58.04
C GLY C 110 -15.83 -3.06 59.33
N THR C 111 -15.18 -4.02 60.00
CA THR C 111 -15.72 -4.59 61.22
C THR C 111 -14.63 -4.64 62.29
N PRO C 112 -14.93 -4.23 63.52
CA PRO C 112 -13.91 -4.33 64.58
C PRO C 112 -13.80 -5.75 65.10
N VAL C 113 -12.58 -6.12 65.48
CA VAL C 113 -12.29 -7.42 66.09
C VAL C 113 -11.44 -7.18 67.33
N THR C 114 -11.88 -7.73 68.46
CA THR C 114 -11.21 -7.56 69.73
C THR C 114 -10.81 -8.91 70.29
N VAL C 115 -9.60 -8.99 70.84
CA VAL C 115 -9.06 -10.22 71.42
C VAL C 115 -8.76 -9.97 72.89
N SER C 116 -9.25 -10.86 73.74
CA SER C 116 -9.03 -10.75 75.18
C SER C 116 -7.55 -10.93 75.52
N GLN D 4 44.15 -10.06 10.21
CA GLN D 4 43.82 -10.63 11.51
C GLN D 4 44.45 -9.83 12.64
N MET D 5 43.64 -9.42 13.60
CA MET D 5 44.14 -8.60 14.69
C MET D 5 44.90 -9.45 15.69
N GLN D 6 46.09 -8.99 16.07
CA GLN D 6 46.97 -9.69 16.99
C GLN D 6 47.53 -8.72 18.01
N LEU D 7 47.77 -9.23 19.21
CA LEU D 7 48.10 -8.38 20.34
C LEU D 7 49.22 -9.01 21.16
N VAL D 8 50.29 -8.25 21.35
CA VAL D 8 51.55 -8.75 21.91
C VAL D 8 51.86 -8.00 23.20
N GLU D 9 52.29 -8.73 24.21
CA GLU D 9 52.60 -8.19 25.53
C GLU D 9 54.09 -7.91 25.67
N SER D 10 54.41 -6.78 26.28
CA SER D 10 55.75 -6.46 26.75
C SER D 10 55.65 -6.26 28.26
N GLY D 11 56.21 -7.21 29.02
CA GLY D 11 56.08 -7.21 30.45
C GLY D 11 57.42 -7.10 31.16
N GLY D 12 57.35 -7.16 32.48
CA GLY D 12 58.53 -7.12 33.32
C GLY D 12 59.00 -8.50 33.72
N GLY D 13 59.84 -8.53 34.75
CA GLY D 13 60.39 -9.78 35.23
C GLY D 13 60.17 -9.99 36.72
N LEU D 14 61.26 -10.14 37.46
CA LEU D 14 61.20 -10.38 38.89
C LEU D 14 61.34 -9.05 39.62
N VAL D 15 60.42 -8.78 40.56
CA VAL D 15 60.45 -7.58 41.36
C VAL D 15 60.27 -7.97 42.83
N GLN D 16 60.79 -7.13 43.71
CA GLN D 16 60.67 -7.37 45.14
C GLN D 16 59.29 -6.95 45.63
N ALA D 17 58.98 -7.37 46.86
CA ALA D 17 57.69 -7.05 47.45
C ALA D 17 57.54 -5.54 47.65
N GLY D 18 56.35 -5.03 47.35
CA GLY D 18 56.09 -3.61 47.46
C GLY D 18 56.62 -2.78 46.31
N GLY D 19 57.16 -3.40 45.27
CA GLY D 19 57.71 -2.69 44.15
C GLY D 19 56.64 -2.24 43.17
N SER D 20 57.10 -1.67 42.06
CA SER D 20 56.24 -1.16 41.01
C SER D 20 56.61 -1.80 39.68
N LEU D 21 55.60 -2.09 38.87
CA LEU D 21 55.80 -2.67 37.56
C LEU D 21 54.81 -2.05 36.58
N ARG D 22 55.11 -2.18 35.30
CA ARG D 22 54.21 -1.70 34.26
C ARG D 22 54.27 -2.66 33.08
N LEU D 23 53.12 -3.19 32.68
CA LEU D 23 53.02 -4.05 31.52
C LEU D 23 52.33 -3.29 30.39
N SER D 24 52.72 -3.60 29.16
CA SER D 24 52.13 -3.00 27.99
C SER D 24 51.64 -4.10 27.05
N CYS D 25 50.67 -3.75 26.23
CA CYS D 25 50.19 -4.66 25.20
C CYS D 25 49.85 -3.84 23.98
N ALA D 26 50.50 -4.15 22.87
CA ALA D 26 50.21 -3.50 21.60
C ALA D 26 49.20 -4.35 20.83
N VAL D 27 48.14 -3.71 20.36
CA VAL D 27 47.07 -4.38 19.64
C VAL D 27 47.04 -3.82 18.23
N SER D 28 47.18 -4.70 17.24
CA SER D 28 47.16 -4.30 15.85
C SER D 28 46.04 -5.03 15.11
N GLY D 29 45.52 -4.38 14.08
CA GLY D 29 44.41 -4.93 13.34
C GLY D 29 43.07 -4.72 14.00
N SER D 30 42.97 -3.78 14.93
CA SER D 30 41.80 -3.60 15.75
C SER D 30 41.20 -2.21 15.52
N ILE D 31 39.91 -2.10 15.85
CA ILE D 31 39.27 -0.79 16.00
C ILE D 31 39.47 -0.41 17.46
N PHE D 32 40.66 0.13 17.74
CA PHE D 32 41.15 0.27 19.10
C PHE D 32 40.37 1.27 19.94
N SER D 33 39.70 2.22 19.30
CA SER D 33 38.97 3.24 20.05
C SER D 33 37.66 2.73 20.63
N ILE D 34 37.16 1.58 20.17
CA ILE D 34 35.85 1.10 20.58
C ILE D 34 35.91 -0.23 21.33
N ILE D 35 36.75 -1.16 20.88
CA ILE D 35 36.73 -2.50 21.46
C ILE D 35 37.09 -2.45 22.95
N THR D 36 36.69 -3.50 23.66
CA THR D 36 37.01 -3.66 25.07
C THR D 36 38.36 -4.35 25.22
N LEU D 37 39.14 -3.91 26.19
CA LEU D 37 40.43 -4.51 26.48
C LEU D 37 40.47 -4.92 27.93
N ALA D 38 41.24 -5.96 28.23
CA ALA D 38 41.29 -6.45 29.60
C ALA D 38 42.64 -7.06 29.89
N TRP D 39 42.95 -7.13 31.18
CA TRP D 39 44.12 -7.82 31.71
C TRP D 39 43.62 -8.93 32.60
N TYR D 40 44.01 -10.17 32.27
CA TYR D 40 43.72 -11.35 33.06
C TYR D 40 45.00 -11.89 33.68
N ARG D 41 44.83 -12.72 34.71
CA ARG D 41 45.98 -13.35 35.33
C ARG D 41 45.68 -14.81 35.59
N GLN D 42 46.74 -15.61 35.65
CA GLN D 42 46.61 -17.05 35.88
C GLN D 42 47.74 -17.51 36.77
N ALA D 43 47.39 -18.00 37.94
CA ALA D 43 48.30 -18.70 38.83
C ALA D 43 48.55 -20.11 38.30
N PRO D 44 49.59 -20.79 38.78
CA PRO D 44 49.82 -22.18 38.30
C PRO D 44 48.63 -23.10 38.52
N GLY D 45 47.90 -22.95 39.63
CA GLY D 45 46.77 -23.80 39.88
C GLY D 45 45.43 -23.24 39.43
N LYS D 46 45.12 -22.01 39.84
CA LYS D 46 43.83 -21.42 39.54
C LYS D 46 43.73 -21.04 38.07
N PRO D 47 42.53 -21.00 37.51
CA PRO D 47 42.35 -20.62 36.11
C PRO D 47 42.47 -19.11 35.93
N ARG D 48 42.26 -18.68 34.68
CA ARG D 48 42.37 -17.26 34.35
C ARG D 48 41.31 -16.46 35.10
N GLU D 49 41.74 -15.34 35.68
CA GLU D 49 40.83 -14.46 36.42
C GLU D 49 41.04 -13.04 35.94
N ASN D 50 39.94 -12.39 35.58
CA ASN D 50 40.03 -11.02 35.09
C ASN D 50 40.57 -10.10 36.18
N VAL D 51 41.58 -9.33 35.83
CA VAL D 51 42.23 -8.40 36.75
C VAL D 51 41.75 -6.98 36.52
N ALA D 52 41.68 -6.56 35.27
CA ALA D 52 41.29 -5.19 34.95
C ALA D 52 40.61 -5.15 33.60
N THR D 53 39.74 -4.17 33.40
CA THR D 53 39.03 -4.00 32.14
C THR D 53 38.94 -2.52 31.82
N ILE D 54 39.11 -2.19 30.55
CA ILE D 54 38.99 -0.83 30.05
C ILE D 54 38.13 -0.84 28.80
N THR D 55 37.28 0.17 28.65
CA THR D 55 36.27 0.22 27.61
C THR D 55 36.34 1.59 26.92
N ARG D 56 35.76 1.67 25.72
CA ARG D 56 35.85 2.84 24.85
C ARG D 56 35.79 4.17 25.59
N GLY D 57 34.85 4.34 26.52
CA GLY D 57 34.74 5.59 27.24
C GLY D 57 35.78 5.73 28.33
N SER D 58 36.89 5.00 28.21
CA SER D 58 37.96 4.96 29.19
C SER D 58 37.48 4.53 30.57
N ARG D 59 36.27 3.99 30.66
CA ARG D 59 35.77 3.49 31.92
C ARG D 59 36.56 2.26 32.33
N THR D 60 36.95 2.20 33.59
CA THR D 60 37.82 1.16 34.09
C THR D 60 37.10 0.33 35.15
N SER D 61 37.47 -0.94 35.24
CA SER D 61 36.98 -1.81 36.28
C SER D 61 38.13 -2.68 36.76
N TYR D 62 38.09 -3.22 38.01
CA TYR D 62 39.13 -4.12 38.65
C TYR D 62 38.61 -5.21 39.63
N CYS D 63 39.22 -6.44 39.87
CA CYS D 63 38.73 -7.47 40.91
C CYS D 63 38.89 -6.78 42.24
N ASP D 64 37.92 -6.94 43.10
CA ASP D 64 37.99 -6.20 44.38
C ASP D 64 39.32 -6.49 45.05
N SER D 65 39.87 -7.70 44.92
CA SER D 65 41.07 -7.96 45.70
C SER D 65 42.28 -7.16 45.22
N VAL D 66 42.14 -6.39 44.14
CA VAL D 66 43.26 -5.61 43.61
C VAL D 66 42.87 -4.17 43.33
N LYS D 67 41.61 -3.78 43.56
CA LYS D 67 41.20 -2.41 43.34
C LYS D 67 41.96 -1.47 44.27
N GLY D 68 42.37 -0.32 43.74
CA GLY D 68 43.15 0.63 44.48
C GLY D 68 44.65 0.44 44.39
N ARG D 69 45.11 -0.64 43.78
CA ARG D 69 46.52 -0.88 43.57
C ARG D 69 46.92 -0.83 42.10
N PHE D 70 46.28 -1.62 41.26
CA PHE D 70 46.55 -1.58 39.83
C PHE D 70 45.80 -0.43 39.17
N THR D 71 46.29 -0.02 38.01
CA THR D 71 45.56 0.89 37.14
C THR D 71 45.60 0.36 35.72
N ILE D 72 44.56 0.64 34.95
CA ILE D 72 44.50 0.23 33.56
C ILE D 72 44.25 1.47 32.71
N SER D 73 45.05 1.64 31.67
CA SER D 73 44.94 2.81 30.82
C SER D 73 45.15 2.40 29.37
N LYS D 74 44.78 3.27 28.44
CA LYS D 74 45.01 2.96 27.05
C LYS D 74 45.27 4.23 26.27
N ASP D 75 46.24 4.16 25.36
CA ASP D 75 46.63 5.27 24.50
C ASP D 75 46.20 4.93 23.08
N ASN D 76 45.19 5.67 22.59
CA ASN D 76 44.66 5.39 21.26
C ASN D 76 45.68 5.71 20.17
N ALA D 77 46.41 6.82 20.31
CA ALA D 77 47.35 7.22 19.28
C ALA D 77 48.44 6.18 19.10
N LYS D 78 49.00 5.69 20.21
CA LYS D 78 49.93 4.57 20.14
C LYS D 78 49.21 3.23 20.08
N SER D 79 47.90 3.21 20.27
CA SER D 79 47.08 2.00 20.25
C SER D 79 47.69 0.94 21.16
N THR D 80 47.97 1.34 22.40
CA THR D 80 48.63 0.46 23.36
C THR D 80 47.85 0.51 24.67
N VAL D 81 47.60 -0.65 25.24
CA VAL D 81 46.95 -0.73 26.53
C VAL D 81 48.03 -0.99 27.58
N TYR D 82 47.81 -0.45 28.79
CA TYR D 82 48.81 -0.44 29.83
C TYR D 82 48.19 -0.89 31.15
N LEU D 83 48.96 -1.68 31.89
CA LEU D 83 48.63 -2.07 33.26
C LEU D 83 49.72 -1.57 34.18
N GLN D 84 49.33 -0.88 35.26
CA GLN D 84 50.25 -0.25 36.19
C GLN D 84 50.17 -0.96 37.53
N MET D 85 51.33 -1.37 38.03
CA MET D 85 51.45 -2.17 39.24
C MET D 85 51.97 -1.28 40.36
N ASN D 86 51.34 -1.35 41.52
CA ASN D 86 51.80 -0.62 42.69
C ASN D 86 51.55 -1.45 43.93
N LYS D 87 52.54 -1.48 44.82
CA LYS D 87 52.44 -2.19 46.09
C LYS D 87 52.16 -3.68 45.86
N LEU D 88 53.06 -4.31 45.10
CA LEU D 88 52.89 -5.70 44.74
C LEU D 88 52.98 -6.61 45.96
N LYS D 89 52.33 -7.76 45.87
CA LYS D 89 52.29 -8.75 46.93
C LYS D 89 52.69 -10.10 46.37
N PRO D 90 53.17 -11.02 47.22
CA PRO D 90 53.59 -12.33 46.71
C PRO D 90 52.48 -13.10 46.02
N GLU D 91 51.22 -12.85 46.37
CA GLU D 91 50.12 -13.56 45.73
C GLU D 91 49.89 -13.14 44.28
N ASP D 92 50.57 -12.07 43.82
CA ASP D 92 50.42 -11.60 42.46
C ASP D 92 51.34 -12.31 41.48
N THR D 93 52.25 -13.17 41.95
CA THR D 93 53.17 -13.88 41.07
C THR D 93 52.38 -14.86 40.21
N ALA D 94 52.26 -14.56 38.91
CA ALA D 94 51.44 -15.35 38.02
C ALA D 94 51.76 -14.94 36.58
N ASP D 95 51.12 -15.61 35.63
CA ASP D 95 51.25 -15.28 34.22
C ASP D 95 50.13 -14.32 33.84
N TYR D 96 50.49 -13.13 33.32
CA TYR D 96 49.51 -12.12 33.01
C TYR D 96 49.29 -12.07 31.50
N TYR D 97 48.03 -12.11 31.10
CA TYR D 97 47.65 -12.04 29.70
C TYR D 97 46.87 -10.76 29.44
N CYS D 98 47.01 -10.21 28.24
CA CYS D 98 46.07 -9.21 27.79
C CYS D 98 45.00 -9.86 26.92
N ASN D 99 43.87 -9.19 26.78
CA ASN D 99 42.72 -9.74 26.08
C ASN D 99 42.06 -8.61 25.33
N ALA D 100 41.59 -8.91 24.13
CA ALA D 100 40.85 -7.97 23.32
C ALA D 100 39.44 -8.51 23.10
N GLU D 101 38.46 -7.66 23.36
CA GLU D 101 37.02 -7.88 23.15
C GLU D 101 36.54 -9.25 23.68
N GLY D 102 36.59 -9.36 25.00
CA GLY D 102 35.87 -10.38 25.71
C GLY D 102 36.65 -11.64 26.00
N PRO D 103 36.16 -12.44 26.95
CA PRO D 103 36.83 -13.72 27.24
C PRO D 103 36.76 -14.71 26.09
N ALA D 104 35.84 -14.54 25.14
CA ALA D 104 35.76 -15.36 23.96
C ALA D 104 36.42 -14.70 22.76
N GLY D 105 37.32 -13.77 22.98
CA GLY D 105 37.96 -13.06 21.90
C GLY D 105 39.38 -13.49 21.63
N TYR D 106 40.32 -12.57 21.77
CA TYR D 106 41.68 -12.74 21.32
C TYR D 106 42.64 -12.51 22.46
N TRP D 107 43.64 -13.37 22.57
CA TRP D 107 44.59 -13.34 23.67
C TRP D 107 46.00 -13.23 23.12
N GLY D 108 46.91 -12.73 23.98
CA GLY D 108 48.31 -12.65 23.66
C GLY D 108 49.10 -13.79 24.27
N GLN D 109 50.42 -13.73 24.05
CA GLN D 109 51.31 -14.76 24.60
C GLN D 109 51.31 -14.73 26.12
N GLY D 110 51.34 -13.55 26.71
CA GLY D 110 51.39 -13.45 28.16
C GLY D 110 52.81 -13.34 28.68
N THR D 111 52.95 -12.73 29.86
CA THR D 111 54.25 -12.50 30.46
C THR D 111 54.21 -12.92 31.92
N PRO D 112 55.22 -13.64 32.40
CA PRO D 112 55.24 -14.01 33.82
C PRO D 112 55.70 -12.86 34.69
N VAL D 113 55.14 -12.78 35.89
CA VAL D 113 55.52 -11.78 36.89
C VAL D 113 55.75 -12.50 38.21
N THR D 114 56.90 -12.27 38.82
CA THR D 114 57.28 -12.91 40.06
C THR D 114 57.55 -11.86 41.13
N VAL D 115 57.09 -12.12 42.34
CA VAL D 115 57.25 -11.21 43.47
C VAL D 115 58.03 -11.93 44.56
N SER D 116 59.08 -11.29 45.06
CA SER D 116 59.89 -11.87 46.12
C SER D 116 59.11 -11.99 47.42
PG ANP E . 17.61 -1.72 16.94
O1G ANP E . 18.09 -2.70 17.97
O2G ANP E . 16.94 -0.59 17.65
O3G ANP E . 16.59 -2.36 16.06
PB ANP E . 19.73 -2.24 15.05
O1B ANP E . 20.97 -2.73 15.72
O2B ANP E . 18.80 -3.25 14.43
N3B ANP E . 18.89 -1.25 16.04
PA ANP E . 20.31 -1.58 12.29
O1A ANP E . 21.16 -2.78 12.03
O2A ANP E . 18.90 -1.66 11.83
O3A ANP E . 20.28 -1.29 13.87
O5' ANP E . 20.96 -0.33 11.64
C5' ANP E . 22.35 0.04 11.83
C4' ANP E . 22.60 1.39 11.22
O4' ANP E . 22.24 1.35 9.81
C3' ANP E . 21.81 2.56 11.80
O3' ANP E . 22.55 3.77 11.72
C2' ANP E . 20.59 2.61 10.87
O2' ANP E . 19.93 3.85 10.84
C1' ANP E . 21.24 2.30 9.53
N9 ANP E . 20.31 1.68 8.58
C8 ANP E . 19.40 0.68 8.86
N7 ANP E . 18.70 0.32 7.81
C5 ANP E . 19.18 1.13 6.78
C6 ANP E . 18.85 1.22 5.42
N6 ANP E . 17.92 0.47 4.83
N1 ANP E . 19.51 2.14 4.68
C2 ANP E . 20.44 2.90 5.28
N3 ANP E . 20.85 2.88 6.54
C4 ANP E . 20.17 1.97 7.25
MG MG F . 16.92 -4.00 14.84
C1B LMT G . 10.66 -10.29 -36.75
C2B LMT G . 11.68 -9.35 -36.10
C3B LMT G . 12.51 -10.10 -35.06
C4B LMT G . 12.62 -11.62 -35.36
C5B LMT G . 12.39 -11.94 -36.86
C6B LMT G . 12.23 -13.44 -37.04
O1B LMT G . 9.80 -9.54 -37.56
O2B LMT G . 12.47 -8.86 -37.10
O3B LMT G . 12.01 -9.86 -33.79
O4' LMT G . 13.88 -12.08 -35.01
O5B LMT G . 11.31 -11.27 -37.49
O6B LMT G . 11.22 -13.70 -37.93
C1' LMT G . 5.99 -7.82 -37.17
C2' LMT G . 7.17 -7.07 -36.54
C3' LMT G . 8.54 -7.58 -37.05
C4' LMT G . 8.60 -9.11 -36.99
C5' LMT G . 7.42 -9.53 -37.88
C6' LMT G . 7.42 -10.97 -38.27
O1' LMT G . 4.90 -7.67 -36.37
O2' LMT G . 7.04 -5.77 -36.88
O3' LMT G . 9.56 -7.05 -36.33
O5' LMT G . 6.22 -9.21 -37.22
O6' LMT G . 8.56 -11.20 -38.98
C1 LMT G . 3.86 -6.87 -36.85
C2 LMT G . 2.95 -6.71 -35.66
C3 LMT G . 1.49 -6.62 -35.94
C4 LMT G . 0.86 -6.19 -34.65
C5 LMT G . -0.53 -6.69 -34.51
C6 LMT G . -1.22 -6.15 -33.29
C7 LMT G . -0.95 -7.04 -32.12
C8 LMT G . -1.92 -6.73 -31.04
C9 LMT G . -1.43 -7.04 -29.68
C10 LMT G . -0.28 -6.12 -29.41
C11 LMT G . -0.59 -5.10 -28.37
C12 LMT G . -0.25 -3.73 -28.84
P 3PE H . 0.97 25.70 -24.55
N 3PE H . -0.87 23.27 -22.96
O11 3PE H . -0.34 24.87 -24.97
O12 3PE H . 0.50 26.99 -23.92
O13 3PE H . 1.61 24.84 -23.35
O14 3PE H . 1.98 25.72 -25.66
C11 3PE H . 0.92 24.74 -22.09
C12 3PE H . 0.21 23.42 -21.96
C1 3PE H . -0.28 23.86 -26.02
C2 3PE H . -0.24 24.51 -27.38
C3 3PE H . -0.55 23.56 -28.51
O31 3PE H . 0.53 22.63 -28.68
O32 3PE H . -0.87 21.34 -29.82
C31 3PE H . 0.25 21.58 -29.45
C32 3PE H . 1.48 20.81 -29.82
C33 3PE H . 1.57 20.50 -31.28
C34 3PE H . 0.64 19.37 -31.70
C35 3PE H . 0.13 19.46 -33.12
C36 3PE H . 1.19 19.43 -34.18
C37 3PE H . 0.64 19.59 -35.58
C38 3PE H . 1.67 19.44 -36.67
C39 3PE H . 1.16 19.73 -38.06
C3A 3PE H . 2.17 19.45 -39.14
C3B 3PE H . 1.76 19.89 -40.53
C3C 3PE H . 2.66 19.36 -41.61
C3D 3PE H . 2.33 19.84 -43.00
C3E 3PE H . 2.69 21.28 -43.27
C3F 3PE H . 2.52 21.71 -44.70
C3G 3PE H . 1.09 21.87 -45.15
C3H 3PE H . 0.37 22.99 -44.44
C3I 3PE H . -0.96 23.35 -45.04
O21 3PE H . -1.17 25.62 -27.44
O22 3PE H . 0.13 27.41 -27.27
C21 3PE H . -0.72 26.81 -27.86
C22 3PE H . -1.32 27.24 -29.16
C23 3PE H . -2.81 27.39 -29.14
C24 3PE H . -3.35 27.97 -30.44
C25 3PE H . -4.82 28.28 -30.41
C26 3PE H . -5.72 27.07 -30.43
C27 3PE H . -6.31 26.76 -31.79
C28 3PE H . -7.17 27.86 -32.36
C29 3PE H . -7.98 27.46 -33.58
C2A 3PE H . -7.18 26.76 -34.65
C2B 3PE H . -7.55 25.32 -34.84
C2C 3PE H . -8.52 25.03 -35.94
C2D 3PE H . -7.96 25.24 -37.31
C2E 3PE H . -8.69 24.53 -38.40
C2F 3PE H . -8.29 24.95 -39.79
C2G 3PE H . -8.65 26.37 -40.11
C2H 3PE H . -7.50 27.30 -40.46
C2I 3PE H . -6.59 27.69 -39.33
PG ANP I . -0.50 -5.93 23.76
O1G ANP I . -0.18 -4.83 22.79
O2G ANP I . 0.04 -5.50 25.09
O3G ANP I . 0.21 -7.17 23.31
PB ANP I . -3.24 -5.10 24.20
O1B ANP I . -3.55 -5.06 25.66
O2B ANP I . -2.86 -3.81 23.50
N3B ANP I . -2.09 -6.24 23.89
PA ANP I . -5.62 -4.89 22.63
O1A ANP I . -6.33 -3.84 23.37
O2A ANP I . -4.95 -4.45 21.38
O3A ANP I . -4.58 -5.69 23.55
O5' ANP I . -6.73 -5.97 22.30
C5' ANP I . -7.61 -6.56 23.28
C4' ANP I . -8.40 -7.67 22.62
O4' ANP I . -9.12 -7.14 21.48
C3' ANP I . -7.58 -8.86 22.11
O3' ANP I . -8.28 -10.08 22.32
C2' ANP I . -7.42 -8.52 20.62
O2' ANP I . -7.28 -9.68 19.82
C1' ANP I . -8.73 -7.83 20.31
N9 ANP I . -8.65 -6.83 19.24
C8 ANP I . -7.69 -5.87 19.08
N7 ANP I . -7.87 -5.10 18.04
C5 ANP I . -9.03 -5.61 17.46
C6 ANP I . -9.73 -5.24 16.31
N6 ANP I . -9.39 -4.24 15.51
N1 ANP I . -10.85 -5.95 16.01
C2 ANP I . -11.20 -6.95 16.81
N3 ANP I . -10.62 -7.40 17.92
C4 ANP I . -9.51 -6.67 18.19
MG MG J . -1.21 -3.06 22.68
P 3PE K . -21.10 -16.64 -23.10
N 3PE K . -18.23 -14.32 -22.58
O11 3PE K . -20.33 -15.94 -24.32
O12 3PE K . -22.59 -16.43 -23.27
O13 3PE K . -20.63 -15.79 -21.81
O14 3PE K . -20.54 -18.02 -22.95
C11 3PE K . -19.34 -16.06 -21.21
C12 3PE K . -18.21 -15.74 -22.17
C1 3PE K . -20.72 -14.60 -24.76
C2 3PE K . -21.80 -14.71 -25.81
C3 3PE K . -22.21 -13.37 -26.38
O31 3PE K . -23.05 -12.66 -25.44
O32 3PE K . -22.68 -10.80 -26.60
C31 3PE K . -23.28 -11.39 -25.75
C32 3PE K . -24.41 -10.81 -24.94
C33 3PE K . -25.41 -10.07 -25.77
C34 3PE K . -25.04 -8.62 -25.99
C35 3PE K . -25.42 -8.05 -27.33
C36 3PE K . -26.89 -7.95 -27.63
C37 3PE K . -27.20 -7.47 -29.03
C38 3PE K . -28.43 -6.61 -29.16
C39 3PE K . -29.73 -7.31 -28.89
C3A 3PE K . -30.33 -7.99 -30.09
C3B 3PE K . -30.95 -7.04 -31.10
C3C 3PE K . -32.22 -6.40 -30.62
C3D 3PE K . -33.09 -5.87 -31.74
C3E 3PE K . -33.34 -6.88 -32.82
C3F 3PE K . -34.18 -6.40 -33.97
C3G 3PE K . -34.22 -7.36 -35.13
C3H 3PE K . -35.09 -6.94 -36.29
C3I 3PE K . -34.96 -7.86 -37.48
O21 3PE K . -21.30 -15.52 -26.91
O22 3PE K . -22.48 -17.41 -26.82
C21 3PE K . -22.12 -16.45 -27.44
C22 3PE K . -22.57 -16.11 -28.84
C23 3PE K . -22.18 -17.13 -29.86
C24 3PE K . -20.74 -17.00 -30.30
C25 3PE K . -20.56 -16.43 -31.70
C26 3PE K . -21.27 -15.12 -31.92
C27 3PE K . -20.92 -14.42 -33.21
C28 3PE K . -21.34 -15.12 -34.47
C29 3PE K . -21.29 -14.24 -35.69
C2A 3PE K . -22.22 -13.06 -35.64
C2B 3PE K . -22.25 -12.21 -36.89
C2C 3PE K . -23.32 -11.17 -36.91
C2D 3PE K . -23.43 -10.39 -38.20
C2E 3PE K . -24.75 -10.56 -38.92
C2F 3PE K . -25.04 -11.98 -39.36
C2G 3PE K . -26.43 -12.19 -39.89
C2H 3PE K . -26.68 -13.60 -40.40
C2I 3PE K . -28.09 -13.84 -40.89
C1B LMT L . -31.58 19.80 -13.00
C2B LMT L . -32.66 19.01 -12.25
C3B LMT L . -33.38 19.93 -11.23
C4B LMT L . -33.94 21.18 -11.93
C5B LMT L . -32.85 21.78 -12.82
C6B LMT L . -32.73 23.28 -12.56
O1B LMT L . -31.71 19.62 -14.37
O2B LMT L . -33.54 18.55 -13.19
O3B LMT L . -32.56 20.23 -10.17
O4' LMT L . -35.04 20.87 -12.69
O5B LMT L . -31.60 21.16 -12.66
O6B LMT L . -32.36 23.50 -11.27
C1' LMT L . -29.38 18.03 -17.47
C2' LMT L . -29.76 17.08 -16.31
C3' LMT L . -30.92 17.64 -15.47
C4' LMT L . -30.61 19.08 -15.06
C5' LMT L . -30.42 19.80 -16.40
C6' LMT L . -30.41 21.30 -16.29
O1' LMT L . -28.15 17.68 -17.94
O2' LMT L . -30.18 15.90 -16.87
O3' LMT L . -31.11 16.88 -14.37
O5' LMT L . -29.25 19.37 -17.00
O6' LMT L . -29.72 21.75 -17.39
C1 LMT L . -28.16 16.78 -19.01
C2 LMT L . -26.77 16.21 -19.01
C3 LMT L . -25.66 17.17 -19.14
C4 LMT L . -24.86 16.78 -20.36
C5 LMT L . -23.41 17.04 -20.14
C6 LMT L . -22.55 16.14 -20.96
C7 LMT L . -21.12 16.57 -20.84
C8 LMT L . -20.56 16.06 -19.57
C9 LMT L . -19.19 16.56 -19.26
C10 LMT L . -18.80 15.97 -17.94
C11 LMT L . -18.18 14.62 -18.10
C12 LMT L . -18.89 13.57 -17.32
N2 88T M . 3.29 -4.79 58.74
O2 88T M . 4.28 -4.35 56.65
N3 88T M . 5.74 -2.80 60.77
O3 88T M . 1.84 -5.88 60.26
C4 88T M . 2.90 -6.32 56.88
N4 88T M . 7.57 0.23 59.20
O4 88T M . 6.73 -2.33 58.72
C5 88T M . 3.59 -5.05 57.34
N5 88T M . 6.35 1.81 57.10
O5 88T M . 4.35 -0.13 58.76
C6 88T M . 2.41 -6.98 58.17
N6 88T M . 7.46 0.32 55.00
O6 88T M . 4.17 -0.37 56.60
C7 88T M . 2.42 -5.87 59.24
N7 88T M . 8.92 -1.17 57.11
O7 88T M . 7.16 -3.60 55.46
C8 88T M . 3.79 -3.64 59.54
O8 88T M . 6.66 -3.00 57.50
C9 88T M . 5.10 -4.04 60.28
O9 88T M . 4.93 -1.00 55.34
C10 88T M . 6.58 -1.98 59.85
O10 88T M . 4.17 0.42 53.88
C11 88T M . 7.26 -0.67 60.36
C12 88T M . 7.03 1.59 59.48
C13 88T M . 7.10 2.47 58.19
C14 88T M . 4.92 1.79 57.41
C15 88T M . 4.45 0.34 57.60
C16 88T M . 6.60 2.51 55.81
C17 88T M . 7.73 1.78 55.04
C18 88T M . 8.71 -0.40 54.77
C19 88T M . 9.57 -0.37 56.05
C20 88T M . 8.94 -2.60 56.75
C21 88T M . 7.50 -3.09 56.55
C22 88T M . 9.05 0.34 59.06
C23 88T M . 9.62 -0.95 58.41
C24 88T M . 6.54 0.03 53.88
C25 88T M . 5.13 -0.20 54.40
GD GD N . 6.31 -0.80 57.11
N2 88T O . 39.17 -14.16 42.14
O2 88T O . 36.97 -14.01 41.28
N3 88T O . 38.46 -16.96 44.54
O3 88T O . 41.40 -13.47 42.50
C4 88T O . 38.43 -12.08 41.11
N4 88T O . 35.63 -19.50 43.79
O4 88T O . 36.30 -16.85 43.69
C5 88T O . 38.04 -13.51 41.48
N5 88T O . 34.87 -20.17 41.08
O5 88T O . 37.73 -18.66 41.42
C6 88T O . 39.74 -11.82 41.83
N6 88T O . 32.88 -18.21 40.89
O6 88T O . 36.44 -17.71 39.93
C7 88T O . 40.28 -13.21 42.20
N7 88T O . 33.45 -17.66 43.75
O7 88T O . 33.98 -14.64 42.19
C8 88T O . 39.17 -15.56 42.65
O8 88T O . 35.62 -15.82 43.04
C9 88T O . 38.78 -15.57 44.15
O9 88T O . 35.14 -16.80 39.81
C10 88T O . 37.11 -17.53 44.23
O10 88T O . 34.50 -17.58 37.88
C11 88T O . 36.77 -19.00 44.63
C12 88T O . 36.01 -20.82 43.18
C13 88T O . 34.96 -21.23 42.10
C14 88T O . 36.12 -20.09 40.31
C15 88T O . 36.80 -18.74 40.57
C16 88T O . 33.72 -20.44 40.17
C17 88T O . 32.50 -19.62 40.66
C18 88T O . 31.91 -17.60 41.81
C19 88T O . 32.15 -18.14 43.23
C20 88T O . 33.41 -16.20 43.97
C21 88T O . 34.40 -15.51 43.00
C22 88T O . 34.44 -19.72 44.67
C23 88T O . 33.79 -18.36 45.01
C24 88T O . 32.83 -17.48 39.62
C25 88T O . 34.24 -17.28 39.07
GD GD P . 35.30 -17.67 41.86
#